data_5OHT
#
_entry.id   5OHT
#
_cell.length_a   68.473
_cell.length_b   86.269
_cell.length_c   86.810
_cell.angle_alpha   100.760
_cell.angle_beta   113.770
_cell.angle_gamma   97.140
#
_symmetry.space_group_name_H-M   'P 1'
#
loop_
_entity.id
_entity.type
_entity.pdbx_description
1 polymer Sulfoquinovosidase
2 non-polymer 'CALCIUM ION'
3 non-polymer '[(3~{S},4~{R},5~{R})-4,5-bis(oxidanyl)piperidin-3-yl]methanesulfonic acid'
4 water water
#
_entity_poly.entity_id   1
_entity_poly.type   'polypeptide(L)'
_entity_poly.pdbx_seq_one_letter_code
;MDTPRPQLLDFQFHQNNDSFTLHFQQRLILTHSKDNPCLWIGSGIADIDMFRGNFSIKDKLQEKIALTDAIVSQSPDGWL
IHFSRGSDISATLNISADDQGRLLLELQNDNLNHNRIWLRLAAQPEDHIYGCGEQFSYFDLRGKPFPLWTSEQGVGRNKQ
TYVTWQADCKENAGGDYYWTFFPQPTFVSTQKYYCHVDNSCYMNFDFSAPEYHELALWEDKATLRFECADTYISLLEKLT
ALLGRQPELPDWIYDGVTLGIQGGTEVCQKKLDTMRNAGVKVNGIWAQDWSGIRMTSFGKRVMWNWKWNSENYPQLDSRI
KQWNQEGVQFLAYINPYVASDKDLCEEAAQHGYLAKDASGGDYLVEFGEFYGGVVDLTNPEAYAWFKEVIKKNMIELGCG
GWMADFGEYLPTDTYLHNGVSAEIMHNAWPALWAKCNYEALEETGKLGEILFFMRAGSTGSQKYSTMMWAGDQNVDWSLD
DGLASVVPAALSLAMTGHGLHHSDIGGYTTLFEMKRSKELLLRWCDFSAFTPMMRTHEGNRPGDNWQFDGDAETIAHFAR
MTTVFTTLKPYLKEAVALNAKSGLPVMRPLFLHYEDDAHTYTLKYQYLLGRDILVAPVHEEGRSDWTLYLPEDNWVHAWT
GEAFRGGEVTVNAPIGKPPVFYRADSEWAALFASLKSILEHHHHHH
;
_entity_poly.pdbx_strand_id   A,B
#
# COMPACT_ATOMS: atom_id res chain seq x y z
N LEU A 9 -17.60 -34.18 -24.87
CA LEU A 9 -18.18 -33.56 -23.65
C LEU A 9 -17.12 -33.44 -22.55
N ASP A 10 -16.50 -34.57 -22.20
CA ASP A 10 -15.32 -34.65 -21.35
C ASP A 10 -14.16 -35.37 -22.13
N PHE A 11 -13.13 -34.64 -22.56
CA PHE A 11 -11.92 -35.24 -23.17
C PHE A 11 -10.71 -35.07 -22.21
N GLN A 12 -10.35 -36.14 -21.47
CA GLN A 12 -9.11 -36.23 -20.62
C GLN A 12 -8.04 -36.96 -21.42
N PHE A 13 -6.89 -36.35 -21.70
CA PHE A 13 -5.75 -37.05 -22.39
C PHE A 13 -4.58 -37.14 -21.39
N HIS A 14 -4.19 -38.36 -20.95
CA HIS A 14 -2.99 -38.63 -20.08
C HIS A 14 -1.82 -39.11 -20.96
N GLN A 15 -0.59 -39.17 -20.43
CA GLN A 15 0.62 -39.48 -21.26
C GLN A 15 1.80 -40.03 -20.47
N ASN A 17 4.90 -39.49 -19.24
CA ASN A 17 5.74 -38.43 -18.66
C ASN A 17 5.05 -37.56 -17.60
N ASP A 18 3.97 -38.13 -17.04
CA ASP A 18 3.14 -37.52 -16.00
C ASP A 18 2.43 -36.22 -16.42
N SER A 19 2.12 -36.05 -17.72
CA SER A 19 1.47 -34.83 -18.24
C SER A 19 0.01 -35.12 -18.76
N PHE A 20 -0.92 -34.16 -18.56
CA PHE A 20 -2.30 -34.28 -19.09
C PHE A 20 -2.98 -32.94 -19.49
N THR A 21 -4.08 -33.06 -20.24
CA THR A 21 -4.98 -31.96 -20.54
C THR A 21 -6.40 -32.44 -20.25
N LEU A 22 -7.29 -31.49 -19.97
CA LEU A 22 -8.71 -31.73 -19.80
C LEU A 22 -9.48 -30.67 -20.56
N HIS A 23 -10.28 -31.12 -21.52
CA HIS A 23 -11.24 -30.30 -22.25
C HIS A 23 -12.63 -30.65 -21.80
N PHE A 24 -13.51 -29.66 -21.89
CA PHE A 24 -14.91 -29.81 -21.44
C PHE A 24 -15.72 -29.02 -22.46
N GLN A 25 -16.54 -29.73 -23.24
CA GLN A 25 -17.26 -29.12 -24.37
C GLN A 25 -16.30 -28.34 -25.23
N GLN A 26 -15.11 -28.90 -25.44
CA GLN A 26 -14.01 -28.29 -26.25
C GLN A 26 -13.29 -27.09 -25.64
N ARG A 27 -13.72 -26.60 -24.46
CA ARG A 27 -12.90 -25.56 -23.75
C ARG A 27 -11.73 -26.26 -23.07
N LEU A 28 -10.52 -25.74 -23.21
CA LEU A 28 -9.39 -26.22 -22.42
C LEU A 28 -9.47 -25.63 -20.99
N ILE A 29 -9.61 -26.51 -20.00
CA ILE A 29 -9.80 -26.15 -18.57
C ILE A 29 -8.50 -26.31 -17.80
N LEU A 30 -7.88 -27.51 -17.90
CA LEU A 30 -6.63 -27.82 -17.18
C LEU A 30 -5.51 -28.33 -18.10
N THR A 31 -4.29 -27.87 -17.84
CA THR A 31 -3.11 -28.52 -18.38
C THR A 31 -2.05 -28.61 -17.32
N HIS A 32 -1.34 -29.75 -17.32
CA HIS A 32 -0.34 -30.08 -16.31
C HIS A 32 0.83 -30.83 -16.94
N SER A 33 2.05 -30.42 -16.62
CA SER A 33 3.27 -31.22 -16.84
C SER A 33 4.22 -30.98 -15.65
N LYS A 34 5.33 -31.71 -15.58
CA LYS A 34 6.34 -31.53 -14.52
C LYS A 34 6.99 -30.19 -14.49
N ASP A 35 7.22 -29.60 -15.68
CA ASP A 35 7.73 -28.22 -15.81
C ASP A 35 6.71 -27.09 -15.68
N ASN A 36 5.46 -27.38 -16.03
CA ASN A 36 4.35 -26.41 -15.94
C ASN A 36 3.18 -27.01 -15.15
N PRO A 37 3.32 -27.13 -13.83
CA PRO A 37 2.26 -27.76 -13.05
C PRO A 37 0.96 -26.88 -12.96
N CYS A 38 -0.15 -27.52 -12.64
CA CYS A 38 -1.43 -26.81 -12.44
C CYS A 38 -1.75 -26.62 -10.97
N LEU A 39 -0.99 -27.29 -10.07
CA LEU A 39 -1.35 -27.33 -8.62
C LEU A 39 -0.21 -27.21 -7.66
N TRP A 40 -0.38 -26.30 -6.67
CA TRP A 40 0.51 -26.15 -5.56
C TRP A 40 -0.28 -26.28 -4.26
N ILE A 41 0.32 -26.85 -3.22
CA ILE A 41 -0.26 -26.85 -1.87
C ILE A 41 0.74 -26.40 -0.83
N GLY A 42 0.26 -26.13 0.39
CA GLY A 42 1.11 -25.64 1.43
C GLY A 42 0.38 -25.28 2.71
N SER A 43 0.94 -24.35 3.47
CA SER A 43 0.31 -23.88 4.65
C SER A 43 0.69 -22.44 5.02
N GLY A 44 -0.17 -21.84 5.83
CA GLY A 44 0.03 -20.49 6.33
C GLY A 44 -0.75 -20.28 7.62
N ILE A 45 -0.43 -19.20 8.29
CA ILE A 45 -1.09 -18.77 9.50
C ILE A 45 -1.77 -17.42 9.20
N ALA A 46 -3.11 -17.41 9.15
CA ALA A 46 -3.89 -16.18 8.86
C ALA A 46 -3.61 -15.15 9.92
N ASP A 47 -3.35 -13.93 9.47
CA ASP A 47 -3.21 -12.77 10.34
C ASP A 47 -4.28 -11.69 9.96
N ILE A 48 -5.46 -11.83 10.58
CA ILE A 48 -6.65 -11.03 10.30
C ILE A 48 -7.14 -10.25 11.51
N ASP A 49 -7.30 -8.92 11.33
CA ASP A 49 -7.82 -8.01 12.36
C ASP A 49 -8.91 -7.10 11.79
N MET A 50 -9.85 -6.70 12.64
CA MET A 50 -10.98 -5.91 12.24
C MET A 50 -11.09 -4.70 13.16
N PHE A 51 -11.42 -3.53 12.60
CA PHE A 51 -11.91 -2.39 13.40
C PHE A 51 -13.11 -1.76 12.66
N ARG A 52 -14.29 -1.78 13.29
CA ARG A 52 -15.52 -1.14 12.77
C ARG A 52 -15.83 -1.59 11.33
N GLY A 53 -15.68 -2.89 11.06
CA GLY A 53 -15.97 -3.47 9.73
C GLY A 53 -14.88 -3.45 8.69
N ASN A 54 -13.80 -2.76 8.98
CA ASN A 54 -12.63 -2.68 8.09
C ASN A 54 -11.64 -3.74 8.54
N PHE A 55 -11.21 -4.56 7.59
CA PHE A 55 -10.33 -5.69 7.88
C PHE A 55 -8.93 -5.43 7.28
N SER A 56 -7.95 -5.86 8.03
CA SER A 56 -6.55 -5.99 7.63
C SER A 56 -6.22 -7.48 7.52
N ILE A 57 -5.85 -7.95 6.35
CA ILE A 57 -5.59 -9.35 6.07
C ILE A 57 -4.18 -9.60 5.54
N LYS A 58 -3.41 -10.43 6.22
CA LYS A 58 -2.05 -10.80 5.76
C LYS A 58 -1.91 -12.27 6.01
N ASP A 59 -1.12 -12.95 5.20
CA ASP A 59 -0.73 -14.34 5.47
C ASP A 59 0.67 -14.37 6.09
N LYS A 60 0.92 -15.21 7.07
CA LYS A 60 2.31 -15.66 7.39
C LYS A 60 2.49 -16.99 6.66
N LEU A 61 3.00 -16.90 5.44
CA LEU A 61 3.11 -18.07 4.58
C LEU A 61 4.22 -18.99 5.10
N GLN A 62 3.91 -20.25 5.34
CA GLN A 62 4.94 -21.21 5.82
C GLN A 62 5.50 -22.03 4.66
N GLU A 63 4.65 -22.58 3.81
CA GLU A 63 5.14 -23.30 2.60
C GLU A 63 4.22 -23.22 1.42
N LYS A 64 4.83 -23.25 0.23
CA LYS A 64 4.15 -23.30 -1.01
C LYS A 64 4.97 -24.28 -1.92
N ILE A 65 4.37 -25.38 -2.34
CA ILE A 65 5.12 -26.52 -2.97
C ILE A 65 4.35 -27.02 -4.19
N ALA A 66 5.03 -27.05 -5.37
CA ALA A 66 4.43 -27.51 -6.58
C ALA A 66 4.30 -29.04 -6.61
N LEU A 67 3.12 -29.57 -6.94
CA LEU A 67 2.96 -31.02 -7.01
C LEU A 67 3.17 -31.50 -8.47
N THR A 68 4.40 -31.86 -8.78
CA THR A 68 4.84 -32.14 -10.16
C THR A 68 4.47 -33.56 -10.65
N ASP A 69 4.37 -34.50 -9.70
CA ASP A 69 3.96 -35.91 -10.01
C ASP A 69 2.45 -36.17 -9.97
N ALA A 70 1.89 -36.61 -11.11
CA ALA A 70 0.48 -36.99 -11.21
C ALA A 70 0.34 -38.45 -11.67
N ILE A 71 -0.29 -39.29 -10.86
CA ILE A 71 -0.69 -40.66 -11.22
C ILE A 71 -2.23 -40.70 -11.39
N VAL A 72 -2.65 -41.18 -12.56
CA VAL A 72 -4.05 -41.18 -13.00
C VAL A 72 -4.69 -42.58 -12.85
N SER A 73 -5.99 -42.64 -12.57
CA SER A 73 -6.78 -43.87 -12.77
C SER A 73 -8.23 -43.57 -13.19
N GLN A 74 -8.82 -44.45 -14.01
CA GLN A 74 -10.26 -44.37 -14.36
C GLN A 74 -11.08 -44.82 -13.13
N SER A 75 -12.23 -44.19 -12.93
CA SER A 75 -12.98 -44.26 -11.64
C SER A 75 -14.45 -44.62 -11.91
N PRO A 76 -15.24 -44.94 -10.86
CA PRO A 76 -16.69 -45.08 -11.04
C PRO A 76 -17.36 -44.02 -11.95
N ASP A 77 -17.23 -42.73 -11.63
CA ASP A 77 -17.89 -41.67 -12.42
C ASP A 77 -16.96 -40.76 -13.29
N GLY A 78 -15.67 -41.10 -13.43
CA GLY A 78 -14.74 -40.28 -14.24
C GLY A 78 -13.23 -40.60 -14.14
N TRP A 79 -12.48 -39.78 -13.39
CA TRP A 79 -11.01 -39.93 -13.21
C TRP A 79 -10.50 -39.42 -11.88
N LEU A 80 -9.50 -40.11 -11.33
CA LEU A 80 -8.90 -39.79 -10.05
C LEU A 80 -7.44 -39.51 -10.32
N ILE A 81 -6.93 -38.37 -9.84
CA ILE A 81 -5.51 -38.02 -10.00
C ILE A 81 -4.87 -37.87 -8.63
N HIS A 82 -3.81 -38.66 -8.35
CA HIS A 82 -3.01 -38.56 -7.13
C HIS A 82 -1.79 -37.70 -7.47
N PHE A 83 -1.75 -36.48 -6.92
CA PHE A 83 -0.66 -35.52 -7.12
C PHE A 83 0.29 -35.67 -5.97
N SER A 84 1.59 -35.56 -6.22
CA SER A 84 2.55 -35.56 -5.14
C SER A 84 3.89 -34.92 -5.43
N ARG A 85 4.62 -34.69 -4.34
CA ARG A 85 6.02 -34.30 -4.37
C ARG A 85 6.78 -35.08 -3.28
N GLY A 86 7.23 -36.28 -3.61
CA GLY A 86 7.64 -37.27 -2.60
C GLY A 86 6.45 -37.82 -1.82
N SER A 87 6.71 -38.80 -0.96
CA SER A 87 5.64 -39.41 -0.17
C SER A 87 4.94 -38.47 0.83
N ASP A 88 5.63 -37.43 1.27
CA ASP A 88 5.25 -36.56 2.41
C ASP A 88 4.13 -35.46 2.10
N ILE A 89 3.88 -35.27 0.79
CA ILE A 89 3.15 -34.12 0.28
C ILE A 89 2.32 -34.60 -0.90
N SER A 90 1.01 -34.69 -0.71
CA SER A 90 0.13 -35.14 -1.79
C SER A 90 -1.25 -34.54 -1.67
N ALA A 91 -1.97 -34.60 -2.77
CA ALA A 91 -3.40 -34.30 -2.82
C ALA A 91 -4.07 -35.20 -3.83
N THR A 92 -5.38 -35.33 -3.73
CA THR A 92 -6.18 -36.02 -4.76
C THR A 92 -7.21 -35.10 -5.40
N LEU A 93 -7.28 -35.23 -6.73
CA LEU A 93 -8.31 -34.60 -7.52
C LEU A 93 -9.24 -35.64 -8.14
N ASN A 94 -10.55 -35.54 -7.88
CA ASN A 94 -11.56 -36.27 -8.63
C ASN A 94 -12.20 -35.41 -9.69
N ILE A 95 -12.37 -36.00 -10.88
CA ILE A 95 -12.99 -35.35 -12.05
C ILE A 95 -14.24 -36.12 -12.43
N SER A 96 -15.44 -35.50 -12.42
CA SER A 96 -16.70 -36.20 -12.77
C SER A 96 -17.68 -35.22 -13.41
N ALA A 97 -18.84 -35.74 -13.78
CA ALA A 97 -20.09 -34.97 -13.95
C ALA A 97 -20.97 -35.04 -12.68
N ASP A 98 -21.78 -34.01 -12.45
CA ASP A 98 -22.73 -34.01 -11.30
C ASP A 98 -24.14 -34.46 -11.77
N ASP A 99 -25.15 -34.35 -10.89
CA ASP A 99 -26.55 -34.72 -11.19
C ASP A 99 -27.10 -34.10 -12.51
N GLN A 100 -26.77 -32.83 -12.79
CA GLN A 100 -27.23 -32.13 -14.01
C GLN A 100 -26.25 -32.08 -15.20
N GLY A 101 -25.15 -32.83 -15.20
CA GLY A 101 -24.20 -32.76 -16.37
C GLY A 101 -23.05 -31.74 -16.26
N ARG A 102 -22.87 -31.15 -15.08
CA ARG A 102 -21.86 -30.09 -14.94
C ARG A 102 -20.51 -30.77 -14.69
N LEU A 103 -19.42 -30.17 -15.18
CA LEU A 103 -18.06 -30.60 -14.71
C LEU A 103 -17.85 -30.32 -13.22
N LEU A 104 -17.39 -31.34 -12.49
CA LEU A 104 -17.20 -31.30 -11.06
C LEU A 104 -15.74 -31.69 -10.74
N LEU A 105 -15.01 -30.76 -10.10
CA LEU A 105 -13.64 -30.97 -9.59
C LEU A 105 -13.64 -30.96 -8.06
N GLU A 106 -13.20 -32.05 -7.45
CA GLU A 106 -13.14 -32.19 -5.98
C GLU A 106 -11.72 -32.43 -5.62
N LEU A 107 -11.13 -31.48 -4.90
CA LEU A 107 -9.75 -31.54 -4.50
C LEU A 107 -9.65 -31.67 -2.99
N GLN A 108 -8.84 -32.61 -2.50
CA GLN A 108 -8.64 -32.85 -1.05
C GLN A 108 -7.16 -33.04 -0.80
N ASN A 109 -6.56 -32.20 0.05
CA ASN A 109 -5.16 -32.37 0.43
C ASN A 109 -5.01 -33.58 1.39
N ASP A 110 -3.78 -34.13 1.40
CA ASP A 110 -3.39 -35.21 2.33
C ASP A 110 -3.79 -35.05 3.76
N ASN A 111 -3.48 -33.92 4.39
CA ASN A 111 -4.00 -33.64 5.74
C ASN A 111 -4.38 -32.19 5.99
N LEU A 112 -5.07 -31.98 7.12
CA LEU A 112 -5.58 -30.66 7.55
C LEU A 112 -4.49 -29.60 7.78
N ASN A 113 -3.24 -30.02 8.03
CA ASN A 113 -2.17 -29.06 8.22
C ASN A 113 -1.83 -28.34 6.91
N HIS A 114 -2.10 -28.96 5.76
CA HIS A 114 -1.90 -28.31 4.43
C HIS A 114 -3.18 -27.47 4.07
N ASN A 115 -3.22 -26.27 4.67
CA ASN A 115 -4.39 -25.39 4.62
C ASN A 115 -4.28 -24.28 3.53
N ARG A 116 -3.44 -24.51 2.54
CA ARG A 116 -3.38 -23.61 1.37
C ARG A 116 -3.39 -24.40 0.07
N ILE A 117 -4.12 -23.87 -0.91
CA ILE A 117 -4.19 -24.39 -2.29
C ILE A 117 -4.02 -23.26 -3.29
N TRP A 118 -3.28 -23.51 -4.39
CA TRP A 118 -3.23 -22.63 -5.59
C TRP A 118 -3.50 -23.51 -6.84
N LEU A 119 -4.57 -23.25 -7.58
CA LEU A 119 -4.95 -24.04 -8.73
C LEU A 119 -4.97 -23.12 -9.93
N ARG A 120 -4.30 -23.52 -11.03
CA ARG A 120 -4.32 -22.74 -12.30
C ARG A 120 -5.22 -23.38 -13.34
N LEU A 121 -6.03 -22.56 -13.98
CA LEU A 121 -6.92 -23.00 -15.05
C LEU A 121 -6.38 -22.36 -16.30
N ALA A 122 -6.36 -23.09 -17.42
CA ALA A 122 -5.85 -22.49 -18.68
C ALA A 122 -6.76 -21.35 -19.14
N ALA A 123 -6.18 -20.40 -19.87
CA ALA A 123 -6.93 -19.29 -20.43
C ALA A 123 -6.27 -18.80 -21.73
N GLN A 124 -6.95 -17.94 -22.48
CA GLN A 124 -6.35 -17.27 -23.65
C GLN A 124 -6.13 -15.81 -23.39
N PRO A 125 -5.11 -15.21 -24.03
CA PRO A 125 -4.87 -13.78 -23.73
C PRO A 125 -6.08 -12.82 -24.00
N GLU A 126 -6.96 -13.17 -24.94
CA GLU A 126 -8.03 -12.28 -25.37
C GLU A 126 -9.32 -12.38 -24.49
N ASP A 127 -9.36 -13.31 -23.54
CA ASP A 127 -10.55 -13.57 -22.76
C ASP A 127 -10.84 -12.39 -21.82
N HIS A 128 -12.12 -12.06 -21.70
CA HIS A 128 -12.62 -11.16 -20.63
C HIS A 128 -13.25 -12.01 -19.53
N ILE A 129 -13.34 -11.47 -18.32
CA ILE A 129 -13.86 -12.18 -17.14
C ILE A 129 -14.85 -11.23 -16.41
N TYR A 130 -16.03 -11.73 -16.05
CA TYR A 130 -17.08 -10.92 -15.37
C TYR A 130 -17.60 -11.63 -14.13
N GLY A 131 -18.11 -10.83 -13.18
CA GLY A 131 -18.73 -11.35 -11.96
C GLY A 131 -17.94 -11.14 -10.68
N CYS A 132 -17.74 -12.22 -9.91
CA CYS A 132 -17.15 -12.18 -8.55
C CYS A 132 -18.03 -11.33 -7.60
N GLY A 133 -19.33 -11.37 -7.78
CA GLY A 133 -20.27 -10.63 -6.88
C GLY A 133 -20.49 -9.22 -7.34
N GLU A 134 -20.43 -8.28 -6.38
CA GLU A 134 -20.67 -6.85 -6.64
C GLU A 134 -19.34 -6.11 -6.64
N GLN A 135 -18.91 -5.67 -7.84
CA GLN A 135 -17.61 -5.04 -8.03
C GLN A 135 -17.84 -3.58 -8.47
N PHE A 136 -17.19 -2.64 -7.77
CA PHE A 136 -17.51 -1.23 -7.92
C PHE A 136 -16.49 -0.44 -8.73
N SER A 137 -15.23 -0.88 -8.81
CA SER A 137 -14.18 -0.30 -9.64
C SER A 137 -13.96 -0.90 -11.03
N TYR A 138 -14.26 -2.17 -11.21
CA TYR A 138 -14.08 -2.87 -12.50
C TYR A 138 -15.34 -3.69 -12.81
N PHE A 139 -15.68 -3.84 -14.08
CA PHE A 139 -16.68 -4.82 -14.51
C PHE A 139 -15.91 -5.98 -15.16
N ASP A 140 -15.33 -5.80 -16.34
CA ASP A 140 -14.28 -6.75 -16.77
C ASP A 140 -13.13 -6.80 -15.74
N LEU A 141 -12.88 -8.00 -15.21
CA LEU A 141 -11.88 -8.23 -14.20
C LEU A 141 -10.47 -8.62 -14.73
N ARG A 142 -10.34 -8.84 -16.05
CA ARG A 142 -9.05 -9.31 -16.61
C ARG A 142 -7.97 -8.32 -16.40
N GLY A 143 -6.82 -8.81 -15.92
CA GLY A 143 -5.65 -7.96 -15.64
C GLY A 143 -5.35 -7.70 -14.20
N LYS A 144 -6.25 -8.08 -13.27
CA LYS A 144 -6.05 -7.75 -11.86
C LYS A 144 -6.43 -8.91 -10.97
N PRO A 145 -5.91 -8.92 -9.73
CA PRO A 145 -6.31 -9.89 -8.74
C PRO A 145 -7.46 -9.36 -7.82
N PHE A 146 -8.30 -10.27 -7.35
CA PHE A 146 -9.47 -9.97 -6.50
C PHE A 146 -9.55 -10.83 -5.24
N PRO A 147 -9.02 -10.33 -4.13
CA PRO A 147 -9.34 -10.91 -2.80
C PRO A 147 -10.89 -10.92 -2.61
N LEU A 148 -11.40 -12.01 -2.04
CA LEU A 148 -12.82 -12.21 -1.77
C LEU A 148 -13.15 -12.37 -0.27
N TRP A 149 -13.49 -11.24 0.37
CA TRP A 149 -13.75 -11.22 1.80
C TRP A 149 -14.73 -10.06 2.08
N THR A 150 -15.91 -10.40 2.56
CA THR A 150 -16.93 -9.36 2.77
C THR A 150 -16.46 -8.39 3.88
N SER A 151 -16.61 -7.11 3.63
CA SER A 151 -16.28 -6.09 4.65
C SER A 151 -17.02 -4.79 4.38
N GLU A 152 -16.76 -3.78 5.23
CA GLU A 152 -17.06 -2.41 4.82
C GLU A 152 -16.44 -2.17 3.43
N GLN A 153 -17.11 -1.34 2.65
CA GLN A 153 -16.80 -1.21 1.17
C GLN A 153 -15.77 -0.14 0.83
N GLY A 154 -15.48 0.71 1.83
CA GLY A 154 -14.53 1.77 1.73
C GLY A 154 -15.17 3.18 1.52
N VAL A 155 -14.47 4.21 2.00
CA VAL A 155 -14.86 5.61 1.75
C VAL A 155 -13.80 6.22 0.86
N GLY A 156 -14.17 6.46 -0.39
CA GLY A 156 -13.23 6.87 -1.43
C GLY A 156 -12.66 5.73 -2.30
N ARG A 157 -12.14 4.67 -1.66
CA ARG A 157 -11.73 3.39 -2.35
C ARG A 157 -10.58 3.51 -3.41
N ASN A 158 -9.84 4.63 -3.43
CA ASN A 158 -8.74 4.83 -4.37
C ASN A 158 -7.58 5.63 -3.69
N LYS A 159 -6.41 5.00 -3.53
CA LYS A 159 -5.30 5.61 -2.72
C LYS A 159 -4.81 6.95 -3.24
N GLN A 160 -4.96 7.16 -4.54
CA GLN A 160 -4.66 8.42 -5.18
C GLN A 160 -5.68 9.57 -5.05
N THR A 161 -6.79 9.39 -4.31
CA THR A 161 -7.76 10.50 -4.18
C THR A 161 -7.71 10.98 -2.77
N TYR A 162 -8.09 12.26 -2.60
CA TYR A 162 -7.95 12.97 -1.34
C TYR A 162 -8.84 12.44 -0.24
N VAL A 163 -10.10 12.16 -0.57
CA VAL A 163 -11.02 11.62 0.42
C VAL A 163 -10.56 10.25 0.93
N THR A 164 -10.01 9.42 0.06
CA THR A 164 -9.53 8.11 0.53
C THR A 164 -8.38 8.28 1.59
N TRP A 165 -7.49 9.21 1.27
CA TRP A 165 -6.35 9.58 2.15
C TRP A 165 -6.91 10.08 3.49
N GLN A 166 -7.96 10.95 3.46
CA GLN A 166 -8.58 11.41 4.72
C GLN A 166 -9.24 10.31 5.51
N ALA A 167 -9.94 9.38 4.80
CA ALA A 167 -10.57 8.26 5.50
C ALA A 167 -9.55 7.30 6.10
N ASP A 168 -8.39 7.18 5.45
CA ASP A 168 -7.26 6.44 6.03
C ASP A 168 -6.50 7.12 7.22
N CYS A 169 -6.61 8.42 7.43
CA CYS A 169 -5.79 9.19 8.39
C CYS A 169 -5.68 8.60 9.83
N LYS A 170 -6.78 8.30 10.48
CA LYS A 170 -6.81 7.68 11.84
C LYS A 170 -7.09 6.12 11.87
N GLU A 171 -7.81 5.64 10.83
CA GLU A 171 -8.54 4.36 10.75
C GLU A 171 -8.24 3.77 9.39
N ASN A 172 -8.21 2.47 9.27
CA ASN A 172 -8.03 1.83 7.99
C ASN A 172 -9.43 1.90 7.22
N ALA A 173 -10.03 3.10 6.96
CA ALA A 173 -11.43 3.21 6.33
C ALA A 173 -11.53 3.61 4.81
N GLY A 174 -10.46 4.04 4.19
CA GLY A 174 -10.48 4.46 2.76
C GLY A 174 -10.73 3.29 1.80
N GLY A 175 -10.15 2.13 2.15
CA GLY A 175 -10.28 0.93 1.35
C GLY A 175 -9.57 0.98 0.02
N ASP A 176 -9.98 0.10 -0.90
CA ASP A 176 -9.30 -0.07 -2.20
C ASP A 176 -10.24 -0.74 -3.21
N TYR A 177 -9.75 -0.90 -4.46
CA TYR A 177 -10.56 -1.21 -5.64
C TYR A 177 -11.40 -2.50 -5.53
N TYR A 178 -10.96 -3.43 -4.67
CA TYR A 178 -11.58 -4.75 -4.53
C TYR A 178 -12.48 -4.87 -3.28
N TRP A 179 -12.54 -3.84 -2.44
CA TRP A 179 -13.40 -3.91 -1.24
C TRP A 179 -14.90 -3.91 -1.66
N THR A 180 -15.70 -4.71 -0.99
CA THR A 180 -17.16 -4.87 -1.26
C THR A 180 -17.92 -5.58 -0.13
N PHE A 181 -19.19 -5.19 -0.01
CA PHE A 181 -20.14 -5.85 0.84
C PHE A 181 -20.53 -7.27 0.32
N PHE A 182 -20.31 -7.57 -0.97
CA PHE A 182 -20.83 -8.81 -1.61
C PHE A 182 -19.78 -9.38 -2.63
N PRO A 183 -18.62 -9.85 -2.14
CA PRO A 183 -17.74 -10.61 -3.02
C PRO A 183 -18.34 -12.05 -3.14
N GLN A 184 -18.11 -12.74 -4.26
CA GLN A 184 -18.59 -14.13 -4.44
C GLN A 184 -17.59 -14.92 -5.34
N PRO A 185 -17.26 -16.18 -4.98
CA PRO A 185 -16.28 -17.00 -5.78
C PRO A 185 -16.94 -17.67 -6.98
N THR A 186 -17.40 -16.83 -7.90
CA THR A 186 -18.16 -17.25 -9.09
C THR A 186 -17.85 -16.26 -10.19
N PHE A 187 -17.46 -16.74 -11.38
CA PHE A 187 -17.15 -15.84 -12.52
C PHE A 187 -17.57 -16.46 -13.87
N VAL A 188 -17.64 -15.58 -14.88
CA VAL A 188 -18.00 -15.93 -16.24
C VAL A 188 -16.84 -15.54 -17.17
N SER A 189 -16.43 -16.48 -18.04
CA SER A 189 -15.44 -16.21 -19.08
C SER A 189 -16.07 -15.99 -20.44
N THR A 190 -15.43 -15.20 -21.30
CA THR A 190 -15.89 -15.07 -22.70
C THR A 190 -15.62 -16.34 -23.58
N GLN A 191 -15.02 -17.39 -23.02
CA GLN A 191 -15.09 -18.74 -23.65
C GLN A 191 -16.43 -19.36 -23.36
N LYS A 192 -17.36 -18.59 -22.77
CA LYS A 192 -18.75 -18.96 -22.53
C LYS A 192 -18.89 -20.14 -21.61
N TYR A 193 -18.31 -20.00 -20.43
CA TYR A 193 -18.63 -20.88 -19.30
C TYR A 193 -18.71 -20.07 -18.00
N TYR A 194 -19.31 -20.66 -16.98
CA TYR A 194 -19.17 -20.15 -15.60
C TYR A 194 -18.35 -21.11 -14.75
N CYS A 195 -17.63 -20.58 -13.74
CA CYS A 195 -16.98 -21.36 -12.72
C CYS A 195 -17.53 -20.94 -11.34
N HIS A 196 -18.00 -21.89 -10.55
CA HIS A 196 -18.55 -21.65 -9.20
C HIS A 196 -17.82 -22.51 -8.20
N VAL A 197 -17.30 -21.86 -7.14
CA VAL A 197 -16.60 -22.52 -6.10
C VAL A 197 -17.44 -22.62 -4.83
N ASP A 198 -17.55 -23.81 -4.24
CA ASP A 198 -18.42 -23.97 -3.05
C ASP A 198 -17.86 -23.41 -1.72
N ASN A 199 -16.56 -23.23 -1.60
CA ASN A 199 -15.94 -22.78 -0.36
C ASN A 199 -16.39 -21.39 0.08
N SER A 200 -16.35 -21.13 1.40
CA SER A 200 -16.47 -19.74 1.96
C SER A 200 -15.26 -19.22 2.73
N CYS A 201 -14.15 -19.97 2.70
CA CYS A 201 -12.85 -19.48 3.23
C CYS A 201 -12.40 -18.24 2.48
N TYR A 202 -11.37 -17.55 3.01
CA TYR A 202 -10.73 -16.49 2.28
C TYR A 202 -10.18 -17.09 0.94
N MET A 203 -10.33 -16.36 -0.16
CA MET A 203 -9.85 -16.71 -1.48
C MET A 203 -9.32 -15.48 -2.20
N ASN A 204 -8.43 -15.68 -3.16
CA ASN A 204 -7.98 -14.58 -4.07
C ASN A 204 -8.05 -15.11 -5.49
N PHE A 205 -8.87 -14.49 -6.34
CA PHE A 205 -9.02 -14.94 -7.73
C PHE A 205 -8.20 -14.00 -8.58
N ASP A 206 -7.11 -14.52 -9.20
CA ASP A 206 -6.13 -13.69 -9.93
C ASP A 206 -6.27 -13.85 -11.44
N PHE A 207 -6.71 -12.79 -12.11
CA PHE A 207 -7.01 -12.82 -13.54
C PHE A 207 -5.95 -11.99 -14.32
N SER A 208 -4.77 -11.81 -13.75
CA SER A 208 -3.73 -10.97 -14.36
C SER A 208 -2.83 -11.66 -15.44
N ALA A 209 -2.58 -12.97 -15.36
CA ALA A 209 -1.70 -13.62 -16.35
C ALA A 209 -2.38 -13.92 -17.67
N PRO A 210 -1.69 -13.65 -18.81
CA PRO A 210 -2.40 -13.93 -20.09
C PRO A 210 -2.77 -15.36 -20.37
N GLU A 211 -1.98 -16.29 -19.86
CA GLU A 211 -2.20 -17.72 -20.19
C GLU A 211 -2.92 -18.56 -19.15
N TYR A 212 -3.23 -18.01 -17.97
CA TYR A 212 -3.95 -18.80 -16.99
C TYR A 212 -4.63 -17.91 -15.94
N HIS A 213 -5.69 -18.44 -15.33
CA HIS A 213 -6.29 -17.83 -14.12
C HIS A 213 -5.79 -18.59 -12.94
N GLU A 214 -5.48 -17.93 -11.81
CA GLU A 214 -5.05 -18.64 -10.59
C GLU A 214 -5.98 -18.38 -9.43
N LEU A 215 -6.48 -19.46 -8.84
CA LEU A 215 -7.41 -19.43 -7.72
C LEU A 215 -6.68 -19.90 -6.47
N ALA A 216 -6.53 -19.01 -5.48
CA ALA A 216 -5.86 -19.32 -4.21
C ALA A 216 -6.89 -19.44 -3.11
N LEU A 217 -6.87 -20.55 -2.38
CA LEU A 217 -7.80 -20.82 -1.31
C LEU A 217 -7.08 -20.99 0.01
N TRP A 218 -7.67 -20.48 1.09
CA TRP A 218 -7.18 -20.73 2.45
C TRP A 218 -7.92 -21.91 3.08
N GLU A 219 -7.78 -23.06 2.49
CA GLU A 219 -8.41 -24.27 3.02
C GLU A 219 -7.65 -25.52 2.45
N ASP A 220 -7.89 -26.66 3.09
CA ASP A 220 -7.28 -27.97 2.70
C ASP A 220 -8.06 -28.73 1.63
N LYS A 221 -9.21 -28.21 1.16
CA LYS A 221 -9.99 -28.78 0.13
C LYS A 221 -10.67 -27.69 -0.69
N ALA A 222 -11.13 -28.10 -1.85
CA ALA A 222 -11.85 -27.22 -2.78
C ALA A 222 -12.84 -27.99 -3.63
N THR A 223 -14.00 -27.40 -3.90
CA THR A 223 -14.95 -27.92 -4.84
C THR A 223 -15.36 -26.86 -5.86
N LEU A 224 -15.22 -27.19 -7.16
CA LEU A 224 -15.54 -26.30 -8.27
C LEU A 224 -16.49 -26.99 -9.25
N ARG A 225 -17.45 -26.24 -9.79
CA ARG A 225 -18.35 -26.68 -10.83
C ARG A 225 -18.28 -25.70 -12.00
N PHE A 226 -18.37 -26.25 -13.19
CA PHE A 226 -18.43 -25.48 -14.47
C PHE A 226 -19.59 -25.96 -15.37
N GLU A 227 -20.20 -25.03 -16.12
CA GLU A 227 -21.06 -25.35 -17.25
C GLU A 227 -20.83 -24.35 -18.35
N CYS A 228 -21.11 -24.77 -19.58
CA CYS A 228 -20.95 -23.97 -20.80
C CYS A 228 -22.31 -23.69 -21.39
N ALA A 229 -22.35 -22.76 -22.34
CA ALA A 229 -23.53 -22.50 -23.12
C ALA A 229 -23.14 -21.79 -24.40
N ASP A 230 -24.07 -21.75 -25.36
CA ASP A 230 -23.88 -21.11 -26.67
C ASP A 230 -24.10 -19.60 -26.67
N THR A 231 -24.86 -19.09 -25.70
CA THR A 231 -25.07 -17.65 -25.54
C THR A 231 -24.93 -17.22 -24.06
N TYR A 232 -24.62 -15.95 -23.82
CA TYR A 232 -24.62 -15.40 -22.39
C TYR A 232 -25.99 -15.51 -21.69
N ILE A 233 -27.07 -15.26 -22.45
CA ILE A 233 -28.44 -15.40 -21.96
C ILE A 233 -28.74 -16.80 -21.47
N SER A 234 -28.35 -17.77 -22.30
CA SER A 234 -28.47 -19.17 -21.91
C SER A 234 -27.57 -19.53 -20.68
N LEU A 235 -26.34 -18.99 -20.66
CA LEU A 235 -25.42 -19.25 -19.53
C LEU A 235 -26.00 -18.73 -18.18
N LEU A 236 -26.63 -17.53 -18.21
CA LEU A 236 -27.30 -16.97 -17.00
C LEU A 236 -28.52 -17.78 -16.53
N GLU A 237 -29.30 -18.29 -17.48
CA GLU A 237 -30.37 -19.27 -17.13
C GLU A 237 -29.78 -20.47 -16.40
N LYS A 238 -28.67 -21.03 -16.91
CA LYS A 238 -28.03 -22.15 -16.22
C LYS A 238 -27.43 -21.80 -14.82
N LEU A 239 -26.76 -20.65 -14.74
CA LEU A 239 -26.15 -20.19 -13.49
C LEU A 239 -27.21 -19.98 -12.40
N THR A 240 -28.31 -19.35 -12.76
CA THR A 240 -29.44 -19.17 -11.83
C THR A 240 -30.23 -20.44 -11.49
N ALA A 241 -30.21 -21.45 -12.37
CA ALA A 241 -30.79 -22.75 -12.04
C ALA A 241 -29.89 -23.38 -10.98
N LEU A 242 -28.56 -23.13 -10.99
CA LEU A 242 -27.73 -23.62 -9.85
C LEU A 242 -27.82 -22.83 -8.54
N LEU A 243 -27.77 -21.50 -8.61
CA LEU A 243 -27.67 -20.62 -7.41
C LEU A 243 -29.00 -20.10 -6.84
N GLY A 244 -30.03 -19.98 -7.69
CA GLY A 244 -31.37 -19.45 -7.35
C GLY A 244 -31.84 -18.33 -8.27
N ARG A 245 -33.17 -18.11 -8.28
CA ARG A 245 -33.82 -16.97 -8.93
C ARG A 245 -34.63 -16.19 -7.95
N GLN A 246 -34.79 -14.90 -8.23
CA GLN A 246 -35.48 -14.02 -7.32
C GLN A 246 -36.99 -14.03 -7.62
N PRO A 247 -37.82 -13.68 -6.63
CA PRO A 247 -39.23 -13.54 -6.91
C PRO A 247 -39.56 -12.31 -7.79
N GLU A 248 -40.78 -12.30 -8.38
CA GLU A 248 -41.38 -11.11 -8.92
C GLU A 248 -41.55 -10.08 -7.84
N LEU A 249 -41.34 -8.84 -8.20
CA LEU A 249 -41.52 -7.71 -7.26
C LEU A 249 -43.01 -7.41 -6.99
N PRO A 250 -43.34 -6.90 -5.80
CA PRO A 250 -44.71 -6.42 -5.59
C PRO A 250 -45.12 -5.33 -6.59
N ASP A 251 -46.40 -5.32 -6.94
CA ASP A 251 -46.89 -4.39 -7.98
C ASP A 251 -46.73 -2.88 -7.66
N TRP A 252 -46.79 -2.54 -6.37
CA TRP A 252 -46.66 -1.15 -5.92
C TRP A 252 -45.24 -0.54 -6.04
N ILE A 253 -44.22 -1.40 -6.21
CA ILE A 253 -42.82 -0.89 -6.46
C ILE A 253 -42.80 0.02 -7.70
N TYR A 254 -43.69 -0.25 -8.66
CA TYR A 254 -43.69 0.49 -9.95
C TYR A 254 -44.41 1.81 -9.89
N ASP A 255 -45.03 2.12 -8.74
CA ASP A 255 -45.98 3.23 -8.68
C ASP A 255 -45.44 4.59 -8.25
N GLY A 256 -44.15 4.70 -7.93
CA GLY A 256 -43.59 6.04 -7.70
C GLY A 256 -42.28 5.92 -6.89
N VAL A 257 -41.90 7.03 -6.23
CA VAL A 257 -40.71 7.12 -5.40
C VAL A 257 -41.03 6.82 -3.92
N THR A 258 -40.10 6.12 -3.27
CA THR A 258 -40.18 5.83 -1.83
C THR A 258 -39.34 6.91 -1.15
N LEU A 259 -39.96 7.71 -0.32
CA LEU A 259 -39.30 8.89 0.28
C LEU A 259 -38.60 8.46 1.57
N GLY A 260 -37.29 8.70 1.65
CA GLY A 260 -36.52 8.49 2.87
C GLY A 260 -36.69 9.71 3.79
N ILE A 261 -37.27 9.45 4.96
CA ILE A 261 -37.64 10.53 5.90
C ILE A 261 -37.32 10.02 7.34
N GLN A 262 -36.77 10.90 8.15
CA GLN A 262 -36.61 10.66 9.58
C GLN A 262 -37.26 11.87 10.36
N GLY A 263 -37.61 11.62 11.62
CA GLY A 263 -38.11 12.65 12.55
C GLY A 263 -39.49 12.42 13.14
N GLY A 264 -40.16 11.33 12.80
CA GLY A 264 -41.39 10.93 13.45
C GLY A 264 -42.64 11.05 12.61
N THR A 265 -43.77 10.69 13.20
CA THR A 265 -45.06 10.57 12.48
C THR A 265 -45.44 11.84 11.72
N GLU A 266 -45.32 12.98 12.38
CA GLU A 266 -45.71 14.27 11.83
C GLU A 266 -44.81 14.74 10.68
N VAL A 267 -43.50 14.60 10.87
CA VAL A 267 -42.54 14.95 9.78
C VAL A 267 -42.80 14.11 8.52
N CYS A 268 -43.04 12.81 8.69
CA CYS A 268 -43.37 11.93 7.55
C CYS A 268 -44.65 12.41 6.84
N GLN A 269 -45.71 12.65 7.62
CA GLN A 269 -47.02 13.16 7.06
C GLN A 269 -46.85 14.47 6.26
N LYS A 270 -46.03 15.38 6.79
CA LYS A 270 -45.89 16.70 6.20
C LYS A 270 -45.14 16.68 4.89
N LYS A 271 -44.07 15.91 4.86
CA LYS A 271 -43.27 15.77 3.65
C LYS A 271 -44.01 14.98 2.59
N LEU A 272 -44.74 13.95 2.99
CA LEU A 272 -45.59 13.19 2.07
C LEU A 272 -46.61 14.13 1.36
N ASP A 273 -47.35 14.88 2.15
CA ASP A 273 -48.34 15.82 1.60
C ASP A 273 -47.70 16.87 0.67
N THR A 274 -46.55 17.42 1.04
CA THR A 274 -45.86 18.41 0.20
C THR A 274 -45.54 17.84 -1.18
N MET A 275 -45.05 16.60 -1.23
CA MET A 275 -44.68 16.02 -2.52
C MET A 275 -45.95 15.61 -3.34
N ARG A 276 -46.86 14.90 -2.71
CA ARG A 276 -48.10 14.45 -3.38
C ARG A 276 -48.87 15.67 -3.95
N ASN A 277 -49.01 16.72 -3.15
CA ASN A 277 -49.76 17.95 -3.55
C ASN A 277 -49.11 18.66 -4.69
N ALA A 278 -47.81 18.44 -4.90
CA ALA A 278 -47.09 19.08 -5.96
C ALA A 278 -47.00 18.21 -7.21
N GLY A 279 -47.77 17.10 -7.28
CA GLY A 279 -47.70 16.25 -8.50
C GLY A 279 -46.67 15.13 -8.51
N VAL A 280 -45.97 14.88 -7.40
CA VAL A 280 -44.96 13.76 -7.37
C VAL A 280 -45.68 12.44 -7.18
N LYS A 281 -45.32 11.39 -7.96
CA LYS A 281 -45.86 10.05 -7.74
C LYS A 281 -45.11 9.39 -6.58
N VAL A 282 -45.78 9.20 -5.44
CA VAL A 282 -45.14 8.64 -4.23
C VAL A 282 -45.77 7.30 -3.90
N ASN A 283 -44.96 6.25 -3.81
CA ASN A 283 -45.48 4.90 -3.47
C ASN A 283 -45.20 4.45 -2.04
N GLY A 284 -44.44 5.26 -1.28
CA GLY A 284 -43.96 4.84 0.03
C GLY A 284 -43.21 5.86 0.84
N ILE A 285 -43.16 5.61 2.14
CA ILE A 285 -42.33 6.30 3.10
C ILE A 285 -41.34 5.25 3.75
N TRP A 286 -40.04 5.53 3.71
CA TRP A 286 -39.01 4.68 4.32
C TRP A 286 -38.40 5.46 5.49
N ALA A 287 -38.66 4.97 6.71
CA ALA A 287 -38.26 5.69 7.95
C ALA A 287 -37.40 4.78 8.80
N GLN A 288 -36.08 4.92 8.64
CA GLN A 288 -35.14 3.98 9.31
C GLN A 288 -35.16 4.15 10.86
N ASP A 289 -35.57 5.34 11.32
CA ASP A 289 -35.69 5.66 12.75
C ASP A 289 -37.02 5.26 13.38
N TRP A 290 -37.77 4.33 12.77
CA TRP A 290 -38.96 3.75 13.36
C TRP A 290 -38.74 3.19 14.79
N SER A 291 -37.48 2.81 15.09
CA SER A 291 -37.10 2.21 16.39
C SER A 291 -36.41 3.17 17.29
N GLY A 292 -36.33 4.44 16.90
CA GLY A 292 -35.51 5.43 17.63
C GLY A 292 -34.20 5.77 16.94
N ILE A 293 -33.52 6.77 17.49
CA ILE A 293 -32.23 7.26 16.99
C ILE A 293 -31.08 7.11 17.99
N ARG A 294 -29.87 7.11 17.48
CA ARG A 294 -28.59 7.31 18.25
C ARG A 294 -27.74 8.34 17.60
N MET A 295 -27.46 9.47 18.28
CA MET A 295 -26.54 10.48 17.72
C MET A 295 -25.13 10.08 18.10
N THR A 296 -24.18 10.14 17.15
CA THR A 296 -22.77 9.89 17.36
C THR A 296 -21.98 10.92 16.61
N SER A 297 -20.64 10.90 16.67
CA SER A 297 -19.89 11.85 15.88
C SER A 297 -20.00 11.61 14.34
N PHE A 298 -20.42 10.41 13.93
CA PHE A 298 -20.67 10.14 12.51
C PHE A 298 -21.88 10.95 12.01
N GLY A 299 -22.89 11.08 12.86
CA GLY A 299 -24.10 11.86 12.60
C GLY A 299 -25.30 11.19 13.18
N LYS A 300 -26.42 11.22 12.47
CA LYS A 300 -27.60 10.59 12.96
C LYS A 300 -27.74 9.12 12.52
N ARG A 301 -27.72 8.22 13.52
CA ARG A 301 -27.85 6.77 13.31
C ARG A 301 -29.16 6.19 13.89
N VAL A 302 -29.44 4.94 13.56
CA VAL A 302 -30.62 4.28 14.08
C VAL A 302 -30.29 3.67 15.50
N MET A 303 -31.31 3.56 16.34
CA MET A 303 -31.22 2.82 17.64
C MET A 303 -31.41 1.35 17.36
N TRP A 304 -30.38 0.53 17.53
CA TRP A 304 -30.45 -0.87 17.10
C TRP A 304 -31.16 -1.75 18.13
N ASN A 305 -32.49 -1.53 18.28
CA ASN A 305 -33.36 -2.41 19.05
C ASN A 305 -34.67 -2.51 18.29
N TRP A 306 -35.00 -3.70 17.77
CA TRP A 306 -35.98 -3.84 16.67
C TRP A 306 -37.44 -3.93 17.13
N LYS A 307 -37.87 -2.83 17.76
CA LYS A 307 -39.22 -2.66 18.27
C LYS A 307 -39.65 -1.22 17.92
N TRP A 308 -40.92 -1.08 17.50
CA TRP A 308 -41.49 0.23 17.22
C TRP A 308 -41.43 1.16 18.44
N ASN A 309 -40.87 2.33 18.27
CA ASN A 309 -40.78 3.33 19.33
C ASN A 309 -41.94 4.34 19.16
N SER A 310 -42.87 4.25 20.10
CA SER A 310 -44.13 5.05 20.10
C SER A 310 -43.95 6.49 20.55
N GLU A 311 -42.80 6.82 21.19
CA GLU A 311 -42.41 8.20 21.48
C GLU A 311 -42.00 8.98 20.19
N ASN A 312 -41.24 8.35 19.29
CA ASN A 312 -40.78 8.99 18.03
C ASN A 312 -41.89 8.88 17.00
N TYR A 313 -42.52 7.71 16.90
CA TYR A 313 -43.61 7.40 15.95
C TYR A 313 -45.00 7.09 16.62
N PRO A 314 -45.58 8.12 17.28
CA PRO A 314 -46.97 7.91 17.84
C PRO A 314 -48.02 7.51 16.78
N GLN A 315 -48.87 6.55 17.11
CA GLN A 315 -50.01 6.08 16.28
C GLN A 315 -49.57 5.49 14.91
N LEU A 316 -48.31 5.04 14.82
CA LEU A 316 -47.81 4.50 13.56
C LEU A 316 -48.67 3.37 12.97
N ASP A 317 -49.13 2.44 13.83
CA ASP A 317 -50.02 1.35 13.44
C ASP A 317 -51.33 1.79 12.73
N SER A 318 -52.01 2.81 13.29
CA SER A 318 -53.22 3.33 12.61
C SER A 318 -52.85 4.19 11.42
N ARG A 319 -51.77 4.97 11.52
CA ARG A 319 -51.37 5.81 10.42
C ARG A 319 -50.97 4.99 9.16
N ILE A 320 -50.38 3.80 9.37
CA ILE A 320 -50.05 2.89 8.21
C ILE A 320 -51.32 2.46 7.47
N LYS A 321 -52.37 2.12 8.22
CA LYS A 321 -53.68 1.76 7.63
C LYS A 321 -54.27 2.86 6.74
N GLN A 322 -54.19 4.11 7.18
CA GLN A 322 -54.65 5.24 6.36
C GLN A 322 -53.76 5.44 5.10
N TRP A 323 -52.43 5.46 5.30
CA TRP A 323 -51.50 5.57 4.16
C TRP A 323 -51.73 4.50 3.12
N ASN A 324 -51.89 3.24 3.54
CA ASN A 324 -52.21 2.15 2.62
C ASN A 324 -53.49 2.38 1.79
N GLN A 325 -54.53 2.92 2.44
CA GLN A 325 -55.81 3.24 1.70
C GLN A 325 -55.55 4.33 0.69
N GLU A 326 -54.59 5.24 0.95
CA GLU A 326 -54.16 6.26 -0.06
C GLU A 326 -53.07 5.78 -1.10
N GLY A 327 -52.77 4.48 -1.15
CA GLY A 327 -51.76 3.92 -2.09
C GLY A 327 -50.30 4.15 -1.65
N VAL A 328 -50.04 4.27 -0.34
CA VAL A 328 -48.69 4.52 0.18
C VAL A 328 -48.31 3.44 1.17
N GLN A 329 -47.15 2.78 0.93
CA GLN A 329 -46.61 1.80 1.85
C GLN A 329 -45.63 2.43 2.87
N PHE A 330 -45.44 1.72 4.00
CA PHE A 330 -44.47 2.10 5.04
C PHE A 330 -43.35 1.04 5.16
N LEU A 331 -42.13 1.49 5.06
CA LEU A 331 -40.92 0.64 5.12
C LEU A 331 -40.01 1.05 6.29
N ALA A 332 -39.43 0.05 6.93
CA ALA A 332 -38.65 0.23 8.15
C ALA A 332 -37.14 -0.20 7.94
N TYR A 333 -36.50 -0.69 9.01
CA TYR A 333 -35.04 -0.95 9.05
C TYR A 333 -34.77 -2.05 10.07
N ILE A 334 -33.97 -3.07 9.69
CA ILE A 334 -33.40 -4.04 10.63
C ILE A 334 -31.96 -4.49 10.18
N ASN A 335 -31.14 -4.93 11.13
CA ASN A 335 -29.86 -5.60 10.89
C ASN A 335 -29.74 -6.77 11.87
N PRO A 336 -28.76 -7.70 11.65
CA PRO A 336 -28.66 -8.91 12.49
C PRO A 336 -27.84 -8.76 13.79
N TYR A 337 -27.62 -7.51 14.22
CA TYR A 337 -26.95 -7.19 15.49
C TYR A 337 -27.94 -6.45 16.44
N VAL A 338 -27.56 -6.36 17.72
CA VAL A 338 -28.50 -5.86 18.77
C VAL A 338 -27.69 -4.98 19.75
N ALA A 339 -28.03 -3.69 19.84
CA ALA A 339 -27.30 -2.76 20.73
C ALA A 339 -27.25 -3.31 22.23
N SER A 340 -26.08 -3.23 22.84
CA SER A 340 -25.79 -3.86 24.12
C SER A 340 -26.53 -3.19 25.29
N ASP A 341 -26.94 -1.92 25.12
CA ASP A 341 -27.66 -1.16 26.12
C ASP A 341 -29.18 -1.26 26.01
N LYS A 342 -29.74 -2.28 25.35
CA LYS A 342 -31.18 -2.31 25.07
C LYS A 342 -31.72 -3.71 25.21
N ASP A 343 -33.04 -3.83 25.17
CA ASP A 343 -33.78 -5.08 25.55
C ASP A 343 -33.52 -6.33 24.76
N LEU A 344 -33.43 -6.22 23.42
CA LEU A 344 -33.30 -7.47 22.65
C LEU A 344 -31.95 -8.11 22.92
N CYS A 345 -30.91 -7.31 23.13
CA CYS A 345 -29.61 -7.89 23.43
C CYS A 345 -29.65 -8.70 24.79
N GLU A 346 -30.29 -8.08 25.79
CA GLU A 346 -30.48 -8.70 27.12
C GLU A 346 -31.25 -10.04 26.98
N GLU A 347 -32.36 -10.04 26.23
CA GLU A 347 -33.11 -11.23 25.95
C GLU A 347 -32.27 -12.32 25.24
N ALA A 348 -31.49 -11.90 24.23
CA ALA A 348 -30.59 -12.87 23.58
C ALA A 348 -29.50 -13.44 24.54
N ALA A 349 -28.87 -12.58 25.36
CA ALA A 349 -27.89 -13.06 26.39
C ALA A 349 -28.55 -14.07 27.36
N GLN A 350 -29.78 -13.81 27.79
CA GLN A 350 -30.50 -14.68 28.70
C GLN A 350 -30.67 -16.07 28.15
N HIS A 351 -30.92 -16.18 26.84
CA HIS A 351 -31.11 -17.45 26.19
C HIS A 351 -29.83 -18.10 25.62
N GLY A 352 -28.70 -17.38 25.58
CA GLY A 352 -27.50 -17.88 24.96
C GLY A 352 -27.53 -17.81 23.41
N TYR A 353 -28.16 -16.76 22.89
CA TYR A 353 -28.33 -16.61 21.41
C TYR A 353 -27.24 -15.78 20.71
N LEU A 354 -26.24 -15.28 21.43
CA LEU A 354 -25.20 -14.41 20.88
C LEU A 354 -23.93 -15.18 20.54
N ALA A 355 -23.20 -14.74 19.50
CA ALA A 355 -21.87 -15.28 19.23
C ALA A 355 -20.97 -15.08 20.46
N LYS A 356 -20.13 -16.07 20.76
CA LYS A 356 -19.25 -16.03 21.96
C LYS A 356 -17.83 -15.69 21.67
N ASP A 357 -17.10 -15.28 22.71
CA ASP A 357 -15.61 -15.16 22.68
C ASP A 357 -14.91 -16.46 23.16
N ALA A 358 -13.57 -16.47 23.22
CA ALA A 358 -12.83 -17.70 23.56
C ALA A 358 -13.08 -18.18 24.99
N SER A 359 -13.33 -17.25 25.91
CA SER A 359 -13.65 -17.61 27.29
C SER A 359 -15.11 -18.01 27.55
N GLY A 360 -15.94 -18.08 26.50
CA GLY A 360 -17.37 -18.43 26.66
C GLY A 360 -18.30 -17.27 26.98
N GLY A 361 -17.81 -16.05 27.08
CA GLY A 361 -18.69 -14.88 27.32
C GLY A 361 -19.33 -14.38 26.00
N ASP A 362 -20.29 -13.45 26.06
CA ASP A 362 -20.95 -12.93 24.86
C ASP A 362 -20.02 -11.91 24.16
N TYR A 363 -19.72 -12.10 22.86
CA TYR A 363 -18.83 -11.15 22.18
C TYR A 363 -19.51 -9.80 21.83
N LEU A 364 -18.97 -8.68 22.31
CA LEU A 364 -19.54 -7.37 21.95
C LEU A 364 -18.63 -6.66 20.95
N VAL A 365 -19.17 -6.34 19.79
CA VAL A 365 -18.43 -5.68 18.70
C VAL A 365 -18.62 -4.17 18.87
N GLU A 366 -17.56 -3.41 18.62
CA GLU A 366 -17.64 -1.95 18.60
C GLU A 366 -18.08 -1.43 17.18
N PHE A 367 -19.25 -0.76 17.13
CA PHE A 367 -19.89 -0.37 15.86
C PHE A 367 -19.78 1.12 15.54
N GLY A 368 -19.02 1.90 16.35
CA GLY A 368 -18.81 3.33 16.15
C GLY A 368 -19.44 4.09 17.36
N GLU A 369 -18.72 4.08 18.49
CA GLU A 369 -19.14 4.74 19.74
C GLU A 369 -20.28 4.08 20.48
N PHE A 370 -20.56 2.83 20.15
CA PHE A 370 -21.43 1.97 20.89
C PHE A 370 -21.08 0.54 20.59
N TYR A 371 -21.64 -0.38 21.40
CA TYR A 371 -21.39 -1.81 21.27
C TYR A 371 -22.66 -2.58 20.95
N GLY A 372 -22.49 -3.74 20.32
CA GLY A 372 -23.62 -4.66 20.06
C GLY A 372 -23.27 -6.12 20.03
N GLY A 373 -24.24 -6.95 20.37
CA GLY A 373 -24.07 -8.41 20.23
C GLY A 373 -24.40 -8.85 18.79
N VAL A 374 -23.84 -9.99 18.43
CA VAL A 374 -24.10 -10.67 17.14
C VAL A 374 -25.01 -11.85 17.33
N VAL A 375 -26.23 -11.77 16.77
CA VAL A 375 -27.18 -12.88 16.88
C VAL A 375 -26.61 -14.09 16.12
N ASP A 376 -26.50 -15.22 16.77
CA ASP A 376 -25.78 -16.38 16.18
C ASP A 376 -26.73 -17.14 15.31
N LEU A 377 -26.71 -16.81 14.03
CA LEU A 377 -27.62 -17.43 13.05
C LEU A 377 -27.28 -18.89 12.71
N THR A 378 -26.17 -19.41 13.19
CA THR A 378 -25.90 -20.87 13.10
C THR A 378 -26.59 -21.66 14.22
N ASN A 379 -27.04 -21.00 15.27
CA ASN A 379 -27.89 -21.66 16.29
C ASN A 379 -29.38 -21.69 15.80
N PRO A 380 -29.92 -22.89 15.45
CA PRO A 380 -31.28 -22.93 14.86
C PRO A 380 -32.39 -22.27 15.71
N GLU A 381 -32.26 -22.34 17.02
CA GLU A 381 -33.21 -21.72 17.95
C GLU A 381 -33.11 -20.20 17.95
N ALA A 382 -31.88 -19.66 17.91
CA ALA A 382 -31.68 -18.19 17.78
C ALA A 382 -32.16 -17.63 16.45
N TYR A 383 -31.91 -18.39 15.38
CA TYR A 383 -32.34 -18.05 14.01
C TYR A 383 -33.89 -18.05 13.99
N ALA A 384 -34.53 -19.08 14.58
CA ALA A 384 -36.04 -19.10 14.72
C ALA A 384 -36.60 -17.92 15.56
N TRP A 385 -35.91 -17.62 16.66
CA TRP A 385 -36.28 -16.50 17.51
C TRP A 385 -36.21 -15.15 16.74
N PHE A 386 -35.13 -14.92 16.02
CA PHE A 386 -34.95 -13.66 15.27
C PHE A 386 -35.90 -13.50 14.09
N LYS A 387 -36.21 -14.60 13.41
CA LYS A 387 -37.30 -14.63 12.40
C LYS A 387 -38.68 -14.25 13.00
N GLU A 388 -38.98 -14.75 14.22
CA GLU A 388 -40.21 -14.31 14.94
C GLU A 388 -40.18 -12.83 15.30
N VAL A 389 -39.03 -12.27 15.68
CA VAL A 389 -38.89 -10.83 15.89
C VAL A 389 -39.34 -10.04 14.64
N ILE A 390 -38.91 -10.48 13.47
CA ILE A 390 -39.29 -9.78 12.18
C ILE A 390 -40.82 -9.88 11.97
N LYS A 391 -41.37 -11.07 12.16
CA LYS A 391 -42.79 -11.30 11.88
C LYS A 391 -43.67 -10.50 12.82
N LYS A 392 -43.32 -10.53 14.11
CA LYS A 392 -44.18 -9.93 15.16
C LYS A 392 -43.97 -8.42 15.22
N ASN A 393 -42.73 -7.91 15.10
CA ASN A 393 -42.46 -6.46 15.22
C ASN A 393 -42.54 -5.64 13.91
N MET A 394 -42.45 -6.29 12.75
CA MET A 394 -42.48 -5.54 11.48
C MET A 394 -43.65 -6.00 10.59
N ILE A 395 -43.80 -7.31 10.37
CA ILE A 395 -44.85 -7.78 9.45
C ILE A 395 -46.23 -7.47 10.11
N GLU A 396 -46.40 -7.82 11.40
CA GLU A 396 -47.69 -7.61 12.07
C GLU A 396 -48.00 -6.15 12.30
N LEU A 397 -47.00 -5.29 12.40
CA LEU A 397 -47.22 -3.83 12.46
C LEU A 397 -47.79 -3.29 11.14
N GLY A 398 -47.63 -4.02 10.03
CA GLY A 398 -48.12 -3.58 8.73
C GLY A 398 -47.07 -3.00 7.78
N CYS A 399 -45.76 -3.20 8.09
CA CYS A 399 -44.74 -2.71 7.17
C CYS A 399 -44.85 -3.39 5.81
N GLY A 400 -44.76 -2.61 4.74
CA GLY A 400 -44.67 -3.21 3.40
C GLY A 400 -43.27 -3.64 2.92
N GLY A 401 -42.25 -3.43 3.75
CA GLY A 401 -40.86 -3.72 3.44
C GLY A 401 -39.91 -3.03 4.41
N TRP A 402 -38.62 -3.21 4.18
CA TRP A 402 -37.59 -2.67 5.04
C TRP A 402 -36.18 -2.84 4.39
N MET A 403 -35.26 -1.95 4.78
CA MET A 403 -33.82 -2.17 4.61
C MET A 403 -33.36 -3.27 5.54
N ALA A 404 -32.79 -4.36 4.97
CA ALA A 404 -32.18 -5.42 5.73
C ALA A 404 -30.64 -5.31 5.57
N ASP A 405 -30.03 -4.61 6.52
CA ASP A 405 -28.68 -4.05 6.40
C ASP A 405 -27.58 -4.93 6.96
N PHE A 406 -26.33 -4.56 6.69
CA PHE A 406 -25.13 -5.21 7.26
C PHE A 406 -25.03 -6.72 6.91
N GLY A 407 -24.33 -7.49 7.72
CA GLY A 407 -23.84 -8.81 7.38
C GLY A 407 -22.36 -9.02 7.19
N GLU A 408 -21.55 -7.96 7.26
CA GLU A 408 -20.13 -7.99 6.88
C GLU A 408 -19.16 -7.98 8.07
N TYR A 409 -19.68 -7.83 9.29
CA TYR A 409 -18.84 -7.50 10.49
C TYR A 409 -18.45 -8.72 11.40
N LEU A 410 -18.63 -9.97 10.98
CA LEU A 410 -18.29 -11.11 11.88
C LEU A 410 -16.74 -11.19 12.13
N PRO A 411 -16.30 -11.02 13.37
CA PRO A 411 -14.83 -11.14 13.64
C PRO A 411 -14.36 -12.59 13.56
N THR A 412 -13.09 -12.77 13.25
CA THR A 412 -12.55 -14.11 13.12
C THR A 412 -12.25 -14.79 14.48
N ASP A 413 -12.33 -14.06 15.59
CA ASP A 413 -12.15 -14.63 16.92
C ASP A 413 -13.51 -14.77 17.69
N THR A 414 -14.63 -14.86 16.96
CA THR A 414 -15.89 -15.34 17.54
C THR A 414 -15.93 -16.84 17.46
N TYR A 415 -16.79 -17.43 18.30
CA TYR A 415 -17.04 -18.87 18.37
C TYR A 415 -18.53 -19.12 18.24
N LEU A 416 -18.88 -20.05 17.37
CA LEU A 416 -20.23 -20.20 16.88
C LEU A 416 -20.81 -21.51 17.28
N HIS A 417 -22.16 -21.53 17.41
CA HIS A 417 -22.91 -22.71 17.85
C HIS A 417 -22.68 -23.94 16.99
N ASN A 418 -22.47 -23.77 15.69
CA ASN A 418 -22.28 -24.92 14.83
C ASN A 418 -20.87 -25.50 14.90
N GLY A 419 -19.96 -24.92 15.66
CA GLY A 419 -18.62 -25.49 15.74
C GLY A 419 -17.71 -25.26 14.52
N VAL A 420 -18.17 -24.49 13.53
CA VAL A 420 -17.34 -24.13 12.35
C VAL A 420 -16.58 -22.83 12.64
N SER A 421 -15.32 -22.80 12.25
CA SER A 421 -14.45 -21.65 12.43
C SER A 421 -15.10 -20.35 11.86
N ALA A 422 -14.92 -19.24 12.57
CA ALA A 422 -15.41 -17.94 12.11
C ALA A 422 -14.63 -17.49 10.83
N GLU A 423 -13.44 -18.05 10.63
CA GLU A 423 -12.69 -17.86 9.34
C GLU A 423 -13.40 -18.40 8.12
N ILE A 424 -14.28 -19.37 8.34
CA ILE A 424 -15.14 -19.95 7.30
C ILE A 424 -16.58 -19.35 7.33
N MET A 425 -17.15 -19.08 8.50
CA MET A 425 -18.52 -18.58 8.59
C MET A 425 -18.61 -17.07 8.22
N HIS A 426 -17.54 -16.30 8.38
CA HIS A 426 -17.55 -14.84 8.09
C HIS A 426 -18.18 -14.54 6.71
N ASN A 427 -17.69 -15.19 5.64
CA ASN A 427 -18.17 -14.90 4.31
C ASN A 427 -19.58 -15.49 4.06
N ALA A 428 -19.97 -16.51 4.84
CA ALA A 428 -21.26 -17.16 4.62
C ALA A 428 -22.45 -16.40 5.33
N TRP A 429 -22.12 -15.43 6.16
CA TRP A 429 -23.15 -14.79 6.99
C TRP A 429 -24.21 -14.01 6.19
N PRO A 430 -23.81 -13.30 5.08
CA PRO A 430 -24.86 -12.55 4.39
C PRO A 430 -26.07 -13.36 3.88
N ALA A 431 -25.82 -14.49 3.21
CA ALA A 431 -26.95 -15.31 2.67
C ALA A 431 -27.77 -15.96 3.84
N LEU A 432 -27.12 -16.24 4.95
CA LEU A 432 -27.82 -16.79 6.16
C LEU A 432 -28.81 -15.73 6.69
N TRP A 433 -28.34 -14.49 6.73
CA TRP A 433 -29.19 -13.33 7.08
C TRP A 433 -30.30 -13.13 6.04
N ALA A 434 -30.01 -13.29 4.76
CA ALA A 434 -31.02 -13.12 3.72
C ALA A 434 -32.06 -14.20 3.87
N LYS A 435 -31.62 -15.43 4.12
CA LYS A 435 -32.58 -16.54 4.28
C LYS A 435 -33.55 -16.29 5.47
N CYS A 436 -33.05 -15.66 6.52
CA CYS A 436 -33.90 -15.32 7.70
C CYS A 436 -35.06 -14.38 7.30
N ASN A 437 -34.74 -13.32 6.53
CA ASN A 437 -35.75 -12.44 5.94
C ASN A 437 -36.72 -13.16 4.99
N TYR A 438 -36.16 -13.92 4.03
CA TYR A 438 -36.97 -14.63 3.06
C TYR A 438 -38.02 -15.57 3.70
N GLU A 439 -37.56 -16.39 4.65
CA GLU A 439 -38.45 -17.30 5.32
C GLU A 439 -39.53 -16.59 6.19
N ALA A 440 -39.22 -15.42 6.76
CA ALA A 440 -40.22 -14.63 7.45
C ALA A 440 -41.40 -14.32 6.54
N LEU A 441 -41.08 -13.87 5.34
CA LEU A 441 -42.06 -13.65 4.29
C LEU A 441 -42.76 -14.94 3.84
N GLU A 442 -41.99 -15.99 3.61
CA GLU A 442 -42.57 -17.23 3.08
C GLU A 442 -43.57 -17.84 4.10
N GLU A 443 -43.25 -17.77 5.39
CA GLU A 443 -44.11 -18.39 6.43
C GLU A 443 -45.35 -17.54 6.70
N THR A 444 -45.35 -16.26 6.38
CA THR A 444 -46.55 -15.42 6.53
C THR A 444 -47.38 -15.21 5.24
N GLY A 445 -47.02 -15.92 4.17
CA GLY A 445 -47.61 -15.75 2.85
C GLY A 445 -47.44 -14.38 2.21
N LYS A 446 -46.31 -13.71 2.45
CA LYS A 446 -46.09 -12.33 1.94
C LYS A 446 -45.08 -12.16 0.77
N LEU A 447 -44.55 -13.26 0.23
CA LEU A 447 -43.65 -13.18 -0.96
C LEU A 447 -44.38 -12.54 -2.11
N GLY A 448 -43.80 -11.54 -2.75
CA GLY A 448 -44.53 -10.82 -3.81
C GLY A 448 -45.45 -9.71 -3.32
N GLU A 449 -45.50 -9.50 -2.00
CA GLU A 449 -46.28 -8.42 -1.44
C GLU A 449 -45.46 -7.47 -0.59
N ILE A 450 -44.56 -8.03 0.24
CA ILE A 450 -43.57 -7.28 1.01
C ILE A 450 -42.21 -7.30 0.27
N LEU A 451 -41.48 -6.20 0.34
CA LEU A 451 -40.14 -6.11 -0.31
C LEU A 451 -39.03 -5.67 0.65
N PHE A 452 -38.04 -6.54 0.88
CA PHE A 452 -36.83 -6.15 1.63
C PHE A 452 -35.68 -5.96 0.69
N PHE A 453 -34.72 -5.10 1.09
CA PHE A 453 -33.56 -4.83 0.27
C PHE A 453 -32.28 -4.87 1.09
N MET A 454 -31.25 -5.47 0.50
CA MET A 454 -29.94 -5.81 1.13
C MET A 454 -28.76 -5.19 0.43
N ARG A 455 -27.67 -4.93 1.17
CA ARG A 455 -26.40 -4.46 0.56
C ARG A 455 -25.34 -5.55 0.52
N ALA A 456 -25.35 -6.45 1.52
CA ALA A 456 -24.37 -7.55 1.61
C ALA A 456 -24.96 -8.79 0.94
N GLY A 457 -24.08 -9.66 0.49
CA GLY A 457 -24.49 -10.94 -0.05
C GLY A 457 -23.41 -11.99 -0.07
N SER A 458 -23.85 -13.21 -0.36
CA SER A 458 -22.97 -14.40 -0.57
C SER A 458 -23.74 -15.48 -1.31
N THR A 459 -23.07 -16.56 -1.64
CA THR A 459 -23.72 -17.63 -2.44
C THR A 459 -25.10 -17.99 -1.92
N GLY A 460 -26.12 -17.92 -2.74
CA GLY A 460 -27.50 -18.20 -2.35
C GLY A 460 -28.36 -16.94 -2.16
N SER A 461 -27.74 -15.76 -2.07
CA SER A 461 -28.51 -14.50 -2.07
C SER A 461 -29.31 -14.35 -3.39
N GLN A 462 -28.91 -15.10 -4.42
CA GLN A 462 -29.62 -15.11 -5.69
C GLN A 462 -31.08 -15.67 -5.51
N LYS A 463 -31.28 -16.55 -4.54
CA LYS A 463 -32.59 -17.04 -4.15
C LYS A 463 -33.24 -16.18 -3.09
N TYR A 464 -32.49 -15.85 -2.04
CA TYR A 464 -33.06 -15.30 -0.80
C TYR A 464 -33.15 -13.77 -0.73
N SER A 465 -32.40 -13.02 -1.49
CA SER A 465 -32.54 -11.56 -1.45
C SER A 465 -33.50 -11.04 -2.49
N THR A 466 -34.63 -10.45 -2.05
CA THR A 466 -35.71 -9.98 -2.96
C THR A 466 -35.29 -8.72 -3.74
N MET A 467 -34.28 -7.96 -3.23
CA MET A 467 -33.75 -6.82 -3.94
C MET A 467 -32.37 -6.42 -3.36
N MET A 468 -31.42 -6.04 -4.24
CA MET A 468 -30.11 -5.49 -3.81
C MET A 468 -30.15 -3.97 -3.96
N TRP A 469 -29.47 -3.26 -3.04
CA TRP A 469 -29.10 -1.88 -3.30
C TRP A 469 -27.57 -1.78 -3.17
N ALA A 470 -27.00 -0.74 -3.78
CA ALA A 470 -25.56 -0.56 -3.96
C ALA A 470 -24.80 -0.10 -2.66
N GLY A 471 -25.44 -0.13 -1.51
CA GLY A 471 -24.86 0.31 -0.27
C GLY A 471 -24.48 1.80 -0.23
N ASP A 472 -23.37 2.12 0.49
CA ASP A 472 -22.97 3.51 0.74
C ASP A 472 -21.95 4.08 -0.32
N GLN A 473 -22.45 4.93 -1.21
CA GLN A 473 -21.63 5.81 -2.06
C GLN A 473 -21.41 7.10 -1.30
N ASN A 474 -20.27 7.73 -1.56
CA ASN A 474 -20.06 9.16 -1.15
C ASN A 474 -21.05 10.06 -1.86
N VAL A 475 -21.34 11.23 -1.23
CA VAL A 475 -22.14 12.25 -1.86
C VAL A 475 -21.31 13.05 -2.80
N ASP A 476 -20.66 12.38 -3.75
CA ASP A 476 -19.71 12.95 -4.67
C ASP A 476 -19.80 12.45 -6.10
N TRP A 477 -18.94 12.99 -6.98
CA TRP A 477 -18.85 12.59 -8.37
C TRP A 477 -17.66 11.65 -8.70
N SER A 478 -17.09 10.94 -7.73
CA SER A 478 -15.88 10.18 -8.00
C SER A 478 -16.26 8.91 -8.83
N LEU A 479 -15.30 8.38 -9.59
CA LEU A 479 -15.47 7.12 -10.31
C LEU A 479 -15.58 5.91 -9.36
N ASP A 480 -14.76 5.89 -8.32
CA ASP A 480 -14.70 4.71 -7.44
C ASP A 480 -15.72 4.67 -6.31
N ASP A 481 -16.29 5.80 -5.88
CA ASP A 481 -17.26 5.75 -4.77
C ASP A 481 -18.43 6.77 -4.92
N GLY A 482 -18.62 7.33 -6.12
CA GLY A 482 -19.72 8.19 -6.43
C GLY A 482 -20.79 7.54 -7.26
N LEU A 483 -21.61 8.36 -7.88
CA LEU A 483 -22.69 7.93 -8.79
C LEU A 483 -22.24 6.88 -9.83
N ALA A 484 -21.14 7.13 -10.52
CA ALA A 484 -20.57 6.18 -11.55
C ALA A 484 -20.40 4.73 -11.09
N SER A 485 -19.92 4.59 -9.84
CA SER A 485 -19.60 3.28 -9.27
C SER A 485 -20.80 2.34 -9.21
N VAL A 486 -22.02 2.89 -9.24
CA VAL A 486 -23.23 2.06 -9.16
C VAL A 486 -23.41 1.16 -10.45
N VAL A 487 -22.97 1.62 -11.61
CA VAL A 487 -23.17 0.88 -12.88
C VAL A 487 -22.37 -0.44 -12.94
N PRO A 488 -21.03 -0.44 -12.67
CA PRO A 488 -20.33 -1.71 -12.53
C PRO A 488 -20.89 -2.60 -11.45
N ALA A 489 -21.38 -1.98 -10.36
CA ALA A 489 -22.03 -2.78 -9.30
C ALA A 489 -23.25 -3.55 -9.78
N ALA A 490 -24.12 -2.87 -10.55
CA ALA A 490 -25.30 -3.58 -11.14
C ALA A 490 -24.91 -4.68 -12.15
N LEU A 491 -23.98 -4.33 -13.03
CA LEU A 491 -23.54 -5.26 -14.10
C LEU A 491 -22.81 -6.51 -13.60
N SER A 492 -21.88 -6.35 -12.68
CA SER A 492 -21.16 -7.45 -12.07
C SER A 492 -22.14 -8.39 -11.38
N LEU A 493 -23.13 -7.84 -10.65
CA LEU A 493 -24.09 -8.71 -9.98
C LEU A 493 -25.00 -9.41 -10.99
N ALA A 494 -25.38 -8.73 -12.07
CA ALA A 494 -26.18 -9.37 -13.15
C ALA A 494 -25.44 -10.64 -13.67
N MET A 495 -24.11 -10.55 -13.77
CA MET A 495 -23.28 -11.67 -14.26
C MET A 495 -23.03 -12.75 -13.20
N THR A 496 -23.41 -12.48 -11.93
CA THR A 496 -23.34 -13.42 -10.84
C THR A 496 -24.75 -13.88 -10.41
N GLY A 497 -25.73 -13.65 -11.26
CA GLY A 497 -27.09 -14.20 -11.09
C GLY A 497 -28.06 -13.42 -10.22
N HIS A 498 -27.79 -12.16 -9.93
CA HIS A 498 -28.76 -11.26 -9.27
C HIS A 498 -29.15 -10.07 -10.18
N GLY A 499 -30.42 -9.99 -10.55
CA GLY A 499 -30.93 -9.07 -11.61
C GLY A 499 -31.85 -7.95 -11.15
N LEU A 500 -31.93 -7.70 -9.83
CA LEU A 500 -32.75 -6.62 -9.25
C LEU A 500 -31.87 -5.69 -8.36
N HIS A 501 -31.61 -4.45 -8.84
CA HIS A 501 -30.58 -3.57 -8.23
C HIS A 501 -30.99 -2.12 -8.24
N HIS A 502 -30.85 -1.43 -7.08
CA HIS A 502 -31.05 0.06 -7.06
C HIS A 502 -29.99 0.73 -6.22
N SER A 503 -30.02 2.06 -6.15
CA SER A 503 -29.17 2.86 -5.29
C SER A 503 -29.90 3.96 -4.52
N ASP A 504 -29.24 4.47 -3.48
CA ASP A 504 -29.74 5.63 -2.70
C ASP A 504 -29.76 6.82 -3.69
N ILE A 505 -30.92 7.44 -3.94
CA ILE A 505 -30.96 8.68 -4.80
C ILE A 505 -30.24 9.83 -4.09
N GLY A 506 -29.09 10.18 -4.63
CA GLY A 506 -28.15 11.17 -4.03
C GLY A 506 -26.97 10.69 -3.24
N GLY A 507 -26.81 9.38 -3.06
CA GLY A 507 -25.72 8.84 -2.25
C GLY A 507 -25.99 8.97 -0.75
N TYR A 508 -25.02 8.54 0.05
CA TYR A 508 -25.12 8.45 1.52
C TYR A 508 -24.03 9.14 2.34
N THR A 509 -22.78 8.79 2.10
CA THR A 509 -21.67 9.11 3.03
C THR A 509 -21.27 10.60 2.98
N THR A 510 -21.43 11.27 4.11
CA THR A 510 -21.34 12.73 4.21
C THR A 510 -20.27 13.00 5.34
N LEU A 511 -19.07 13.33 4.91
CA LEU A 511 -17.84 13.42 5.73
C LEU A 511 -16.86 14.37 5.11
N PHE A 512 -15.97 14.93 5.96
CA PHE A 512 -14.88 15.82 5.49
C PHE A 512 -15.52 17.04 4.79
N GLU A 513 -15.07 17.45 3.63
CA GLU A 513 -15.75 18.50 2.88
C GLU A 513 -16.87 17.98 1.95
N MET A 514 -17.28 16.71 2.02
CA MET A 514 -18.32 16.21 1.07
C MET A 514 -19.71 16.56 1.56
N LYS A 515 -20.48 17.22 0.70
CA LYS A 515 -21.88 17.55 0.99
C LYS A 515 -22.70 17.44 -0.29
N ARG A 516 -23.89 16.89 -0.24
CA ARG A 516 -24.67 16.65 -1.48
C ARG A 516 -25.21 17.96 -2.10
N SER A 517 -24.81 18.31 -3.31
CA SER A 517 -25.40 19.47 -4.00
C SER A 517 -26.77 19.13 -4.60
N LYS A 518 -27.54 20.17 -4.92
CA LYS A 518 -28.80 20.00 -5.65
C LYS A 518 -28.53 19.35 -7.01
N GLU A 519 -27.48 19.75 -7.70
CA GLU A 519 -27.14 19.14 -9.01
C GLU A 519 -26.91 17.60 -8.91
N LEU A 520 -26.17 17.18 -7.89
CA LEU A 520 -25.97 15.73 -7.67
C LEU A 520 -27.28 14.98 -7.42
N LEU A 521 -28.14 15.49 -6.54
CA LEU A 521 -29.45 14.89 -6.30
C LEU A 521 -30.26 14.74 -7.58
N LEU A 522 -30.29 15.76 -8.43
CA LEU A 522 -31.15 15.72 -9.63
C LEU A 522 -30.56 14.81 -10.70
N ARG A 523 -29.23 14.81 -10.87
CA ARG A 523 -28.60 13.83 -11.78
C ARG A 523 -28.80 12.39 -11.31
N TRP A 524 -28.75 12.16 -10.01
CA TRP A 524 -28.94 10.78 -9.48
C TRP A 524 -30.43 10.35 -9.66
N CYS A 525 -31.36 11.29 -9.46
CA CYS A 525 -32.80 11.06 -9.76
C CYS A 525 -33.01 10.66 -11.24
N ASP A 526 -32.33 11.34 -12.17
CA ASP A 526 -32.42 11.00 -13.60
C ASP A 526 -31.99 9.55 -13.92
N PHE A 527 -30.96 9.09 -13.19
CA PHE A 527 -30.43 7.73 -13.27
C PHE A 527 -31.43 6.73 -12.72
N SER A 528 -31.91 6.95 -11.46
CA SER A 528 -32.76 5.96 -10.84
C SER A 528 -34.14 5.73 -11.49
N ALA A 529 -34.62 6.71 -12.22
CA ALA A 529 -35.87 6.61 -12.96
C ALA A 529 -35.76 5.57 -14.08
N PHE A 530 -34.50 5.16 -14.42
CA PHE A 530 -34.19 4.10 -15.41
C PHE A 530 -33.57 2.86 -14.79
N THR A 531 -34.09 2.55 -13.61
CA THR A 531 -33.82 1.35 -12.83
C THR A 531 -35.13 0.77 -12.28
N PRO A 532 -35.11 -0.44 -11.68
CA PRO A 532 -36.39 -0.98 -11.25
C PRO A 532 -36.95 -0.43 -9.90
N MET A 533 -36.30 0.51 -9.24
CA MET A 533 -36.81 1.04 -7.95
C MET A 533 -36.23 2.41 -7.66
N MET A 534 -37.10 3.34 -7.24
CA MET A 534 -36.74 4.68 -6.87
C MET A 534 -36.91 4.89 -5.36
N ARG A 535 -35.81 5.21 -4.65
CA ARG A 535 -35.88 5.40 -3.19
C ARG A 535 -34.83 6.41 -2.81
N THR A 536 -35.20 7.43 -2.00
CA THR A 536 -34.24 8.44 -1.55
C THR A 536 -33.61 8.11 -0.17
N HIS A 537 -32.60 8.89 0.20
CA HIS A 537 -31.89 8.76 1.51
C HIS A 537 -31.48 10.17 1.98
N GLU A 538 -31.77 10.49 3.25
CA GLU A 538 -31.25 11.78 3.82
C GLU A 538 -29.72 11.88 3.95
N GLY A 539 -29.03 10.73 4.08
CA GLY A 539 -27.61 10.66 4.36
C GLY A 539 -27.38 10.60 5.89
N ASN A 540 -26.11 10.45 6.30
CA ASN A 540 -25.75 10.31 7.75
C ASN A 540 -25.83 11.68 8.47
N ARG A 541 -25.72 12.78 7.70
CA ARG A 541 -25.81 14.21 8.22
C ARG A 541 -26.85 14.96 7.44
N PRO A 542 -28.12 14.75 7.77
CA PRO A 542 -29.19 15.22 6.86
C PRO A 542 -29.20 16.77 6.60
N GLY A 543 -28.84 17.52 7.63
CA GLY A 543 -28.73 19.00 7.53
C GLY A 543 -27.63 19.49 6.63
N ASP A 544 -26.61 18.68 6.31
CA ASP A 544 -25.58 19.08 5.34
C ASP A 544 -25.86 18.76 3.85
N ASN A 545 -26.94 18.05 3.58
CA ASN A 545 -27.26 17.58 2.22
C ASN A 545 -28.55 18.20 1.67
N TRP A 546 -28.51 18.58 0.38
CA TRP A 546 -29.70 18.97 -0.34
C TRP A 546 -30.65 17.77 -0.43
N GLN A 547 -31.91 17.98 -0.06
CA GLN A 547 -32.98 16.96 0.01
C GLN A 547 -34.09 17.14 -1.04
N PHE A 548 -34.93 16.10 -1.21
CA PHE A 548 -35.95 16.06 -2.25
C PHE A 548 -36.98 17.25 -2.21
N ASP A 549 -37.11 17.87 -1.05
CA ASP A 549 -37.98 19.06 -0.87
C ASP A 549 -37.22 20.34 -0.66
N GLY A 550 -36.00 20.44 -1.16
CA GLY A 550 -35.11 21.61 -0.87
C GLY A 550 -35.65 22.92 -1.47
N ASP A 551 -36.29 22.84 -2.62
CA ASP A 551 -36.93 24.02 -3.25
C ASP A 551 -37.96 23.59 -4.29
N ALA A 552 -38.73 24.55 -4.80
CA ALA A 552 -39.79 24.27 -5.75
C ALA A 552 -39.26 23.58 -7.05
N GLU A 553 -38.14 24.02 -7.54
CA GLU A 553 -37.52 23.42 -8.71
C GLU A 553 -37.16 21.92 -8.48
N THR A 554 -36.65 21.61 -7.28
CA THR A 554 -36.29 20.23 -6.86
C THR A 554 -37.52 19.36 -6.85
N ILE A 555 -38.57 19.82 -6.17
CA ILE A 555 -39.88 19.14 -6.15
C ILE A 555 -40.43 18.88 -7.57
N ALA A 556 -40.36 19.87 -8.45
CA ALA A 556 -40.85 19.74 -9.80
C ALA A 556 -40.01 18.70 -10.57
N HIS A 557 -38.72 18.66 -10.31
CA HIS A 557 -37.86 17.65 -11.02
C HIS A 557 -38.27 16.24 -10.61
N PHE A 558 -38.52 16.04 -9.30
CA PHE A 558 -39.09 14.75 -8.88
C PHE A 558 -40.46 14.39 -9.49
N ALA A 559 -41.36 15.40 -9.60
CA ALA A 559 -42.67 15.15 -10.28
C ALA A 559 -42.42 14.71 -11.73
N ARG A 560 -41.54 15.37 -12.46
CA ARG A 560 -41.27 14.94 -13.85
C ARG A 560 -40.70 13.52 -13.91
N MET A 561 -39.62 13.25 -13.15
CA MET A 561 -38.94 11.96 -13.31
C MET A 561 -39.70 10.78 -12.71
N THR A 562 -40.51 10.98 -11.66
CA THR A 562 -41.41 9.89 -11.23
C THR A 562 -42.55 9.62 -12.22
N THR A 563 -42.95 10.65 -12.99
CA THR A 563 -43.89 10.44 -14.13
C THR A 563 -43.23 9.64 -15.22
N VAL A 564 -41.95 9.90 -15.49
CA VAL A 564 -41.17 9.06 -16.43
C VAL A 564 -41.12 7.59 -15.98
N PHE A 565 -40.74 7.35 -14.71
CA PHE A 565 -40.63 5.96 -14.14
C PHE A 565 -41.97 5.19 -14.18
N THR A 566 -43.05 5.85 -13.72
CA THR A 566 -44.42 5.28 -13.72
C THR A 566 -44.94 4.99 -15.10
N THR A 567 -44.61 5.83 -16.08
CA THR A 567 -44.97 5.56 -17.46
C THR A 567 -44.44 4.22 -17.97
N LEU A 568 -43.24 3.84 -17.51
CA LEU A 568 -42.57 2.57 -17.89
C LEU A 568 -43.11 1.33 -17.24
N LYS A 569 -44.04 1.46 -16.30
CA LYS A 569 -44.54 0.29 -15.56
C LYS A 569 -44.79 -1.03 -16.37
N PRO A 570 -45.58 -0.94 -17.46
CA PRO A 570 -45.84 -2.20 -18.20
C PRO A 570 -44.56 -2.89 -18.67
N TYR A 571 -43.58 -2.08 -19.10
CA TYR A 571 -42.30 -2.59 -19.63
C TYR A 571 -41.43 -3.20 -18.51
N LEU A 572 -41.35 -2.47 -17.41
CA LEU A 572 -40.54 -2.93 -16.28
C LEU A 572 -41.09 -4.20 -15.66
N LYS A 573 -42.44 -4.26 -15.56
CA LYS A 573 -43.09 -5.44 -15.04
C LYS A 573 -42.73 -6.70 -15.84
N GLU A 574 -42.76 -6.58 -17.18
CA GLU A 574 -42.38 -7.67 -18.05
C GLU A 574 -40.91 -8.11 -17.82
N ALA A 575 -40.00 -7.13 -17.72
CA ALA A 575 -38.58 -7.45 -17.51
C ALA A 575 -38.34 -8.18 -16.16
N VAL A 576 -39.04 -7.71 -15.13
CA VAL A 576 -38.95 -8.37 -13.80
C VAL A 576 -39.49 -9.79 -13.84
N ALA A 577 -40.56 -10.00 -14.63
CA ALA A 577 -41.08 -11.38 -14.81
C ALA A 577 -40.10 -12.30 -15.54
N LEU A 578 -39.47 -11.80 -16.60
CA LEU A 578 -38.38 -12.60 -17.22
C LEU A 578 -37.16 -12.93 -16.28
N ASN A 579 -36.79 -11.96 -15.45
CA ASN A 579 -35.72 -12.21 -14.48
C ASN A 579 -36.13 -13.34 -13.52
N ALA A 580 -37.40 -13.33 -13.08
CA ALA A 580 -37.91 -14.40 -12.18
C ALA A 580 -37.98 -15.79 -12.84
N LYS A 581 -38.28 -15.78 -14.13
CA LYS A 581 -38.49 -17.04 -14.93
C LYS A 581 -37.18 -17.72 -15.34
N SER A 582 -36.21 -16.93 -15.84
CA SER A 582 -34.99 -17.51 -16.37
C SER A 582 -33.68 -16.76 -16.02
N GLY A 583 -33.69 -15.87 -15.03
CA GLY A 583 -32.41 -15.25 -14.61
C GLY A 583 -31.87 -14.19 -15.61
N LEU A 584 -32.72 -13.71 -16.50
CA LEU A 584 -32.35 -12.66 -17.47
C LEU A 584 -32.47 -11.31 -16.72
N PRO A 585 -31.33 -10.68 -16.39
CA PRO A 585 -31.38 -9.56 -15.45
C PRO A 585 -32.02 -8.30 -16.01
N VAL A 586 -32.56 -7.44 -15.14
CA VAL A 586 -33.27 -6.24 -15.61
C VAL A 586 -32.35 -5.18 -16.19
N MET A 587 -31.20 -4.94 -15.55
CA MET A 587 -30.12 -4.08 -16.07
C MET A 587 -29.01 -4.99 -16.61
N ARG A 588 -28.73 -4.82 -17.90
CA ARG A 588 -28.01 -5.86 -18.69
C ARG A 588 -26.75 -5.27 -19.35
N PRO A 589 -25.60 -5.97 -19.28
CA PRO A 589 -24.44 -5.63 -20.12
C PRO A 589 -24.80 -5.65 -21.63
N LEU A 590 -24.31 -4.67 -22.41
CA LEU A 590 -24.64 -4.61 -23.86
C LEU A 590 -24.31 -5.91 -24.61
N PHE A 591 -23.30 -6.66 -24.17
CA PHE A 591 -22.96 -7.93 -24.90
C PHE A 591 -23.95 -9.04 -24.77
N LEU A 592 -24.92 -8.93 -23.87
CA LEU A 592 -25.97 -9.97 -23.81
C LEU A 592 -26.75 -10.03 -25.09
N HIS A 593 -26.91 -8.86 -25.76
CA HIS A 593 -27.73 -8.76 -26.97
C HIS A 593 -26.94 -8.38 -28.23
N TYR A 594 -25.67 -7.99 -28.10
CA TYR A 594 -24.81 -7.56 -29.22
C TYR A 594 -23.47 -8.33 -29.09
N GLU A 595 -23.57 -9.68 -29.05
CA GLU A 595 -22.43 -10.59 -28.75
C GLU A 595 -21.23 -10.44 -29.72
N ASP A 596 -21.47 -10.06 -30.97
CA ASP A 596 -20.33 -9.88 -31.89
C ASP A 596 -19.76 -8.47 -31.95
N ASP A 597 -20.12 -7.60 -31.04
CA ASP A 597 -19.50 -6.28 -31.00
C ASP A 597 -18.40 -6.30 -29.92
N ALA A 598 -17.13 -6.40 -30.37
CA ALA A 598 -16.00 -6.43 -29.42
C ALA A 598 -15.87 -5.25 -28.46
N HIS A 599 -16.30 -4.08 -28.89
CA HIS A 599 -16.16 -2.90 -28.06
C HIS A 599 -17.11 -2.98 -26.79
N THR A 600 -18.25 -3.66 -26.90
CA THR A 600 -19.22 -3.73 -25.78
C THR A 600 -18.68 -4.48 -24.51
N TYR A 601 -17.71 -5.36 -24.72
CA TYR A 601 -17.08 -6.13 -23.67
C TYR A 601 -16.24 -5.26 -22.71
N THR A 602 -15.87 -4.06 -23.13
CA THR A 602 -15.01 -3.15 -22.35
C THR A 602 -15.78 -2.03 -21.63
N LEU A 603 -17.08 -1.89 -21.88
CA LEU A 603 -17.87 -0.77 -21.31
C LEU A 603 -18.15 -1.08 -19.81
N LYS A 604 -18.17 -0.02 -19.01
CA LYS A 604 -18.40 -0.10 -17.56
C LYS A 604 -19.53 0.81 -17.11
N TYR A 605 -19.81 1.88 -17.85
CA TYR A 605 -20.70 2.95 -17.38
C TYR A 605 -21.98 3.13 -18.22
N GLN A 606 -22.38 2.09 -18.95
CA GLN A 606 -23.69 2.11 -19.61
C GLN A 606 -24.26 0.71 -19.66
N TYR A 607 -25.59 0.62 -19.83
CA TYR A 607 -26.34 -0.62 -19.71
C TYR A 607 -27.62 -0.59 -20.52
N LEU A 608 -28.19 -1.77 -20.74
CA LEU A 608 -29.53 -1.91 -21.33
C LEU A 608 -30.53 -2.10 -20.22
N LEU A 609 -31.65 -1.38 -20.28
CA LEU A 609 -32.75 -1.59 -19.35
C LEU A 609 -33.77 -2.43 -20.14
N GLY A 610 -33.90 -3.68 -19.70
CA GLY A 610 -34.55 -4.70 -20.50
C GLY A 610 -33.79 -4.81 -21.82
N ARG A 611 -34.48 -5.24 -22.85
CA ARG A 611 -33.88 -5.47 -24.17
C ARG A 611 -33.75 -4.19 -25.01
N ASP A 612 -34.64 -3.22 -24.82
CA ASP A 612 -34.90 -2.18 -25.83
C ASP A 612 -34.52 -0.78 -25.45
N ILE A 613 -34.06 -0.53 -24.22
CA ILE A 613 -33.62 0.80 -23.82
C ILE A 613 -32.13 0.78 -23.47
N LEU A 614 -31.36 1.74 -24.02
CA LEU A 614 -29.94 1.92 -23.67
C LEU A 614 -29.78 3.20 -22.85
N VAL A 615 -29.03 3.08 -21.73
CA VAL A 615 -28.88 4.18 -20.80
C VAL A 615 -27.39 4.40 -20.55
N ALA A 616 -26.93 5.66 -20.61
CA ALA A 616 -25.52 6.05 -20.30
C ALA A 616 -25.58 7.23 -19.33
N PRO A 617 -25.67 6.96 -18.01
CA PRO A 617 -25.98 8.07 -17.07
C PRO A 617 -24.86 9.12 -16.98
N VAL A 618 -25.24 10.40 -16.87
CA VAL A 618 -24.26 11.45 -16.61
C VAL A 618 -23.71 11.34 -15.19
N HIS A 619 -22.38 11.15 -15.08
CA HIS A 619 -21.74 10.88 -13.78
C HIS A 619 -20.64 11.91 -13.36
N GLU A 620 -20.54 12.99 -14.11
CA GLU A 620 -19.63 14.10 -13.88
C GLU A 620 -20.40 15.38 -13.63
N GLU A 621 -19.81 16.23 -12.80
CA GLU A 621 -20.31 17.57 -12.44
C GLU A 621 -20.18 18.55 -13.62
N GLY A 622 -21.14 19.45 -13.76
CA GLY A 622 -21.08 20.56 -14.72
C GLY A 622 -21.20 20.25 -16.19
N ARG A 623 -21.77 19.10 -16.56
CA ARG A 623 -21.95 18.73 -17.96
C ARG A 623 -23.22 19.32 -18.59
N SER A 624 -23.14 19.72 -19.86
CA SER A 624 -24.31 20.04 -20.65
C SER A 624 -24.51 19.07 -21.82
N ASP A 625 -23.51 18.24 -22.11
CA ASP A 625 -23.64 17.14 -23.08
C ASP A 625 -22.96 15.82 -22.53
N TRP A 626 -23.02 14.72 -23.30
CA TRP A 626 -22.48 13.44 -22.87
C TRP A 626 -22.15 12.59 -24.08
N THR A 627 -20.97 11.93 -24.08
CA THR A 627 -20.54 11.06 -25.16
C THR A 627 -20.67 9.58 -24.73
N LEU A 628 -21.13 8.71 -25.62
CA LEU A 628 -21.40 7.29 -25.32
C LEU A 628 -21.27 6.45 -26.58
N TYR A 629 -21.43 5.14 -26.44
CA TYR A 629 -21.33 4.21 -27.56
C TYR A 629 -22.65 3.52 -27.84
N LEU A 630 -23.09 3.53 -29.11
CA LEU A 630 -24.26 2.76 -29.56
C LEU A 630 -23.80 1.56 -30.36
N PRO A 631 -24.25 0.35 -30.02
CA PRO A 631 -24.01 -0.77 -30.90
C PRO A 631 -24.92 -0.65 -32.10
N GLU A 632 -24.67 -1.48 -33.11
CA GLU A 632 -25.33 -1.35 -34.40
C GLU A 632 -26.78 -1.77 -34.36
N ASP A 633 -27.69 -0.82 -34.49
CA ASP A 633 -29.12 -1.06 -34.46
C ASP A 633 -29.79 0.25 -34.90
N ASN A 634 -31.13 0.25 -35.06
CA ASN A 634 -31.90 1.49 -35.24
C ASN A 634 -32.39 2.10 -33.91
N TRP A 635 -31.76 3.21 -33.49
CA TRP A 635 -32.03 3.84 -32.17
C TRP A 635 -32.77 5.15 -32.36
N VAL A 636 -33.51 5.51 -31.32
CA VAL A 636 -34.22 6.78 -31.22
C VAL A 636 -33.90 7.45 -29.90
N HIS A 637 -33.43 8.69 -29.95
CA HIS A 637 -33.19 9.49 -28.75
C HIS A 637 -34.50 9.80 -28.06
N ALA A 638 -34.61 9.40 -26.76
CA ALA A 638 -35.85 9.54 -26.02
C ALA A 638 -36.50 10.92 -26.00
N TRP A 639 -35.70 11.97 -25.91
CA TRP A 639 -36.24 13.30 -25.62
C TRP A 639 -36.47 14.15 -26.89
N THR A 640 -35.76 13.86 -27.97
CA THR A 640 -35.90 14.58 -29.24
C THR A 640 -36.58 13.77 -30.32
N GLY A 641 -36.61 12.44 -30.20
CA GLY A 641 -37.13 11.60 -31.26
C GLY A 641 -36.19 11.41 -32.44
N GLU A 642 -34.97 11.92 -32.37
CA GLU A 642 -34.02 11.82 -33.48
C GLU A 642 -33.48 10.39 -33.68
N ALA A 643 -33.32 9.98 -34.93
CA ALA A 643 -32.77 8.68 -35.29
C ALA A 643 -31.23 8.63 -35.20
N PHE A 644 -30.70 7.52 -34.68
CA PHE A 644 -29.27 7.22 -34.61
C PHE A 644 -28.98 5.76 -35.02
N ARG A 645 -27.77 5.52 -35.54
CA ARG A 645 -27.29 4.16 -35.82
C ARG A 645 -26.04 3.91 -34.94
N GLY A 646 -25.35 2.77 -35.12
CA GLY A 646 -24.16 2.41 -34.36
C GLY A 646 -23.00 3.36 -34.44
N GLY A 647 -22.23 3.50 -33.35
CA GLY A 647 -21.05 4.34 -33.33
C GLY A 647 -20.94 5.13 -32.05
N GLU A 648 -19.82 5.82 -31.93
CA GLU A 648 -19.63 6.80 -30.88
C GLU A 648 -20.53 7.99 -31.16
N VAL A 649 -21.26 8.47 -30.15
CA VAL A 649 -22.13 9.63 -30.36
C VAL A 649 -22.06 10.58 -29.19
N THR A 650 -22.39 11.87 -29.44
CA THR A 650 -22.52 12.87 -28.39
C THR A 650 -23.95 13.48 -28.47
N VAL A 651 -24.64 13.60 -27.31
CA VAL A 651 -25.96 14.22 -27.26
C VAL A 651 -26.00 15.31 -26.18
N ASN A 652 -26.85 16.30 -26.42
CA ASN A 652 -27.20 17.30 -25.39
C ASN A 652 -27.83 16.57 -24.16
N ALA A 653 -27.50 17.00 -22.96
CA ALA A 653 -27.92 16.26 -21.77
C ALA A 653 -28.10 17.18 -20.59
N PRO A 654 -29.07 18.11 -20.69
CA PRO A 654 -29.39 18.93 -19.54
C PRO A 654 -30.12 18.05 -18.49
N ILE A 655 -30.18 18.52 -17.27
CA ILE A 655 -30.85 17.81 -16.15
C ILE A 655 -32.33 17.57 -16.54
N GLY A 656 -32.80 16.34 -16.41
CA GLY A 656 -34.16 15.97 -16.81
C GLY A 656 -34.25 15.32 -18.17
N LYS A 657 -33.16 15.38 -18.94
CA LYS A 657 -33.08 14.67 -20.25
C LYS A 657 -31.86 13.77 -20.29
N PRO A 658 -31.85 12.71 -19.46
CA PRO A 658 -30.64 11.85 -19.41
C PRO A 658 -30.35 11.17 -20.74
N PRO A 659 -29.09 10.72 -20.97
CA PRO A 659 -28.79 10.01 -22.24
C PRO A 659 -29.38 8.62 -22.35
N VAL A 660 -30.55 8.56 -22.98
CA VAL A 660 -31.40 7.40 -23.10
C VAL A 660 -31.86 7.26 -24.53
N PHE A 661 -31.73 6.05 -25.08
CA PHE A 661 -32.12 5.70 -26.45
C PHE A 661 -33.00 4.44 -26.42
N TYR A 662 -33.95 4.32 -27.35
CA TYR A 662 -34.75 3.09 -27.51
C TYR A 662 -34.73 2.50 -28.93
N ARG A 663 -34.97 1.22 -29.03
CA ARG A 663 -34.94 0.53 -30.36
C ARG A 663 -36.20 0.88 -31.15
N ALA A 664 -36.04 1.49 -32.33
CA ALA A 664 -37.16 1.81 -33.22
C ALA A 664 -38.12 0.66 -33.48
N ASP A 665 -37.58 -0.53 -33.65
CA ASP A 665 -38.36 -1.73 -33.94
C ASP A 665 -38.88 -2.42 -32.69
N SER A 666 -38.70 -1.87 -31.49
CA SER A 666 -39.33 -2.46 -30.29
C SER A 666 -40.87 -2.57 -30.42
N GLU A 667 -41.42 -3.67 -29.95
CA GLU A 667 -42.87 -3.80 -29.74
C GLU A 667 -43.41 -2.74 -28.74
N TRP A 668 -42.50 -2.12 -27.96
CA TRP A 668 -42.88 -1.06 -26.99
C TRP A 668 -42.63 0.37 -27.49
N ALA A 669 -42.31 0.54 -28.78
CA ALA A 669 -41.92 1.85 -29.31
C ALA A 669 -42.88 2.96 -29.04
N ALA A 670 -44.18 2.64 -29.08
CA ALA A 670 -45.19 3.67 -28.89
C ALA A 670 -45.28 4.17 -27.43
N LEU A 671 -45.11 3.25 -26.48
CA LEU A 671 -45.00 3.68 -25.08
C LEU A 671 -43.76 4.65 -24.91
N PHE A 672 -42.63 4.24 -25.46
CA PHE A 672 -41.36 5.03 -25.28
C PHE A 672 -41.49 6.41 -26.00
N ALA A 673 -42.21 6.44 -27.14
CA ALA A 673 -42.50 7.69 -27.82
C ALA A 673 -43.32 8.67 -27.02
N SER A 674 -44.13 8.18 -26.08
CA SER A 674 -44.91 9.09 -25.22
C SER A 674 -44.05 9.86 -24.21
N LEU A 675 -42.80 9.41 -23.97
CA LEU A 675 -41.94 10.05 -22.95
C LEU A 675 -41.60 11.50 -23.26
N LYS A 676 -41.22 11.83 -24.50
CA LYS A 676 -40.93 13.24 -24.87
C LYS A 676 -42.08 14.26 -24.71
N SER A 677 -43.32 13.80 -24.47
CA SER A 677 -44.44 14.71 -24.22
C SER A 677 -44.75 14.96 -22.72
N ILE A 678 -43.97 14.40 -21.79
CA ILE A 678 -44.11 14.75 -20.36
C ILE A 678 -43.55 16.18 -20.16
N LEU A 679 -44.16 16.96 -19.27
CA LEU A 679 -43.84 18.42 -19.01
C LEU A 679 -42.40 18.72 -18.47
N LEU B 9 33.75 -21.33 22.63
CA LEU B 9 33.88 -20.51 21.37
C LEU B 9 32.83 -20.92 20.32
N ASP B 10 32.80 -22.20 19.99
CA ASP B 10 31.82 -22.85 19.13
C ASP B 10 31.27 -24.11 19.81
N PHE B 11 30.03 -24.08 20.32
CA PHE B 11 29.35 -25.26 20.88
C PHE B 11 28.17 -25.66 19.97
N GLN B 12 28.36 -26.77 19.21
CA GLN B 12 27.26 -27.44 18.41
C GLN B 12 26.78 -28.64 19.17
N PHE B 13 25.49 -28.73 19.53
CA PHE B 13 24.87 -29.95 20.12
C PHE B 13 23.89 -30.56 19.10
N HIS B 14 24.18 -31.79 18.62
CA HIS B 14 23.36 -32.54 17.60
C HIS B 14 22.61 -33.66 18.30
N GLN B 15 21.65 -34.33 17.61
CA GLN B 15 20.82 -35.40 18.21
C GLN B 15 20.18 -36.33 17.18
N ASN B 17 14.68 -36.83 17.49
CA ASN B 17 15.20 -35.58 16.96
C ASN B 17 16.27 -35.85 15.89
N ASP B 18 16.15 -35.24 14.71
CA ASP B 18 17.36 -34.81 13.94
C ASP B 18 17.48 -33.26 14.10
N SER B 19 17.64 -32.88 15.36
CA SER B 19 17.60 -31.50 15.86
C SER B 19 18.99 -31.02 16.41
N PHE B 20 19.28 -29.71 16.31
CA PHE B 20 20.53 -29.11 16.85
C PHE B 20 20.40 -27.66 17.34
N THR B 21 21.40 -27.24 18.11
CA THR B 21 21.61 -25.85 18.49
C THR B 21 23.08 -25.53 18.20
N LEU B 22 23.36 -24.24 17.99
CA LEU B 22 24.68 -23.71 17.81
C LEU B 22 24.82 -22.44 18.65
N HIS B 23 25.78 -22.44 19.56
CA HIS B 23 26.22 -21.27 20.31
C HIS B 23 27.55 -20.82 19.85
N PHE B 24 27.80 -19.51 19.99
CA PHE B 24 29.04 -18.88 19.55
C PHE B 24 29.37 -17.89 20.66
N GLN B 25 30.44 -18.15 21.40
CA GLN B 25 30.77 -17.43 22.64
C GLN B 25 29.56 -17.27 23.52
N GLN B 26 28.81 -18.37 23.64
CA GLN B 26 27.58 -18.46 24.45
C GLN B 26 26.35 -17.69 23.95
N ARG B 27 26.46 -17.00 22.79
CA ARG B 27 25.23 -16.47 22.14
C ARG B 27 24.56 -17.63 21.39
N LEU B 28 23.24 -17.81 21.57
CA LEU B 28 22.50 -18.77 20.77
C LEU B 28 22.22 -18.16 19.36
N ILE B 29 22.78 -18.79 18.32
CA ILE B 29 22.71 -18.27 16.92
C ILE B 29 21.67 -19.05 16.12
N LEU B 30 21.75 -20.39 16.16
CA LEU B 30 20.83 -21.28 15.41
C LEU B 30 20.17 -22.35 16.27
N THR B 31 18.91 -22.59 15.99
CA THR B 31 18.18 -23.71 16.53
C THR B 31 17.35 -24.31 15.41
N HIS B 32 17.34 -25.65 15.31
CA HIS B 32 16.64 -26.38 14.24
C HIS B 32 16.07 -27.66 14.78
N SER B 33 14.81 -27.92 14.45
CA SER B 33 14.20 -29.24 14.61
C SER B 33 13.25 -29.46 13.42
N LYS B 34 12.71 -30.68 13.27
CA LYS B 34 11.74 -30.98 12.20
C LYS B 34 10.47 -30.18 12.27
N ASP B 35 9.99 -29.88 13.49
CA ASP B 35 8.82 -29.02 13.73
C ASP B 35 9.07 -27.51 13.64
N ASN B 36 10.31 -27.09 14.00
CA ASN B 36 10.71 -25.69 13.99
C ASN B 36 12.01 -25.53 13.19
N PRO B 37 11.93 -25.60 11.85
CA PRO B 37 13.19 -25.49 11.06
C PRO B 37 13.81 -24.12 11.06
N CYS B 38 15.10 -24.02 10.73
CA CYS B 38 15.79 -22.72 10.64
C CYS B 38 15.95 -22.28 9.18
N LEU B 39 15.65 -23.17 8.22
CA LEU B 39 15.93 -22.91 6.78
C LEU B 39 14.84 -23.35 5.83
N TRP B 40 14.48 -22.45 4.91
CA TRP B 40 13.62 -22.70 3.81
C TRP B 40 14.35 -22.29 2.50
N ILE B 41 14.08 -22.98 1.40
CA ILE B 41 14.50 -22.56 0.07
C ILE B 41 13.37 -22.64 -0.92
N GLY B 42 13.53 -21.98 -2.06
CA GLY B 42 12.51 -21.99 -3.07
C GLY B 42 12.89 -21.18 -4.30
N SER B 43 11.89 -20.63 -4.99
CA SER B 43 12.13 -19.81 -6.14
C SER B 43 11.01 -18.76 -6.39
N GLY B 44 11.39 -17.76 -7.13
CA GLY B 44 10.47 -16.66 -7.51
C GLY B 44 10.94 -15.98 -8.75
N ILE B 45 10.08 -15.17 -9.32
CA ILE B 45 10.42 -14.33 -10.49
C ILE B 45 10.26 -12.88 -10.07
N ALA B 46 11.40 -12.17 -10.03
CA ALA B 46 11.45 -10.75 -9.66
C ALA B 46 10.59 -9.94 -10.63
N ASP B 47 9.78 -9.05 -10.07
CA ASP B 47 8.99 -8.08 -10.84
C ASP B 47 9.36 -6.65 -10.36
N ILE B 48 10.37 -6.08 -11.02
CA ILE B 48 11.01 -4.81 -10.63
C ILE B 48 10.96 -3.79 -11.76
N ASP B 49 10.41 -2.62 -11.47
CA ASP B 49 10.36 -1.47 -12.41
C ASP B 49 10.82 -0.20 -11.76
N MET B 50 11.39 0.68 -12.57
CA MET B 50 11.92 1.93 -12.09
C MET B 50 11.33 3.07 -12.91
N PHE B 51 10.98 4.17 -12.26
CA PHE B 51 10.78 5.46 -12.91
C PHE B 51 11.52 6.57 -12.12
N ARG B 52 12.53 7.17 -12.76
CA ARG B 52 13.28 8.32 -12.21
C ARG B 52 13.84 8.01 -10.80
N GLY B 53 14.38 6.81 -10.62
CA GLY B 53 15.01 6.38 -9.36
C GLY B 53 14.12 5.78 -8.30
N ASN B 54 12.79 5.80 -8.53
CA ASN B 54 11.84 5.21 -7.65
C ASN B 54 11.53 3.82 -8.19
N PHE B 55 11.61 2.83 -7.30
CA PHE B 55 11.45 1.42 -7.69
C PHE B 55 10.19 0.86 -7.11
N SER B 56 9.55 0.03 -7.92
CA SER B 56 8.43 -0.83 -7.54
C SER B 56 8.91 -2.27 -7.55
N ILE B 57 8.84 -2.95 -6.42
CA ILE B 57 9.43 -4.31 -6.26
C ILE B 57 8.40 -5.30 -5.75
N LYS B 58 8.13 -6.36 -6.51
CA LYS B 58 7.20 -7.41 -6.10
C LYS B 58 7.83 -8.71 -6.48
N ASP B 59 7.53 -9.76 -5.73
CA ASP B 59 7.91 -11.12 -6.09
C ASP B 59 6.72 -11.84 -6.69
N LYS B 60 6.91 -12.62 -7.76
CA LYS B 60 5.97 -13.69 -8.10
C LYS B 60 6.55 -14.95 -7.51
N LEU B 61 6.12 -15.28 -6.31
CA LEU B 61 6.66 -16.42 -5.58
C LEU B 61 6.18 -17.72 -6.21
N GLN B 62 7.11 -18.61 -6.57
CA GLN B 62 6.75 -19.90 -7.15
CA GLN B 62 6.76 -19.90 -7.15
C GLN B 62 6.76 -21.01 -6.08
N GLU B 63 7.81 -21.09 -5.29
CA GLU B 63 7.84 -22.08 -4.17
C GLU B 63 8.61 -21.62 -2.96
N LYS B 64 8.23 -22.18 -1.80
CA LYS B 64 8.84 -21.94 -0.53
C LYS B 64 8.73 -23.28 0.24
N ILE B 65 9.86 -23.90 0.59
CA ILE B 65 9.88 -25.30 1.11
C ILE B 65 10.80 -25.37 2.32
N ALA B 66 10.28 -25.84 3.47
CA ALA B 66 11.05 -25.98 4.66
C ALA B 66 11.99 -27.22 4.58
N LEU B 67 13.28 -27.03 4.88
CA LEU B 67 14.22 -28.19 4.81
C LEU B 67 14.35 -28.83 6.21
N THR B 68 13.52 -29.82 6.46
CA THR B 68 13.30 -30.37 7.82
C THR B 68 14.35 -31.44 8.18
N ASP B 69 14.88 -32.12 7.14
CA ASP B 69 15.93 -33.16 7.36
C ASP B 69 17.39 -32.62 7.33
N ALA B 70 18.10 -32.84 8.43
CA ALA B 70 19.47 -32.38 8.62
C ALA B 70 20.40 -33.59 8.90
N ILE B 71 21.44 -33.78 8.07
CA ILE B 71 22.59 -34.68 8.34
C ILE B 71 23.85 -33.86 8.63
N VAL B 72 24.51 -34.15 9.74
CA VAL B 72 25.66 -33.39 10.25
C VAL B 72 26.97 -34.16 9.99
N SER B 73 28.08 -33.47 9.72
CA SER B 73 29.42 -34.08 9.78
C SER B 73 30.52 -33.08 10.24
N GLN B 74 31.51 -33.57 10.99
CA GLN B 74 32.60 -32.75 11.47
C GLN B 74 33.58 -32.46 10.31
N SER B 75 34.17 -31.27 10.33
CA SER B 75 35.16 -30.78 9.36
C SER B 75 36.44 -30.35 10.13
N PRO B 76 37.54 -30.05 9.41
CA PRO B 76 38.73 -29.49 10.08
C PRO B 76 38.44 -28.40 11.14
N ASP B 77 37.76 -27.30 10.79
CA ASP B 77 37.52 -26.21 11.78
C ASP B 77 36.05 -25.96 12.16
N GLY B 78 35.18 -26.96 11.94
CA GLY B 78 33.78 -26.85 12.39
C GLY B 78 32.86 -27.98 11.96
N TRP B 79 31.81 -27.65 11.19
CA TRP B 79 30.73 -28.60 10.87
C TRP B 79 30.05 -28.30 9.52
N LEU B 80 29.59 -29.35 8.87
CA LEU B 80 28.87 -29.26 7.58
C LEU B 80 27.50 -29.83 7.85
N ILE B 81 26.46 -29.09 7.43
CA ILE B 81 25.08 -29.60 7.57
C ILE B 81 24.44 -29.73 6.21
N HIS B 82 23.96 -30.95 5.88
CA HIS B 82 23.29 -31.22 4.60
C HIS B 82 21.78 -31.23 4.90
N PHE B 83 21.08 -30.20 4.39
CA PHE B 83 19.64 -30.03 4.65
C PHE B 83 18.90 -30.56 3.47
N SER B 84 17.78 -31.22 3.68
CA SER B 84 16.96 -31.65 2.55
C SER B 84 15.47 -31.85 2.85
N ARG B 85 14.72 -31.98 1.78
CA ARG B 85 13.31 -32.38 1.84
C ARG B 85 13.04 -33.34 0.66
N GLY B 86 13.29 -34.62 0.86
CA GLY B 86 13.40 -35.56 -0.29
C GLY B 86 14.70 -35.34 -1.06
N SER B 87 15.00 -36.23 -1.99
CA SER B 87 16.34 -36.21 -2.64
C SER B 87 16.57 -34.97 -3.54
N ASP B 88 15.50 -34.38 -4.06
CA ASP B 88 15.56 -33.35 -5.13
C ASP B 88 15.42 -31.87 -4.67
N ILE B 89 15.46 -31.68 -3.36
CA ILE B 89 15.45 -30.35 -2.73
C ILE B 89 16.44 -30.36 -1.58
N SER B 90 17.57 -29.67 -1.74
CA SER B 90 18.64 -29.69 -0.73
C SER B 90 19.46 -28.46 -0.76
N ALA B 91 20.14 -28.23 0.35
CA ALA B 91 21.15 -27.15 0.47
C ALA B 91 22.22 -27.61 1.45
N THR B 92 23.39 -26.96 1.39
CA THR B 92 24.47 -27.24 2.36
C THR B 92 24.91 -26.02 3.08
N LEU B 93 25.06 -26.14 4.39
CA LEU B 93 25.59 -25.07 5.24
C LEU B 93 26.94 -25.48 5.84
N ASN B 94 27.97 -24.69 5.62
CA ASN B 94 29.31 -24.95 6.19
C ASN B 94 29.58 -23.97 7.30
N ILE B 95 29.96 -24.43 8.48
CA ILE B 95 30.20 -23.58 9.69
C ILE B 95 31.67 -23.64 10.08
N SER B 96 32.37 -22.50 10.09
CA SER B 96 33.84 -22.40 10.32
C SER B 96 34.11 -21.29 11.30
N ALA B 97 35.11 -21.47 12.20
CA ALA B 97 35.50 -20.43 13.18
C ALA B 97 37.06 -20.19 13.33
N ASP B 98 37.43 -18.97 13.70
CA ASP B 98 38.80 -18.34 13.79
C ASP B 98 39.25 -17.47 12.58
N ARG B 102 36.14 -14.49 13.34
CA ARG B 102 35.66 -15.62 14.10
C ARG B 102 34.63 -16.42 13.25
N LEU B 103 33.30 -16.18 13.22
CA LEU B 103 32.32 -17.18 12.71
C LEU B 103 31.89 -16.95 11.24
N LEU B 104 31.92 -18.00 10.44
CA LEU B 104 31.65 -17.94 9.00
C LEU B 104 30.59 -19.02 8.67
N LEU B 105 29.45 -18.61 8.12
CA LEU B 105 28.38 -19.52 7.62
C LEU B 105 28.31 -19.37 6.08
N GLU B 106 28.48 -20.48 5.38
CA GLU B 106 28.48 -20.48 3.89
C GLU B 106 27.40 -21.42 3.45
N LEU B 107 26.38 -20.92 2.81
CA LEU B 107 25.21 -21.71 2.44
C LEU B 107 25.14 -21.74 0.88
N GLN B 108 24.90 -22.93 0.32
CA GLN B 108 24.77 -23.10 -1.15
C GLN B 108 23.60 -24.03 -1.42
N ASN B 109 22.61 -23.54 -2.19
CA ASN B 109 21.49 -24.40 -2.61
C ASN B 109 21.95 -25.40 -3.69
N ASP B 110 21.22 -26.51 -3.79
CA ASP B 110 21.41 -27.53 -4.80
C ASP B 110 21.63 -27.02 -6.22
N ASN B 111 20.74 -26.18 -6.74
CA ASN B 111 20.97 -25.55 -8.05
C ASN B 111 20.48 -24.11 -8.17
N LEU B 112 20.84 -23.44 -9.28
CA LEU B 112 20.54 -22.02 -9.51
C LEU B 112 19.04 -21.73 -9.65
N ASN B 113 18.22 -22.71 -9.98
CA ASN B 113 16.79 -22.49 -10.07
C ASN B 113 16.16 -22.22 -8.70
N HIS B 114 16.79 -22.70 -7.61
CA HIS B 114 16.35 -22.37 -6.23
C HIS B 114 16.99 -21.05 -5.79
N ASN B 115 16.38 -19.96 -6.29
CA ASN B 115 16.89 -18.61 -6.22
C ASN B 115 16.24 -17.81 -5.04
N ARG B 116 15.70 -18.52 -4.05
CA ARG B 116 15.28 -17.88 -2.81
C ARG B 116 15.78 -18.66 -1.60
N ILE B 117 16.18 -17.89 -0.57
CA ILE B 117 16.53 -18.39 0.75
C ILE B 117 15.79 -17.63 1.85
N TRP B 118 15.33 -18.35 2.89
CA TRP B 118 14.90 -17.75 4.17
C TRP B 118 15.62 -18.43 5.34
N LEU B 119 16.41 -17.67 6.10
CA LEU B 119 17.20 -18.20 7.19
C LEU B 119 16.77 -17.54 8.47
N ARG B 120 16.48 -18.32 9.51
CA ARG B 120 16.14 -17.75 10.87
C ARG B 120 17.29 -17.88 11.85
N LEU B 121 17.62 -16.78 12.52
CA LEU B 121 18.63 -16.74 13.55
C LEU B 121 17.88 -16.55 14.87
N ALA B 122 18.26 -17.27 15.92
CA ALA B 122 17.54 -17.17 17.19
C ALA B 122 17.78 -15.80 17.81
N ALA B 123 16.78 -15.33 18.58
CA ALA B 123 16.87 -14.04 19.24
C ALA B 123 16.08 -14.09 20.59
N GLN B 124 16.25 -13.07 21.42
CA GLN B 124 15.45 -12.93 22.66
C GLN B 124 14.49 -11.75 22.51
N PRO B 125 13.33 -11.82 23.18
CA PRO B 125 12.39 -10.72 22.98
C PRO B 125 12.92 -9.28 23.35
N GLU B 126 13.86 -9.19 24.29
CA GLU B 126 14.38 -7.92 24.79
C GLU B 126 15.48 -7.26 23.91
N ASP B 127 15.95 -7.96 22.88
CA ASP B 127 17.06 -7.47 22.07
C ASP B 127 16.67 -6.28 21.25
N HIS B 128 17.57 -5.31 21.17
CA HIS B 128 17.49 -4.21 20.19
C HIS B 128 18.43 -4.53 19.02
N ILE B 129 18.21 -3.90 17.88
CA ILE B 129 18.98 -4.14 16.65
C ILE B 129 19.26 -2.76 16.01
N TYR B 130 20.52 -2.52 15.59
CA TYR B 130 20.96 -1.24 15.01
C TYR B 130 21.71 -1.48 13.70
N GLY B 131 21.73 -0.44 12.84
CA GLY B 131 22.44 -0.52 11.56
C GLY B 131 21.59 -0.62 10.31
N CYS B 132 21.94 -1.59 9.44
CA CYS B 132 21.41 -1.74 8.08
C CYS B 132 21.64 -0.53 7.20
N GLY B 133 22.77 0.15 7.39
CA GLY B 133 23.15 1.30 6.57
C GLY B 133 22.63 2.58 7.16
N GLU B 134 22.08 3.45 6.31
CA GLU B 134 21.55 4.75 6.69
C GLU B 134 20.02 4.67 6.75
N GLN B 135 19.48 4.71 7.97
CA GLN B 135 18.04 4.56 8.21
C GLN B 135 17.50 5.87 8.79
N PHE B 136 16.42 6.37 8.17
CA PHE B 136 15.93 7.70 8.44
C PHE B 136 14.71 7.76 9.29
N SER B 137 13.87 6.69 9.32
CA SER B 137 12.67 6.62 10.23
C SER B 137 12.87 5.91 11.54
N TYR B 138 13.78 4.93 11.59
CA TYR B 138 14.05 4.18 12.83
C TYR B 138 15.59 4.10 13.06
N PHE B 139 16.03 4.08 14.31
CA PHE B 139 17.41 3.71 14.66
C PHE B 139 17.40 2.28 15.21
N ASP B 140 16.85 2.05 16.41
CA ASP B 140 16.45 0.68 16.77
C ASP B 140 15.46 0.12 15.71
N LEU B 141 15.83 -0.99 15.09
CA LEU B 141 15.03 -1.61 14.06
C LEU B 141 14.04 -2.72 14.55
N ARG B 142 14.11 -3.08 15.82
CA ARG B 142 13.31 -4.18 16.36
C ARG B 142 11.85 -3.90 16.21
N GLY B 143 11.11 -4.91 15.71
CA GLY B 143 9.65 -4.81 15.48
C GLY B 143 9.22 -4.63 14.05
N LYS B 144 10.14 -4.40 13.10
CA LYS B 144 9.74 -4.09 11.71
C LYS B 144 10.65 -4.85 10.74
N PRO B 145 10.18 -5.02 9.50
CA PRO B 145 11.00 -5.54 8.42
C PRO B 145 11.63 -4.45 7.57
N PHE B 146 12.84 -4.72 7.02
CA PHE B 146 13.61 -3.77 6.20
C PHE B 146 14.09 -4.36 4.86
N PRO B 147 13.32 -4.11 3.78
CA PRO B 147 13.86 -4.32 2.44
C PRO B 147 15.15 -3.51 2.24
N LEU B 148 16.14 -4.10 1.55
CA LEU B 148 17.44 -3.50 1.32
C LEU B 148 17.75 -3.36 -0.20
N TRP B 149 17.41 -2.21 -0.74
CA TRP B 149 17.53 -1.94 -2.18
C TRP B 149 17.75 -0.44 -2.34
N THR B 150 18.92 -0.05 -2.83
CA THR B 150 19.23 1.39 -2.92
C THR B 150 18.25 2.00 -3.95
N SER B 151 17.73 3.16 -3.60
CA SER B 151 16.86 3.91 -4.52
C SER B 151 16.83 5.39 -4.12
N GLU B 152 16.08 6.19 -4.88
CA GLU B 152 15.64 7.46 -4.35
C GLU B 152 15.04 7.25 -2.98
N GLN B 153 15.18 8.27 -2.14
CA GLN B 153 14.89 8.11 -0.67
C GLN B 153 13.49 8.43 -0.23
N GLY B 154 12.75 9.04 -1.14
CA GLY B 154 11.37 9.44 -0.91
C GLY B 154 11.20 10.94 -0.59
N VAL B 155 10.06 11.51 -0.99
CA VAL B 155 9.65 12.87 -0.59
C VAL B 155 8.49 12.75 0.35
N GLY B 156 8.74 13.04 1.62
CA GLY B 156 7.79 12.81 2.69
C GLY B 156 7.92 11.46 3.45
N ARG B 157 8.01 10.35 2.71
CA ARG B 157 8.37 9.02 3.30
C ARG B 157 7.40 8.41 4.33
N ASN B 158 6.16 8.91 4.42
CA ASN B 158 5.19 8.44 5.40
C ASN B 158 3.74 8.57 4.76
N LYS B 159 3.08 7.44 4.53
CA LYS B 159 1.79 7.42 3.78
C LYS B 159 0.68 8.25 4.41
N GLN B 160 0.74 8.40 5.73
CA GLN B 160 -0.13 9.24 6.50
C GLN B 160 0.13 10.73 6.51
N THR B 161 1.12 11.25 5.78
CA THR B 161 1.37 12.70 5.74
C THR B 161 0.99 13.20 4.41
N TYR B 162 0.61 14.49 4.38
CA TYR B 162 0.05 15.11 3.17
C TYR B 162 1.04 15.24 2.04
N VAL B 163 2.29 15.65 2.36
CA VAL B 163 3.31 15.76 1.34
C VAL B 163 3.58 14.42 0.64
N THR B 164 3.60 13.36 1.42
CA THR B 164 3.87 12.03 0.83
C THR B 164 2.74 11.66 -0.21
N TRP B 165 1.52 11.93 0.21
CA TRP B 165 0.30 11.75 -0.66
C TRP B 165 0.45 12.57 -1.92
N GLN B 166 0.88 13.85 -1.80
CA GLN B 166 1.12 14.69 -2.99
C GLN B 166 2.22 14.20 -3.88
N ALA B 167 3.33 13.71 -3.29
CA ALA B 167 4.44 13.17 -4.07
C ALA B 167 4.06 11.87 -4.77
N ASP B 168 3.18 11.09 -4.14
CA ASP B 168 2.59 9.91 -4.81
C ASP B 168 1.53 10.18 -5.93
N CYS B 169 0.92 11.37 -5.99
CA CYS B 169 -0.20 11.67 -6.90
C CYS B 169 0.00 11.25 -8.39
N LYS B 170 1.08 11.68 -9.05
CA LYS B 170 1.38 11.26 -10.47
C LYS B 170 2.43 10.11 -10.62
N GLU B 171 3.35 10.02 -9.64
CA GLU B 171 4.60 9.24 -9.68
C GLU B 171 4.71 8.48 -8.38
N ASN B 172 5.38 7.35 -8.38
CA ASN B 172 5.60 6.57 -7.18
C ASN B 172 6.75 7.30 -6.35
N ALA B 173 6.64 8.62 -5.99
CA ALA B 173 7.78 9.42 -5.39
C ALA B 173 7.77 9.70 -3.87
N GLY B 174 6.65 9.48 -3.19
CA GLY B 174 6.53 9.71 -1.76
C GLY B 174 7.39 8.76 -0.89
N GLY B 175 7.52 7.51 -1.34
CA GLY B 175 8.25 6.48 -0.62
C GLY B 175 7.69 6.03 0.70
N ASP B 176 8.53 5.43 1.56
CA ASP B 176 8.11 4.83 2.82
C ASP B 176 9.30 4.68 3.80
N TYR B 177 9.02 4.18 5.02
CA TYR B 177 9.92 4.22 6.17
C TYR B 177 11.32 3.58 5.93
N TYR B 178 11.38 2.64 4.99
CA TYR B 178 12.58 1.86 4.70
C TYR B 178 13.35 2.31 3.47
N TRP B 179 12.84 3.33 2.74
CA TRP B 179 13.54 3.81 1.56
C TRP B 179 14.84 4.56 2.00
N THR B 180 15.92 4.34 1.26
CA THR B 180 17.26 4.98 1.53
C THR B 180 18.23 4.88 0.34
N PHE B 181 19.07 5.91 0.23
CA PHE B 181 20.19 5.91 -0.69
C PHE B 181 21.30 4.89 -0.30
N PHE B 182 21.33 4.44 0.97
CA PHE B 182 22.46 3.58 1.49
C PHE B 182 21.90 2.50 2.45
N PRO B 183 21.15 1.51 1.91
CA PRO B 183 20.86 0.34 2.71
C PRO B 183 22.12 -0.56 2.71
N GLN B 184 22.30 -1.40 3.75
CA GLN B 184 23.44 -2.36 3.77
C GLN B 184 23.05 -3.59 4.62
N PRO B 185 23.39 -4.83 4.16
CA PRO B 185 23.05 -6.07 4.88
C PRO B 185 23.99 -6.38 6.05
N THR B 186 24.00 -5.49 7.03
CA THR B 186 24.92 -5.53 8.18
C THR B 186 24.18 -4.97 9.39
N PHE B 187 24.18 -5.69 10.53
CA PHE B 187 23.53 -5.19 11.75
C PHE B 187 24.26 -5.57 13.03
N VAL B 188 23.92 -4.82 14.10
CA VAL B 188 24.42 -5.05 15.44
C VAL B 188 23.28 -5.40 16.39
N SER B 189 23.44 -6.46 17.19
CA SER B 189 22.49 -6.87 18.22
C SER B 189 22.98 -6.46 19.60
N THR B 190 22.04 -6.21 20.52
CA THR B 190 22.44 -5.96 21.93
C THR B 190 22.86 -7.24 22.68
N GLN B 191 22.88 -8.40 22.03
CA GLN B 191 23.65 -9.55 22.54
C GLN B 191 25.13 -9.37 22.25
N LYS B 192 25.51 -8.18 21.74
CA LYS B 192 26.89 -7.81 21.48
C LYS B 192 27.59 -8.66 20.43
N TYR B 193 26.94 -8.74 19.27
CA TYR B 193 27.61 -9.25 18.06
C TYR B 193 27.23 -8.42 16.84
N TYR B 194 28.03 -8.52 15.79
CA TYR B 194 27.62 -8.03 14.44
C TYR B 194 27.36 -9.20 13.51
N CYS B 195 26.47 -9.02 12.51
CA CYS B 195 26.25 -9.95 11.42
C CYS B 195 26.44 -9.17 10.11
N HIS B 196 27.27 -9.67 9.23
CA HIS B 196 27.57 -9.04 7.90
C HIS B 196 27.33 -10.06 6.84
N VAL B 197 26.50 -9.70 5.85
CA VAL B 197 26.19 -10.60 4.74
C VAL B 197 26.90 -10.13 3.48
N ASP B 198 27.62 -11.02 2.80
CA ASP B 198 28.39 -10.57 1.58
C ASP B 198 27.60 -10.29 0.31
N ASN B 199 26.39 -10.83 0.19
CA ASN B 199 25.59 -10.69 -1.01
C ASN B 199 25.20 -9.23 -1.30
N SER B 200 24.96 -8.92 -2.59
CA SER B 200 24.34 -7.65 -3.02
C SER B 200 22.98 -7.81 -3.76
N CYS B 201 22.41 -9.02 -3.81
CA CYS B 201 21.06 -9.25 -4.33
C CYS B 201 20.05 -8.50 -3.46
N TYR B 202 18.80 -8.43 -3.92
CA TYR B 202 17.72 -7.95 -3.08
C TYR B 202 17.63 -8.86 -1.82
N MET B 203 17.44 -8.25 -0.66
CA MET B 203 17.24 -8.91 0.61
C MET B 203 16.19 -8.16 1.44
N ASN B 204 15.57 -8.86 2.39
CA ASN B 204 14.67 -8.26 3.38
C ASN B 204 15.04 -8.81 4.74
N PHE B 205 15.44 -7.94 5.67
CA PHE B 205 15.86 -8.35 7.00
C PHE B 205 14.69 -8.02 7.92
N ASP B 206 14.08 -9.05 8.50
CA ASP B 206 12.84 -8.93 9.29
C ASP B 206 13.13 -9.13 10.77
N PHE B 207 13.00 -8.06 11.54
CA PHE B 207 13.32 -8.04 12.97
C PHE B 207 12.01 -7.94 13.81
N SER B 208 10.89 -8.40 13.23
CA SER B 208 9.59 -8.27 13.91
CA SER B 208 9.54 -8.33 13.82
C SER B 208 9.24 -9.40 14.89
N ALA B 209 9.70 -10.65 14.68
CA ALA B 209 9.34 -11.72 15.62
C ALA B 209 10.11 -11.72 16.93
N PRO B 210 9.42 -11.93 18.08
CA PRO B 210 10.21 -11.88 19.34
C PRO B 210 11.29 -12.92 19.50
N GLU B 211 11.09 -14.11 18.91
CA GLU B 211 12.03 -15.23 19.12
C GLU B 211 13.07 -15.48 18.01
N TYR B 212 12.99 -14.77 16.90
CA TYR B 212 13.99 -14.95 15.82
C TYR B 212 14.03 -13.76 14.87
N HIS B 213 15.18 -13.59 14.21
CA HIS B 213 15.33 -12.66 13.07
C HIS B 213 15.24 -13.50 11.82
N GLU B 214 14.59 -13.01 10.77
CA GLU B 214 14.47 -13.76 9.49
C GLU B 214 15.04 -12.97 8.35
N LEU B 215 16.04 -13.58 7.69
CA LEU B 215 16.78 -12.97 6.60
C LEU B 215 16.36 -13.64 5.29
N ALA B 216 15.76 -12.88 4.39
CA ALA B 216 15.30 -13.39 3.07
C ALA B 216 16.25 -12.86 2.00
N LEU B 217 16.78 -13.78 1.18
CA LEU B 217 17.66 -13.45 0.07
C LEU B 217 17.11 -13.87 -1.27
N TRP B 218 17.30 -13.00 -2.29
CA TRP B 218 16.91 -13.37 -3.67
C TRP B 218 18.14 -13.94 -4.41
N GLU B 219 18.65 -15.04 -3.90
CA GLU B 219 19.78 -15.69 -4.52
C GLU B 219 19.84 -17.17 -4.08
N ASP B 220 20.64 -17.98 -4.78
CA ASP B 220 20.83 -19.42 -4.49
C ASP B 220 21.95 -19.72 -3.48
N LYS B 221 22.64 -18.70 -2.99
CA LYS B 221 23.72 -18.89 -2.00
C LYS B 221 23.82 -17.65 -1.15
N ALA B 222 24.48 -17.84 -0.02
CA ALA B 222 24.63 -16.78 0.99
C ALA B 222 25.91 -16.97 1.80
N THR B 223 26.58 -15.87 2.13
CA THR B 223 27.67 -15.90 3.07
C THR B 223 27.49 -14.85 4.17
N LEU B 224 27.60 -15.30 5.42
CA LEU B 224 27.43 -14.46 6.63
C LEU B 224 28.64 -14.61 7.52
N ARG B 225 29.13 -13.48 8.05
CA ARG B 225 30.21 -13.44 9.02
C ARG B 225 29.68 -12.76 10.31
N PHE B 226 30.12 -13.28 11.44
CA PHE B 226 29.81 -12.72 12.78
C PHE B 226 31.09 -12.56 13.63
N GLU B 227 31.13 -11.57 14.52
CA GLU B 227 32.08 -11.57 15.65
C GLU B 227 31.30 -11.02 16.86
N CYS B 228 31.80 -11.38 18.04
CA CYS B 228 31.29 -10.84 19.33
C CYS B 228 32.33 -9.93 19.93
N ALA B 229 31.92 -9.16 20.95
CA ALA B 229 32.87 -8.38 21.71
C ALA B 229 32.22 -8.07 23.08
N ASP B 230 33.04 -7.58 24.01
CA ASP B 230 32.58 -7.25 25.38
C ASP B 230 32.01 -5.85 25.52
N THR B 231 32.35 -4.94 24.59
CA THR B 231 31.75 -3.60 24.56
C THR B 231 31.32 -3.24 23.11
N TYR B 232 30.37 -2.30 22.95
CA TYR B 232 30.04 -1.76 21.60
C TYR B 232 31.24 -1.08 20.89
N ILE B 233 32.05 -0.32 21.65
CA ILE B 233 33.25 0.31 21.14
C ILE B 233 34.24 -0.69 20.53
N SER B 234 34.46 -1.76 21.25
CA SER B 234 35.28 -2.87 20.74
C SER B 234 34.63 -3.55 19.52
N LEU B 235 33.31 -3.73 19.54
CA LEU B 235 32.62 -4.34 18.38
C LEU B 235 32.77 -3.48 17.09
N LEU B 236 32.69 -2.15 17.23
CA LEU B 236 32.90 -1.21 16.10
C LEU B 236 34.35 -1.23 15.54
N GLU B 237 35.34 -1.32 16.44
CA GLU B 237 36.72 -1.57 16.01
C GLU B 237 36.83 -2.82 15.18
N LYS B 238 36.20 -3.93 15.62
CA LYS B 238 36.19 -5.14 14.82
C LYS B 238 35.45 -5.06 13.47
N LEU B 239 34.26 -4.42 13.49
CA LEU B 239 33.46 -4.28 12.28
C LEU B 239 34.20 -3.46 11.21
N THR B 240 34.82 -2.37 11.62
CA THR B 240 35.61 -1.53 10.73
C THR B 240 36.95 -2.15 10.28
N ALA B 241 37.51 -3.09 11.05
CA ALA B 241 38.67 -3.85 10.60
C ALA B 241 38.19 -4.75 9.47
N LEU B 242 36.95 -5.25 9.51
CA LEU B 242 36.42 -6.01 8.36
C LEU B 242 36.02 -5.18 7.11
N LEU B 243 35.30 -4.07 7.31
CA LEU B 243 34.70 -3.29 6.19
C LEU B 243 35.55 -2.12 5.65
N GLY B 244 36.38 -1.55 6.53
CA GLY B 244 37.19 -0.35 6.24
C GLY B 244 37.05 0.77 7.26
N ARG B 245 38.06 1.64 7.30
CA ARG B 245 38.04 2.87 8.07
C ARG B 245 38.31 4.06 7.17
N GLN B 246 37.82 5.20 7.57
CA GLN B 246 37.90 6.40 6.76
C GLN B 246 39.20 7.13 7.02
N PRO B 247 39.64 7.97 6.05
CA PRO B 247 40.80 8.80 6.31
C PRO B 247 40.52 9.90 7.29
N GLU B 248 41.58 10.50 7.87
CA GLU B 248 41.46 11.78 8.54
C GLU B 248 40.99 12.83 7.51
N LEU B 249 40.18 13.75 7.98
CA LEU B 249 39.69 14.84 7.16
C LEU B 249 40.81 15.89 6.95
N PRO B 250 40.77 16.63 5.81
CA PRO B 250 41.65 17.79 5.68
C PRO B 250 41.46 18.81 6.77
N ASP B 251 42.56 19.45 7.18
CA ASP B 251 42.52 20.41 8.26
C ASP B 251 41.62 21.65 8.06
N TRP B 252 41.43 22.06 6.81
CA TRP B 252 40.59 23.25 6.50
C TRP B 252 39.09 22.99 6.64
N ILE B 253 38.68 21.73 6.71
CA ILE B 253 37.22 21.41 7.01
C ILE B 253 36.79 22.04 8.36
N TYR B 254 37.73 22.19 9.29
CA TYR B 254 37.42 22.68 10.64
C TYR B 254 37.38 24.18 10.73
N ASP B 255 37.72 24.86 9.63
CA ASP B 255 37.93 26.31 9.66
C ASP B 255 36.75 27.19 9.32
N GLY B 256 35.60 26.62 8.99
CA GLY B 256 34.40 27.49 8.89
C GLY B 256 33.32 26.77 8.08
N VAL B 257 32.39 27.56 7.52
CA VAL B 257 31.26 27.10 6.68
C VAL B 257 31.61 27.13 5.21
N THR B 258 31.15 26.10 4.50
CA THR B 258 31.30 26.04 3.02
C THR B 258 29.96 26.57 2.46
N LEU B 259 30.04 27.66 1.69
CA LEU B 259 28.83 28.34 1.19
C LEU B 259 28.40 27.71 -0.13
N GLY B 260 27.16 27.23 -0.17
CA GLY B 260 26.54 26.74 -1.42
C GLY B 260 26.00 27.94 -2.21
N ILE B 261 26.54 28.11 -3.41
CA ILE B 261 26.25 29.26 -4.28
C ILE B 261 26.18 28.78 -5.74
N GLN B 262 25.24 29.33 -6.49
CA GLN B 262 25.15 29.15 -7.94
C GLN B 262 25.00 30.56 -8.59
N GLY B 263 25.37 30.66 -9.87
CA GLY B 263 25.19 31.89 -10.67
C GLY B 263 26.44 32.50 -11.29
N GLY B 264 27.61 31.90 -11.07
CA GLY B 264 28.83 32.26 -11.79
C GLY B 264 29.87 32.96 -10.89
N THR B 265 30.98 33.31 -11.52
CA THR B 265 32.18 33.79 -10.77
C THR B 265 31.91 35.00 -9.87
N GLU B 266 31.20 35.96 -10.40
CA GLU B 266 30.91 37.22 -9.71
C GLU B 266 29.93 37.07 -8.55
N VAL B 267 28.88 36.27 -8.76
CA VAL B 267 27.89 36.01 -7.68
C VAL B 267 28.60 35.34 -6.46
N CYS B 268 29.48 34.36 -6.76
CA CYS B 268 30.25 33.70 -5.71
C CYS B 268 31.12 34.71 -4.93
N GLN B 269 31.88 35.54 -5.66
CA GLN B 269 32.74 36.59 -5.05
C GLN B 269 31.95 37.55 -4.15
N LYS B 270 30.78 37.96 -4.60
CA LYS B 270 29.99 38.97 -3.89
C LYS B 270 29.43 38.45 -2.57
N LYS B 271 28.91 37.23 -2.61
CA LYS B 271 28.37 36.62 -1.42
C LYS B 271 29.48 36.24 -0.44
N LEU B 272 30.63 35.78 -0.94
CA LEU B 272 31.81 35.53 -0.11
C LEU B 272 32.19 36.76 0.70
N ASP B 273 32.38 37.88 -0.01
CA ASP B 273 32.77 39.13 0.65
C ASP B 273 31.74 39.59 1.69
N THR B 274 30.45 39.48 1.36
CA THR B 274 29.38 39.86 2.30
C THR B 274 29.49 39.11 3.64
N MET B 275 29.74 37.81 3.56
CA MET B 275 29.80 37.01 4.77
C MET B 275 31.12 37.24 5.54
N ARG B 276 32.25 37.19 4.82
CA ARG B 276 33.56 37.40 5.48
C ARG B 276 33.59 38.75 6.19
N ASN B 277 33.14 39.81 5.49
CA ASN B 277 33.23 41.20 6.01
C ASN B 277 32.32 41.37 7.23
N ALA B 278 31.31 40.49 7.38
CA ALA B 278 30.43 40.57 8.52
C ALA B 278 30.85 39.64 9.66
N GLY B 279 32.08 39.10 9.64
CA GLY B 279 32.55 38.24 10.74
C GLY B 279 32.28 36.73 10.62
N VAL B 280 31.77 36.25 9.50
CA VAL B 280 31.50 34.80 9.34
C VAL B 280 32.79 34.06 9.01
N LYS B 281 33.08 32.91 9.67
CA LYS B 281 34.22 32.08 9.33
C LYS B 281 33.85 31.21 8.13
N VAL B 282 34.46 31.49 6.97
CA VAL B 282 34.14 30.80 5.71
C VAL B 282 35.37 30.06 5.23
N ASN B 283 35.25 28.74 5.03
CA ASN B 283 36.35 27.93 4.55
C ASN B 283 36.30 27.57 3.07
N GLY B 284 35.17 27.87 2.41
CA GLY B 284 34.94 27.36 1.04
C GLY B 284 33.71 27.90 0.33
N ILE B 285 33.76 27.78 -0.99
CA ILE B 285 32.61 27.95 -1.87
C ILE B 285 32.31 26.62 -2.59
N TRP B 286 31.05 26.14 -2.52
CA TRP B 286 30.62 24.95 -3.23
C TRP B 286 29.60 25.39 -4.33
N ALA B 287 30.00 25.23 -5.59
CA ALA B 287 29.21 25.69 -6.77
C ALA B 287 28.93 24.54 -7.68
N GLN B 288 27.74 23.94 -7.49
CA GLN B 288 27.40 22.73 -8.27
C GLN B 288 27.25 23.00 -9.79
N ASP B 289 26.94 24.26 -10.14
CA ASP B 289 26.82 24.70 -11.56
C ASP B 289 28.13 25.11 -12.24
N TRP B 290 29.28 24.70 -11.70
CA TRP B 290 30.57 24.91 -12.35
C TRP B 290 30.60 24.40 -13.83
N SER B 291 29.74 23.43 -14.16
CA SER B 291 29.70 22.82 -15.50
C SER B 291 28.53 23.32 -16.33
N GLY B 292 27.79 24.31 -15.81
CA GLY B 292 26.55 24.75 -16.45
C GLY B 292 25.31 24.29 -15.74
N ILE B 293 24.17 24.81 -16.19
CA ILE B 293 22.82 24.59 -15.63
C ILE B 293 21.89 23.88 -16.64
N ARG B 294 20.87 23.20 -16.11
CA ARG B 294 19.67 22.75 -16.87
C ARG B 294 18.42 23.12 -16.10
N MET B 295 17.58 23.98 -16.66
CA MET B 295 16.30 24.32 -16.03
C MET B 295 15.28 23.27 -16.45
N THR B 296 14.47 22.78 -15.48
CA THR B 296 13.42 21.81 -15.72
C THR B 296 12.25 22.21 -14.85
N SER B 297 11.14 21.49 -14.94
CA SER B 297 10.02 21.83 -14.06
C SER B 297 10.32 21.56 -12.55
N PHE B 298 11.34 20.75 -12.25
CA PHE B 298 11.75 20.54 -10.85
C PHE B 298 12.37 21.83 -10.26
N GLY B 299 13.13 22.53 -11.11
CA GLY B 299 13.74 23.82 -10.77
C GLY B 299 15.08 23.91 -11.42
N LYS B 300 16.04 24.47 -10.72
CA LYS B 300 17.37 24.62 -11.29
C LYS B 300 18.31 23.45 -10.98
N ARG B 301 18.72 22.77 -12.04
CA ARG B 301 19.58 21.59 -11.97
C ARG B 301 20.94 21.79 -12.65
N VAL B 302 21.83 20.81 -12.50
CA VAL B 302 23.15 20.92 -13.06
C VAL B 302 23.14 20.35 -14.50
N MET B 303 24.03 20.86 -15.34
CA MET B 303 24.28 20.30 -16.69
C MET B 303 25.27 19.15 -16.54
N TRP B 304 24.84 17.93 -16.80
CA TRP B 304 25.65 16.75 -16.53
C TRP B 304 26.69 16.49 -17.62
N ASN B 305 27.70 17.39 -17.71
CA ASN B 305 28.88 17.17 -18.55
C ASN B 305 30.07 17.71 -17.77
N TRP B 306 31.01 16.84 -17.38
CA TRP B 306 31.95 17.15 -16.27
C TRP B 306 33.23 17.90 -16.72
N LYS B 307 32.97 19.12 -17.23
CA LYS B 307 34.02 20.02 -17.73
C LYS B 307 33.63 21.44 -17.32
N TRP B 308 34.62 22.21 -16.88
CA TRP B 308 34.41 23.61 -16.48
C TRP B 308 33.78 24.42 -17.66
N ASN B 309 32.68 25.10 -17.38
CA ASN B 309 32.03 25.94 -18.34
C ASN B 309 32.46 27.41 -18.11
N SER B 310 33.28 27.91 -19.05
CA SER B 310 33.91 29.25 -18.96
C SER B 310 32.98 30.40 -19.28
N GLU B 311 31.83 30.12 -19.89
CA GLU B 311 30.73 31.10 -20.03
C GLU B 311 30.00 31.41 -18.69
N ASN B 312 29.72 30.39 -17.89
CA ASN B 312 29.03 30.57 -16.57
C ASN B 312 30.08 31.01 -15.52
N TYR B 313 31.26 30.36 -15.56
CA TYR B 313 32.41 30.63 -14.66
C TYR B 313 33.69 31.21 -15.33
N PRO B 314 33.57 32.46 -15.86
CA PRO B 314 34.78 33.11 -16.45
C PRO B 314 35.96 33.26 -15.47
N GLN B 315 37.16 32.94 -15.94
CA GLN B 315 38.43 33.06 -15.18
C GLN B 315 38.47 32.25 -13.84
N LEU B 316 37.63 31.20 -13.77
CA LEU B 316 37.57 30.35 -12.58
C LEU B 316 38.95 29.82 -12.18
N ASP B 317 39.76 29.38 -13.17
CA ASP B 317 41.12 28.85 -12.92
C ASP B 317 42.06 29.84 -12.15
N SER B 318 42.08 31.10 -12.56
CA SER B 318 42.86 32.11 -11.84
C SER B 318 42.18 32.52 -10.53
N ARG B 319 40.86 32.62 -10.54
CA ARG B 319 40.15 33.03 -9.33
C ARG B 319 40.30 31.97 -8.18
N ILE B 320 40.42 30.68 -8.52
CA ILE B 320 40.64 29.63 -7.49
C ILE B 320 41.98 29.87 -6.75
N LYS B 321 43.02 30.20 -7.53
CA LYS B 321 44.33 30.54 -6.96
C LYS B 321 44.30 31.71 -5.98
N GLN B 322 43.54 32.77 -6.29
CA GLN B 322 43.33 33.89 -5.36
C GLN B 322 42.57 33.47 -4.09
N TRP B 323 41.45 32.77 -4.28
CA TRP B 323 40.67 32.27 -3.13
C TRP B 323 41.50 31.42 -2.18
N ASN B 324 42.28 30.50 -2.73
CA ASN B 324 43.19 29.67 -1.94
C ASN B 324 44.21 30.50 -1.13
N GLN B 325 44.76 31.58 -1.72
CA GLN B 325 45.70 32.46 -1.00
C GLN B 325 44.99 33.17 0.12
N GLU B 326 43.68 33.41 0.00
CA GLU B 326 42.86 33.97 1.13
C GLU B 326 42.27 32.91 2.11
N GLY B 327 42.71 31.64 2.04
CA GLY B 327 42.21 30.57 2.92
C GLY B 327 40.83 30.02 2.56
N VAL B 328 40.44 30.07 1.28
CA VAL B 328 39.10 29.63 0.84
C VAL B 328 39.28 28.58 -0.26
N GLN B 329 38.65 27.42 -0.08
CA GLN B 329 38.69 26.36 -1.07
C GLN B 329 37.48 26.46 -2.07
N PHE B 330 37.65 25.85 -3.25
CA PHE B 330 36.58 25.72 -4.24
C PHE B 330 36.17 24.26 -4.44
N LEU B 331 34.87 24.00 -4.29
CA LEU B 331 34.30 22.66 -4.45
C LEU B 331 33.25 22.60 -5.56
N ALA B 332 33.25 21.49 -6.30
CA ALA B 332 32.44 21.31 -7.47
C ALA B 332 31.41 20.15 -7.31
N TYR B 333 31.07 19.47 -8.41
CA TYR B 333 29.97 18.49 -8.46
C TYR B 333 30.27 17.50 -9.58
N ILE B 334 30.15 16.19 -9.29
CA ILE B 334 30.12 15.13 -10.33
C ILE B 334 29.16 13.97 -9.91
N ASN B 335 28.63 13.24 -10.91
CA ASN B 335 27.91 11.96 -10.70
C ASN B 335 28.38 10.97 -11.78
N PRO B 336 28.01 9.68 -11.65
CA PRO B 336 28.57 8.66 -12.61
C PRO B 336 27.72 8.45 -13.90
N TYR B 337 26.85 9.42 -14.20
CA TYR B 337 26.05 9.45 -15.43
C TYR B 337 26.47 10.68 -16.33
N VAL B 338 26.05 10.66 -17.60
CA VAL B 338 26.52 11.68 -18.57
C VAL B 338 25.37 12.05 -19.51
N ALA B 339 24.96 13.32 -19.49
CA ALA B 339 23.82 13.80 -20.34
C ALA B 339 24.00 13.42 -21.83
N SER B 340 22.93 12.90 -22.43
CA SER B 340 22.98 12.32 -23.78
C SER B 340 23.19 13.37 -24.90
N ASP B 341 22.88 14.64 -24.61
CA ASP B 341 23.05 15.75 -25.56
C ASP B 341 24.41 16.46 -25.43
N LYS B 342 25.44 15.84 -24.85
CA LYS B 342 26.70 16.54 -24.57
C LYS B 342 27.90 15.66 -24.86
N ASP B 343 29.09 16.27 -24.79
CA ASP B 343 30.35 15.65 -25.26
C ASP B 343 30.81 14.37 -24.60
N LEU B 344 30.75 14.29 -23.26
CA LEU B 344 31.34 13.11 -22.60
C LEU B 344 30.52 11.87 -22.94
N CYS B 345 29.20 12.01 -23.05
CA CYS B 345 28.37 10.85 -23.43
C CYS B 345 28.77 10.31 -24.85
N GLU B 346 28.92 11.25 -25.78
CA GLU B 346 29.33 10.92 -27.16
C GLU B 346 30.68 10.21 -27.18
N GLU B 347 31.66 10.76 -26.45
CA GLU B 347 32.97 10.12 -26.29
C GLU B 347 32.87 8.71 -25.68
N ALA B 348 32.04 8.56 -24.64
CA ALA B 348 31.85 7.21 -24.05
C ALA B 348 31.16 6.24 -25.03
N ALA B 349 30.12 6.68 -25.77
CA ALA B 349 29.51 5.83 -26.84
C ALA B 349 30.54 5.41 -27.89
N GLN B 350 31.42 6.31 -28.31
CA GLN B 350 32.46 6.02 -29.30
C GLN B 350 33.36 4.89 -28.86
N HIS B 351 33.69 4.87 -27.57
CA HIS B 351 34.57 3.84 -27.01
C HIS B 351 33.87 2.56 -26.50
N GLY B 352 32.54 2.57 -26.40
CA GLY B 352 31.78 1.43 -25.87
C GLY B 352 31.84 1.39 -24.32
N TYR B 353 31.84 2.56 -23.69
CA TYR B 353 31.99 2.69 -22.22
C TYR B 353 30.66 2.78 -21.44
N LEU B 354 29.52 2.71 -22.12
CA LEU B 354 28.21 2.87 -21.49
C LEU B 354 27.54 1.52 -21.23
N ALA B 355 26.73 1.42 -20.17
CA ALA B 355 25.89 0.25 -19.95
C ALA B 355 24.99 0.01 -21.18
N LYS B 356 24.76 -1.24 -21.53
CA LYS B 356 23.96 -1.61 -22.69
C LYS B 356 22.57 -2.08 -22.38
N ASP B 357 21.70 -2.04 -23.39
CA ASP B 357 20.37 -2.67 -23.36
C ASP B 357 20.41 -4.10 -23.95
N ALA B 358 19.27 -4.77 -24.02
CA ALA B 358 19.22 -6.18 -24.47
C ALA B 358 19.62 -6.34 -25.94
N SER B 359 19.30 -5.35 -26.76
CA SER B 359 19.68 -5.38 -28.18
C SER B 359 21.15 -4.97 -28.48
N GLY B 360 21.95 -4.69 -27.44
CA GLY B 360 23.34 -4.30 -27.61
C GLY B 360 23.59 -2.80 -27.79
N GLY B 361 22.54 -1.97 -27.86
CA GLY B 361 22.75 -0.51 -27.94
C GLY B 361 23.07 0.13 -26.58
N ASP B 362 23.34 1.43 -26.57
CA ASP B 362 23.64 2.17 -25.32
C ASP B 362 22.34 2.45 -24.57
N TYR B 363 22.25 2.05 -23.29
CA TYR B 363 21.02 2.32 -22.51
C TYR B 363 20.95 3.79 -22.03
N LEU B 364 19.90 4.51 -22.40
CA LEU B 364 19.70 5.89 -21.92
C LEU B 364 18.58 5.91 -20.88
N VAL B 365 18.91 6.38 -19.69
CA VAL B 365 17.96 6.48 -18.57
C VAL B 365 17.31 7.86 -18.60
N GLU B 366 16.03 7.93 -18.26
CA GLU B 366 15.32 9.20 -18.11
C GLU B 366 15.48 9.74 -16.67
N PHE B 367 16.12 10.92 -16.55
CA PHE B 367 16.49 11.50 -15.25
C PHE B 367 15.61 12.66 -14.78
N GLY B 368 14.53 12.95 -15.51
CA GLY B 368 13.61 14.06 -15.18
C GLY B 368 13.65 15.13 -16.28
N GLU B 369 13.00 14.83 -17.41
CA GLU B 369 12.94 15.72 -18.60
C GLU B 369 14.24 15.84 -19.38
N PHE B 370 15.17 14.90 -19.16
CA PHE B 370 16.33 14.71 -20.00
C PHE B 370 16.82 13.28 -19.84
N TYR B 371 17.71 12.86 -20.73
CA TYR B 371 18.28 11.50 -20.74
C TYR B 371 19.78 11.51 -20.50
N GLY B 372 20.29 10.39 -19.95
CA GLY B 372 21.74 10.21 -19.74
C GLY B 372 22.22 8.77 -19.86
N GLY B 373 23.47 8.60 -20.29
CA GLY B 373 24.11 7.29 -20.29
C GLY B 373 24.67 6.97 -18.89
N VAL B 374 24.80 5.67 -18.65
CA VAL B 374 25.42 5.14 -17.42
C VAL B 374 26.83 4.65 -17.72
N VAL B 375 27.84 5.31 -17.13
CA VAL B 375 29.22 4.88 -17.35
C VAL B 375 29.40 3.50 -16.71
N ASP B 376 29.87 2.53 -17.48
CA ASP B 376 29.91 1.15 -17.00
C ASP B 376 31.18 0.95 -16.17
N LEU B 377 31.04 1.11 -14.87
CA LEU B 377 32.18 1.00 -13.94
C LEU B 377 32.67 -0.43 -13.73
N THR B 378 31.97 -1.43 -14.26
CA THR B 378 32.49 -2.80 -14.31
C THR B 378 33.46 -3.03 -15.50
N ASN B 379 33.47 -2.12 -16.49
CA ASN B 379 34.48 -2.17 -17.59
C ASN B 379 35.78 -1.49 -17.12
N PRO B 380 36.88 -2.25 -16.91
CA PRO B 380 38.12 -1.62 -16.33
C PRO B 380 38.66 -0.39 -17.10
N GLU B 381 38.51 -0.41 -18.42
CA GLU B 381 38.93 0.69 -19.28
C GLU B 381 38.04 1.94 -19.10
N ALA B 382 36.73 1.74 -19.01
CA ALA B 382 35.77 2.84 -18.74
C ALA B 382 35.94 3.46 -17.34
N TYR B 383 36.19 2.60 -16.36
CA TYR B 383 36.45 3.00 -14.97
C TYR B 383 37.75 3.83 -14.94
N ALA B 384 38.81 3.34 -15.64
CA ALA B 384 40.08 4.13 -15.80
C ALA B 384 39.88 5.49 -16.50
N TRP B 385 39.10 5.47 -17.57
CA TRP B 385 38.76 6.69 -18.31
C TRP B 385 38.05 7.74 -17.42
N PHE B 386 37.04 7.28 -16.67
CA PHE B 386 36.26 8.22 -15.81
C PHE B 386 37.07 8.78 -14.65
N LYS B 387 37.93 7.96 -14.07
CA LYS B 387 38.93 8.44 -13.09
C LYS B 387 39.89 9.50 -13.66
N GLU B 388 40.35 9.31 -14.90
CA GLU B 388 41.11 10.40 -15.61
C GLU B 388 40.30 11.67 -15.82
N VAL B 389 39.00 11.58 -16.12
CA VAL B 389 38.12 12.76 -16.21
C VAL B 389 38.17 13.56 -14.88
N ILE B 390 38.12 12.86 -13.74
CA ILE B 390 38.14 13.52 -12.43
C ILE B 390 39.48 14.23 -12.22
N LYS B 391 40.58 13.52 -12.51
CA LYS B 391 41.92 14.04 -12.27
C LYS B 391 42.19 15.27 -13.15
N LYS B 392 41.83 15.15 -14.43
CA LYS B 392 42.18 16.19 -15.43
C LYS B 392 41.22 17.40 -15.35
N ASN B 393 39.90 17.16 -15.19
CA ASN B 393 38.91 18.26 -15.17
C ASN B 393 38.58 18.86 -13.82
N MET B 394 38.91 18.18 -12.71
CA MET B 394 38.59 18.71 -11.38
C MET B 394 39.87 18.88 -10.53
N ILE B 395 40.71 17.85 -10.42
CA ILE B 395 41.89 17.94 -9.55
C ILE B 395 42.86 18.97 -10.17
N GLU B 396 43.14 18.84 -11.46
CA GLU B 396 44.09 19.76 -12.12
C GLU B 396 43.59 21.18 -12.24
N LEU B 397 42.28 21.37 -12.25
CA LEU B 397 41.69 22.69 -12.19
C LEU B 397 41.90 23.38 -10.85
N GLY B 398 42.21 22.60 -9.80
CA GLY B 398 42.44 23.15 -8.45
C GLY B 398 41.26 23.06 -7.48
N CYS B 399 40.29 22.17 -7.79
CA CYS B 399 39.17 21.98 -6.85
C CYS B 399 39.71 21.38 -5.54
N GLY B 400 39.31 21.94 -4.38
CA GLY B 400 39.62 21.28 -3.08
C GLY B 400 38.68 20.12 -2.65
N GLY B 401 37.65 19.83 -3.47
CA GLY B 401 36.63 18.83 -3.15
C GLY B 401 35.42 18.95 -4.07
N TRP B 402 34.44 18.11 -3.84
CA TRP B 402 33.21 18.08 -4.64
C TRP B 402 32.13 17.15 -4.00
N MET B 403 30.88 17.44 -4.31
CA MET B 403 29.76 16.48 -4.16
C MET B 403 29.93 15.37 -5.18
N ALA B 404 30.00 14.12 -4.70
CA ALA B 404 30.02 12.94 -5.56
C ALA B 404 28.66 12.22 -5.40
N ASP B 405 27.73 12.57 -6.27
CA ASP B 405 26.30 12.34 -6.09
C ASP B 405 25.80 11.06 -6.72
N PHE B 406 24.54 10.68 -6.41
CA PHE B 406 23.82 9.56 -7.02
C PHE B 406 24.54 8.20 -6.80
N GLY B 407 24.29 7.24 -7.68
CA GLY B 407 24.59 5.82 -7.47
C GLY B 407 23.44 4.88 -7.30
N GLU B 408 22.20 5.36 -7.27
CA GLU B 408 21.02 4.55 -6.91
C GLU B 408 20.14 4.13 -8.10
N TYR B 409 20.48 4.56 -9.31
CA TYR B 409 19.55 4.50 -10.48
C TYR B 409 19.80 3.36 -11.48
N LEU B 410 20.67 2.37 -11.20
CA LEU B 410 20.93 1.31 -12.20
C LEU B 410 19.66 0.43 -12.45
N PRO B 411 19.15 0.42 -13.69
CA PRO B 411 17.97 -0.41 -13.98
C PRO B 411 18.31 -1.87 -14.03
N THR B 412 17.32 -2.71 -13.73
CA THR B 412 17.56 -4.15 -13.72
C THR B 412 17.60 -4.74 -15.13
N ASP B 413 17.23 -3.99 -16.17
CA ASP B 413 17.33 -4.46 -17.55
C ASP B 413 18.53 -3.85 -18.33
N THR B 414 19.58 -3.39 -17.61
CA THR B 414 20.86 -3.09 -18.22
C THR B 414 21.70 -4.34 -18.28
N TYR B 415 22.70 -4.32 -19.16
CA TYR B 415 23.68 -5.39 -19.35
C TYR B 415 25.07 -4.84 -19.22
N LEU B 416 25.90 -5.51 -18.43
CA LEU B 416 27.16 -4.93 -17.96
C LEU B 416 28.33 -5.72 -18.49
N HIS B 417 29.46 -5.02 -18.61
CA HIS B 417 30.71 -5.57 -19.17
C HIS B 417 31.23 -6.80 -18.43
N ASN B 418 31.04 -6.84 -17.13
CA ASN B 418 31.51 -7.99 -16.33
C ASN B 418 30.62 -9.21 -16.46
N GLY B 419 29.50 -9.14 -17.17
CA GLY B 419 28.68 -10.34 -17.31
C GLY B 419 27.80 -10.65 -16.11
N VAL B 420 27.82 -9.81 -15.05
CA VAL B 420 26.97 -10.05 -13.85
C VAL B 420 25.63 -9.35 -14.03
N SER B 421 24.55 -10.04 -13.66
CA SER B 421 23.21 -9.51 -13.69
C SER B 421 23.09 -8.15 -13.01
N ALA B 422 22.30 -7.26 -13.63
CA ALA B 422 22.02 -5.95 -13.08
C ALA B 422 21.20 -6.07 -11.76
N GLU B 423 20.51 -7.20 -11.57
CA GLU B 423 19.82 -7.50 -10.30
C GLU B 423 20.79 -7.68 -9.10
N ILE B 424 22.03 -8.00 -9.41
CA ILE B 424 23.13 -8.11 -8.45
C ILE B 424 24.01 -6.86 -8.41
N MET B 425 24.32 -6.25 -9.56
CA MET B 425 25.20 -5.07 -9.56
C MET B 425 24.48 -3.80 -9.08
N HIS B 426 23.16 -3.72 -9.20
CA HIS B 426 22.42 -2.50 -8.78
C HIS B 426 22.85 -2.00 -7.35
N ASN B 427 22.82 -2.89 -6.36
CA ASN B 427 23.17 -2.48 -4.97
C ASN B 427 24.67 -2.28 -4.78
N ALA B 428 25.50 -2.86 -5.64
CA ALA B 428 26.97 -2.72 -5.52
C ALA B 428 27.52 -1.42 -6.16
N TRP B 429 26.68 -0.70 -6.90
CA TRP B 429 27.16 0.46 -7.66
C TRP B 429 27.68 1.60 -6.81
N PRO B 430 27.02 1.92 -5.66
CA PRO B 430 27.56 3.05 -4.91
C PRO B 430 29.03 2.94 -4.44
N ALA B 431 29.46 1.82 -3.89
CA ALA B 431 30.85 1.68 -3.44
C ALA B 431 31.84 1.62 -4.62
N LEU B 432 31.39 1.12 -5.76
CA LEU B 432 32.23 1.12 -7.01
C LEU B 432 32.50 2.55 -7.40
N TRP B 433 31.46 3.38 -7.35
CA TRP B 433 31.56 4.82 -7.60
C TRP B 433 32.45 5.49 -6.55
N ALA B 434 32.31 5.11 -5.26
CA ALA B 434 33.14 5.70 -4.22
C ALA B 434 34.62 5.34 -4.50
N LYS B 435 34.88 4.10 -4.86
CA LYS B 435 36.25 3.66 -5.12
C LYS B 435 36.90 4.48 -6.27
N CYS B 436 36.11 4.82 -7.28
CA CYS B 436 36.60 5.63 -8.41
C CYS B 436 37.10 7.01 -7.92
N ASN B 437 36.31 7.66 -7.09
CA ASN B 437 36.75 8.91 -6.44
C ASN B 437 37.95 8.76 -5.52
N TYR B 438 37.93 7.75 -4.64
CA TYR B 438 39.05 7.52 -3.72
C TYR B 438 40.39 7.32 -4.45
N GLU B 439 40.38 6.46 -5.46
CA GLU B 439 41.57 6.21 -6.25
C GLU B 439 42.05 7.45 -7.05
N ALA B 440 41.14 8.32 -7.51
CA ALA B 440 41.54 9.59 -8.12
C ALA B 440 42.43 10.38 -7.19
N LEU B 441 41.98 10.50 -5.93
CA LEU B 441 42.76 11.13 -4.90
C LEU B 441 44.06 10.36 -4.56
N GLU B 442 43.99 9.05 -4.43
CA GLU B 442 45.14 8.27 -4.05
C GLU B 442 46.25 8.40 -5.13
N GLU B 443 45.88 8.38 -6.40
CA GLU B 443 46.86 8.43 -7.50
C GLU B 443 47.48 9.80 -7.69
N THR B 444 46.84 10.85 -7.22
CA THR B 444 47.41 12.20 -7.28
C THR B 444 48.01 12.70 -5.97
N GLY B 445 48.19 11.81 -4.99
CA GLY B 445 48.62 12.18 -3.63
C GLY B 445 47.78 13.20 -2.89
N LYS B 446 46.44 13.17 -3.07
CA LYS B 446 45.56 14.18 -2.43
C LYS B 446 44.67 13.72 -1.23
N LEU B 447 44.82 12.47 -0.80
CA LEU B 447 44.12 11.97 0.42
C LEU B 447 44.53 12.80 1.60
N GLY B 448 43.56 13.30 2.37
CA GLY B 448 43.86 14.21 3.48
C GLY B 448 43.98 15.65 3.08
N GLU B 449 43.86 15.95 1.77
CA GLU B 449 43.89 17.33 1.32
C GLU B 449 42.63 17.75 0.56
N ILE B 450 42.13 16.89 -0.32
CA ILE B 450 40.87 17.05 -1.02
C ILE B 450 39.76 16.26 -0.31
N LEU B 451 38.56 16.82 -0.25
CA LEU B 451 37.41 16.11 0.37
C LEU B 451 36.17 15.96 -0.56
N PHE B 452 35.79 14.73 -0.88
CA PHE B 452 34.51 14.48 -1.56
C PHE B 452 33.47 13.94 -0.58
N PHE B 453 32.20 14.23 -0.89
CA PHE B 453 31.10 13.78 -0.02
C PHE B 453 30.00 13.12 -0.88
N MET B 454 29.49 12.00 -0.35
CA MET B 454 28.52 11.09 -1.01
C MET B 454 27.20 10.95 -0.27
N ARG B 455 26.13 10.61 -1.00
CA ARG B 455 24.83 10.33 -0.34
C ARG B 455 24.48 8.85 -0.38
N ALA B 456 24.87 8.16 -1.47
CA ALA B 456 24.65 6.75 -1.63
C ALA B 456 25.85 5.96 -1.09
N GLY B 457 25.57 4.72 -0.72
CA GLY B 457 26.61 3.81 -0.28
C GLY B 457 26.22 2.36 -0.35
N SER B 458 27.23 1.53 -0.17
CA SER B 458 27.15 0.08 -0.10
C SER B 458 28.41 -0.49 0.56
N THR B 459 28.41 -1.77 0.81
CA THR B 459 29.55 -2.41 1.50
C THR B 459 30.90 -1.99 0.91
N GLY B 460 31.78 -1.43 1.75
CA GLY B 460 33.08 -0.93 1.32
C GLY B 460 33.14 0.60 1.25
N SER B 461 31.99 1.27 1.31
CA SER B 461 31.98 2.75 1.44
C SER B 461 32.66 3.17 2.72
N GLN B 462 32.75 2.25 3.66
CA GLN B 462 33.45 2.51 4.95
C GLN B 462 34.95 2.82 4.71
N LYS B 463 35.53 2.23 3.66
CA LYS B 463 36.91 2.55 3.25
C LYS B 463 36.97 3.73 2.28
N TYR B 464 36.11 3.70 1.27
CA TYR B 464 36.26 4.59 0.08
C TYR B 464 35.56 5.91 0.15
N SER B 465 34.49 6.07 0.94
CA SER B 465 33.88 7.39 1.03
C SER B 465 34.46 8.25 2.15
N THR B 466 35.08 9.39 1.76
CA THR B 466 35.73 10.29 2.70
C THR B 466 34.78 11.05 3.62
N MET B 467 33.52 11.17 3.22
CA MET B 467 32.52 11.86 4.01
C MET B 467 31.09 11.52 3.45
N MET B 468 30.14 11.25 4.36
CA MET B 468 28.69 11.06 3.98
C MET B 468 27.93 12.34 4.28
N TRP B 469 26.96 12.67 3.41
CA TRP B 469 25.94 13.62 3.79
C TRP B 469 24.57 12.90 3.67
N ALA B 470 23.59 13.41 4.41
CA ALA B 470 22.27 12.81 4.57
C ALA B 470 21.33 12.92 3.33
N GLY B 471 21.84 13.32 2.19
CA GLY B 471 21.05 13.46 0.95
C GLY B 471 19.96 14.52 1.06
N ASP B 472 18.82 14.28 0.38
CA ASP B 472 17.72 15.29 0.26
C ASP B 472 16.64 15.16 1.33
N GLN B 473 16.67 16.06 2.32
CA GLN B 473 15.54 16.29 3.25
C GLN B 473 14.62 17.33 2.58
N ASN B 474 13.33 17.26 2.92
CA ASN B 474 12.39 18.37 2.62
C ASN B 474 12.82 19.61 3.42
N VAL B 475 12.44 20.79 2.91
CA VAL B 475 12.64 22.04 3.63
C VAL B 475 11.55 22.23 4.63
N ASP B 476 11.39 21.25 5.53
CA ASP B 476 10.32 21.18 6.49
C ASP B 476 10.70 20.67 7.84
N TRP B 477 9.71 20.59 8.74
CA TRP B 477 9.92 20.07 10.11
C TRP B 477 9.42 18.62 10.34
N SER B 478 9.25 17.82 9.29
CA SER B 478 8.67 16.47 9.51
C SER B 478 9.67 15.54 10.23
N LEU B 479 9.15 14.55 10.95
CA LEU B 479 9.96 13.47 11.52
C LEU B 479 10.66 12.59 10.48
N ASP B 480 9.96 12.25 9.42
CA ASP B 480 10.50 11.28 8.45
C ASP B 480 11.31 11.87 7.32
N ASP B 481 11.18 13.18 6.99
CA ASP B 481 12.00 13.73 5.89
C ASP B 481 12.45 15.20 6.16
N GLY B 482 12.35 15.67 7.39
CA GLY B 482 12.87 17.00 7.79
C GLY B 482 14.17 16.91 8.58
N LEU B 483 14.46 17.99 9.28
CA LEU B 483 15.65 18.11 10.17
C LEU B 483 15.86 16.90 11.10
N ALA B 484 14.83 16.49 11.83
CA ALA B 484 14.91 15.31 12.76
C ALA B 484 15.45 14.00 12.15
N SER B 485 15.07 13.73 10.91
CA SER B 485 15.43 12.50 10.21
C SER B 485 16.96 12.33 10.04
N VAL B 486 17.70 13.43 10.16
CA VAL B 486 19.19 13.38 10.02
C VAL B 486 19.87 12.61 11.20
N VAL B 487 19.29 12.66 12.40
CA VAL B 487 19.90 12.07 13.58
C VAL B 487 19.91 10.51 13.54
N PRO B 488 18.76 9.83 13.26
CA PRO B 488 18.82 8.39 13.03
C PRO B 488 19.72 8.04 11.85
N ALA B 489 19.78 8.90 10.84
CA ALA B 489 20.68 8.64 9.69
C ALA B 489 22.16 8.61 10.10
N ALA B 490 22.57 9.54 10.94
CA ALA B 490 23.97 9.53 11.47
C ALA B 490 24.25 8.33 12.36
N LEU B 491 23.34 8.07 13.28
CA LEU B 491 23.47 6.97 14.26
C LEU B 491 23.49 5.58 13.63
N SER B 492 22.55 5.31 12.73
CA SER B 492 22.50 4.04 12.04
C SER B 492 23.79 3.81 11.25
N LEU B 493 24.31 4.86 10.59
CA LEU B 493 25.56 4.70 9.82
C LEU B 493 26.75 4.46 10.78
N ALA B 494 26.77 5.16 11.92
CA ALA B 494 27.82 4.94 12.93
C ALA B 494 27.88 3.48 13.33
N MET B 495 26.70 2.84 13.43
CA MET B 495 26.62 1.41 13.83
C MET B 495 26.89 0.47 12.66
N THR B 496 27.01 0.99 11.43
CA THR B 496 27.38 0.22 10.24
C THR B 496 28.82 0.61 9.77
N GLY B 497 29.59 1.26 10.64
CA GLY B 497 31.01 1.50 10.38
C GLY B 497 31.40 2.74 9.61
N HIS B 498 30.47 3.69 9.45
CA HIS B 498 30.82 5.02 8.89
C HIS B 498 30.57 6.15 9.90
N GLY B 499 31.64 6.88 10.25
CA GLY B 499 31.66 7.80 11.41
C GLY B 499 31.81 9.27 11.09
N LEU B 500 31.71 9.62 9.77
CA LEU B 500 31.78 11.01 9.32
C LEU B 500 30.49 11.39 8.49
N HIS B 501 29.68 12.26 9.07
CA HIS B 501 28.29 12.55 8.58
C HIS B 501 27.91 14.00 8.75
N HIS B 502 27.40 14.62 7.66
CA HIS B 502 26.81 15.98 7.76
C HIS B 502 25.48 16.04 6.95
N SER B 503 24.82 17.17 7.02
CA SER B 503 23.62 17.45 6.22
C SER B 503 23.64 18.84 5.58
N ASP B 504 22.80 18.99 4.57
CA ASP B 504 22.56 20.32 3.92
C ASP B 504 21.98 21.25 4.99
N ILE B 505 22.67 22.35 5.32
CA ILE B 505 22.11 23.33 6.31
C ILE B 505 20.85 24.03 5.67
N GLY B 506 19.72 23.70 6.25
CA GLY B 506 18.39 24.09 5.75
C GLY B 506 17.58 23.11 4.88
N GLY B 507 18.12 21.93 4.59
CA GLY B 507 17.41 20.98 3.73
C GLY B 507 17.50 21.32 2.24
N TYR B 508 16.88 20.50 1.39
CA TYR B 508 16.98 20.62 -0.08
C TYR B 508 15.64 20.72 -0.86
N THR B 509 14.79 19.71 -0.67
CA THR B 509 13.60 19.51 -1.54
C THR B 509 12.49 20.56 -1.32
N THR B 510 12.25 21.32 -2.39
CA THR B 510 11.37 22.51 -2.37
C THR B 510 10.24 22.26 -3.43
N LEU B 511 9.08 21.86 -2.94
CA LEU B 511 7.93 21.34 -3.75
C LEU B 511 6.62 21.62 -3.05
N PHE B 512 5.52 21.69 -3.84
CA PHE B 512 4.16 21.85 -3.27
C PHE B 512 4.11 23.16 -2.45
N GLU B 513 3.55 23.16 -1.25
CA GLU B 513 3.60 24.31 -0.36
C GLU B 513 4.94 24.42 0.46
N MET B 514 5.95 23.56 0.24
CA MET B 514 7.16 23.60 1.13
C MET B 514 8.14 24.66 0.69
N LYS B 515 8.48 25.56 1.61
CA LYS B 515 9.49 26.60 1.33
C LYS B 515 10.31 26.84 2.58
N ARG B 516 11.62 27.01 2.47
CA ARG B 516 12.45 27.12 3.71
C ARG B 516 12.23 28.47 4.45
N SER B 517 11.77 28.43 5.69
CA SER B 517 11.68 29.64 6.49
C SER B 517 13.08 30.06 7.02
N LYS B 518 13.20 31.33 7.42
CA LYS B 518 14.39 31.79 8.13
C LYS B 518 14.58 30.99 9.44
N GLU B 519 13.50 30.74 10.18
CA GLU B 519 13.61 29.94 11.42
C GLU B 519 14.20 28.51 11.17
N LEU B 520 13.74 27.84 10.12
CA LEU B 520 14.30 26.52 9.78
C LEU B 520 15.81 26.58 9.45
N LEU B 521 16.23 27.54 8.63
CA LEU B 521 17.64 27.74 8.34
C LEU B 521 18.48 27.93 9.62
N LEU B 522 17.99 28.74 10.56
CA LEU B 522 18.79 29.05 11.75
C LEU B 522 18.83 27.88 12.71
N ARG B 523 17.70 27.20 12.89
CA ARG B 523 17.72 25.93 13.70
C ARG B 523 18.61 24.85 13.11
N TRP B 524 18.64 24.75 11.79
CA TRP B 524 19.49 23.73 11.13
C TRP B 524 21.01 24.12 11.29
N CYS B 525 21.29 25.41 11.19
CA CYS B 525 22.65 25.93 11.46
C CYS B 525 23.10 25.60 12.91
N ASP B 526 22.21 25.77 13.89
CA ASP B 526 22.53 25.41 15.27
C ASP B 526 22.94 23.93 15.45
N PHE B 527 22.28 23.06 14.68
CA PHE B 527 22.58 21.61 14.65
C PHE B 527 23.90 21.36 14.00
N SER B 528 24.13 21.87 12.78
CA SER B 528 25.33 21.53 12.03
C SER B 528 26.68 22.00 12.68
N ALA B 529 26.60 23.06 13.49
CA ALA B 529 27.75 23.54 14.23
C ALA B 529 28.25 22.52 15.27
N PHE B 530 27.42 21.48 15.54
CA PHE B 530 27.76 20.34 16.46
C PHE B 530 27.84 19.01 15.73
N THR B 531 28.37 19.10 14.51
CA THR B 531 28.74 17.98 13.64
C THR B 531 30.17 18.24 13.06
N PRO B 532 30.75 17.29 12.31
CA PRO B 532 32.07 17.55 11.80
C PRO B 532 32.19 18.43 10.52
N MET B 533 31.08 18.95 9.96
CA MET B 533 31.19 19.75 8.71
C MET B 533 29.99 20.61 8.54
N MET B 534 30.21 21.89 8.20
CA MET B 534 29.16 22.89 7.98
C MET B 534 29.13 23.26 6.49
N ARG B 535 27.99 22.99 5.80
CA ARG B 535 27.90 23.30 4.37
C ARG B 535 26.46 23.65 4.07
N THR B 536 26.21 24.77 3.36
CA THR B 536 24.82 25.18 3.01
C THR B 536 24.41 24.67 1.63
N HIS B 537 23.10 24.82 1.34
CA HIS B 537 22.50 24.39 0.05
C HIS B 537 21.43 25.43 -0.35
N GLU B 538 21.48 25.94 -1.58
CA GLU B 538 20.34 26.82 -2.04
C GLU B 538 18.95 26.12 -2.15
N GLY B 539 18.96 24.80 -2.41
CA GLY B 539 17.75 24.04 -2.72
C GLY B 539 17.52 23.98 -4.25
N ASN B 540 16.51 23.20 -4.66
CA ASN B 540 16.19 23.03 -6.11
C ASN B 540 15.50 24.29 -6.71
N ARG B 541 14.87 25.11 -5.84
CA ARG B 541 14.17 26.39 -6.24
C ARG B 541 14.71 27.53 -5.35
N PRO B 542 15.88 28.03 -5.70
CA PRO B 542 16.61 28.89 -4.73
C PRO B 542 15.84 30.18 -4.32
N GLY B 543 15.09 30.74 -5.30
CA GLY B 543 14.22 31.90 -5.08
C GLY B 543 13.09 31.70 -4.10
N ASP B 544 12.66 30.46 -3.86
CA ASP B 544 11.61 30.19 -2.86
C ASP B 544 12.08 29.94 -1.41
N ASN B 545 13.38 29.84 -1.23
CA ASN B 545 13.98 29.51 0.08
C ASN B 545 14.78 30.69 0.69
N TRP B 546 14.57 30.93 1.97
CA TRP B 546 15.43 31.82 2.74
C TRP B 546 16.88 31.27 2.71
N GLN B 547 17.82 32.15 2.33
CA GLN B 547 19.25 31.82 2.22
C GLN B 547 20.15 32.47 3.33
N PHE B 548 21.42 32.03 3.41
CA PHE B 548 22.37 32.47 4.46
C PHE B 548 22.60 34.01 4.51
N ASP B 549 22.35 34.70 3.39
CA ASP B 549 22.45 36.16 3.31
C ASP B 549 21.11 36.88 3.23
N GLY B 550 20.04 36.28 3.76
CA GLY B 550 18.68 36.83 3.57
C GLY B 550 18.46 38.15 4.30
N ASP B 551 19.12 38.33 5.45
CA ASP B 551 19.06 39.61 6.18
C ASP B 551 20.20 39.71 7.18
N ALA B 552 20.34 40.90 7.80
CA ALA B 552 21.42 41.17 8.76
C ALA B 552 21.42 40.17 9.93
N GLU B 553 20.25 39.90 10.48
CA GLU B 553 20.15 38.98 11.60
C GLU B 553 20.63 37.53 11.20
N THR B 554 20.26 37.10 9.99
CA THR B 554 20.66 35.78 9.44
C THR B 554 22.19 35.69 9.33
N ILE B 555 22.81 36.70 8.72
CA ILE B 555 24.27 36.79 8.63
C ILE B 555 24.97 36.76 10.01
N ALA B 556 24.41 37.49 10.97
CA ALA B 556 24.94 37.50 12.33
C ALA B 556 24.85 36.12 12.99
N HIS B 557 23.77 35.41 12.71
CA HIS B 557 23.61 34.05 13.31
C HIS B 557 24.68 33.09 12.78
N PHE B 558 24.95 33.16 11.47
CA PHE B 558 26.05 32.41 10.92
C PHE B 558 27.46 32.81 11.50
N ALA B 559 27.69 34.11 11.73
CA ALA B 559 28.95 34.54 12.36
C ALA B 559 29.07 33.94 13.78
N ARG B 560 28.01 33.98 14.57
CA ARG B 560 28.09 33.41 15.91
C ARG B 560 28.35 31.86 15.84
N MET B 561 27.54 31.16 15.06
CA MET B 561 27.63 29.69 15.10
C MET B 561 28.86 29.11 14.40
N THR B 562 29.38 29.77 13.36
CA THR B 562 30.68 29.35 12.80
C THR B 562 31.87 29.62 13.79
N THR B 563 31.73 30.64 14.64
CA THR B 563 32.69 30.87 15.74
C THR B 563 32.61 29.75 16.77
N VAL B 564 31.39 29.29 17.07
CA VAL B 564 31.20 28.10 17.93
C VAL B 564 31.91 26.85 17.32
N PHE B 565 31.62 26.54 16.07
CA PHE B 565 32.18 25.37 15.35
C PHE B 565 33.74 25.38 15.31
N THR B 566 34.30 26.54 14.91
CA THR B 566 35.77 26.75 14.86
C THR B 566 36.44 26.66 16.22
N THR B 567 35.78 27.13 17.27
CA THR B 567 36.29 26.98 18.63
C THR B 567 36.56 25.52 19.01
N LEU B 568 35.71 24.62 18.50
CA LEU B 568 35.78 23.17 18.78
C LEU B 568 36.83 22.43 18.02
N LYS B 569 37.52 23.09 17.09
CA LYS B 569 38.48 22.40 16.24
C LYS B 569 39.45 21.37 16.92
N PRO B 570 40.15 21.77 18.00
CA PRO B 570 41.07 20.77 18.60
C PRO B 570 40.35 19.48 19.04
N TYR B 571 39.13 19.62 19.54
CA TYR B 571 38.32 18.47 20.03
C TYR B 571 37.82 17.60 18.88
N LEU B 572 37.30 18.25 17.87
CA LEU B 572 36.79 17.54 16.68
C LEU B 572 37.93 16.83 15.94
N LYS B 573 39.09 17.49 15.84
CA LYS B 573 40.26 16.87 15.18
C LYS B 573 40.67 15.56 15.88
N GLU B 574 40.67 15.57 17.21
CA GLU B 574 40.97 14.37 17.99
C GLU B 574 39.93 13.26 17.73
N ALA B 575 38.65 13.63 17.72
CA ALA B 575 37.59 12.61 17.46
C ALA B 575 37.71 12.02 16.06
N VAL B 576 37.99 12.88 15.06
CA VAL B 576 38.21 12.38 13.68
C VAL B 576 39.40 11.45 13.57
N ALA B 577 40.44 11.75 14.35
CA ALA B 577 41.63 10.85 14.39
C ALA B 577 41.31 9.50 15.04
N LEU B 578 40.56 9.50 16.14
CA LEU B 578 40.08 8.21 16.69
C LEU B 578 39.19 7.39 15.73
N ASN B 579 38.31 8.06 14.98
CA ASN B 579 37.50 7.37 13.98
C ASN B 579 38.40 6.72 12.94
N ALA B 580 39.45 7.43 12.49
CA ALA B 580 40.42 6.86 11.50
C ALA B 580 41.23 5.67 12.05
N LYS B 581 41.54 5.74 13.32
CA LYS B 581 42.41 4.72 14.03
C LYS B 581 41.65 3.44 14.37
N SER B 582 40.44 3.59 14.93
CA SER B 582 39.71 2.42 15.42
C SER B 582 38.20 2.38 15.12
N GLY B 583 37.68 3.21 14.23
CA GLY B 583 36.25 3.14 13.85
C GLY B 583 35.30 3.65 14.94
N LEU B 584 35.81 4.43 15.90
CA LEU B 584 35.00 5.06 16.94
C LEU B 584 34.37 6.32 16.31
N PRO B 585 33.04 6.29 16.05
CA PRO B 585 32.48 7.35 15.22
C PRO B 585 32.39 8.70 15.92
N VAL B 586 32.36 9.78 15.13
CA VAL B 586 32.34 11.12 15.71
C VAL B 586 31.03 11.50 16.37
N MET B 587 29.90 11.13 15.74
CA MET B 587 28.55 11.26 16.37
C MET B 587 28.11 9.89 16.82
N ARG B 588 27.87 9.76 18.13
CA ARG B 588 27.82 8.44 18.81
C ARG B 588 26.46 8.22 19.51
N PRO B 589 25.88 7.02 19.42
CA PRO B 589 24.74 6.67 20.27
C PRO B 589 25.12 6.69 21.76
N LEU B 590 24.22 7.16 22.62
CA LEU B 590 24.53 7.30 24.06
C LEU B 590 24.97 6.00 24.70
N PHE B 591 24.46 4.86 24.22
CA PHE B 591 24.82 3.57 24.82
C PHE B 591 26.25 3.14 24.58
N LEU B 592 26.99 3.77 23.66
CA LEU B 592 28.42 3.42 23.53
C LEU B 592 29.17 3.72 24.80
N HIS B 593 28.75 4.77 25.53
CA HIS B 593 29.45 5.20 26.77
C HIS B 593 28.64 5.05 28.07
N TYR B 594 27.35 4.72 27.97
CA TYR B 594 26.44 4.54 29.13
C TYR B 594 25.70 3.21 28.91
N GLU B 595 26.46 2.12 28.70
CA GLU B 595 25.92 0.78 28.36
C GLU B 595 24.87 0.22 29.34
N ASP B 596 24.95 0.60 30.61
CA ASP B 596 23.98 0.10 31.61
C ASP B 596 22.70 0.90 31.73
N ASP B 597 22.53 1.96 30.95
CA ASP B 597 21.31 2.75 31.03
C ASP B 597 20.31 2.25 29.96
N ALA B 598 19.29 1.49 30.39
CA ALA B 598 18.25 0.96 29.47
C ALA B 598 17.54 1.98 28.62
N HIS B 599 17.36 3.21 29.13
CA HIS B 599 16.60 4.19 28.40
C HIS B 599 17.37 4.67 27.13
N THR B 600 18.71 4.66 27.18
CA THR B 600 19.54 5.13 26.03
C THR B 600 19.38 4.31 24.71
N TYR B 601 19.00 3.05 24.87
CA TYR B 601 18.79 2.13 23.74
C TYR B 601 17.58 2.49 22.86
N THR B 602 16.66 3.29 23.40
CA THR B 602 15.41 3.69 22.73
C THR B 602 15.46 5.10 22.08
N LEU B 603 16.53 5.87 22.33
CA LEU B 603 16.62 7.25 21.82
C LEU B 603 16.95 7.23 20.33
N LYS B 604 16.37 8.22 19.60
CA LYS B 604 16.57 8.38 18.18
C LYS B 604 17.07 9.77 17.81
N TYR B 605 16.79 10.78 18.65
CA TYR B 605 16.95 12.18 18.23
C TYR B 605 17.99 12.95 19.11
N GLN B 606 18.87 12.22 19.77
CA GLN B 606 20.03 12.90 20.44
C GLN B 606 21.25 11.97 20.36
N TYR B 607 22.44 12.58 20.57
CA TYR B 607 23.72 11.93 20.30
C TYR B 607 24.84 12.54 21.14
N LEU B 608 25.96 11.82 21.22
CA LEU B 608 27.20 12.34 21.82
C LEU B 608 28.10 12.80 20.70
N LEU B 609 28.68 14.01 20.85
CA LEU B 609 29.68 14.48 19.89
C LEU B 609 31.01 14.23 20.60
N GLY B 610 31.74 13.28 20.04
CA GLY B 610 32.88 12.67 20.74
C GLY B 610 32.37 12.06 22.04
N ARG B 611 33.24 11.99 23.03
CA ARG B 611 32.93 11.38 24.31
C ARG B 611 32.14 12.30 25.26
N ASP B 612 32.38 13.59 25.19
CA ASP B 612 32.08 14.50 26.30
C ASP B 612 31.01 15.54 26.07
N ILE B 613 30.43 15.63 24.86
CA ILE B 613 29.37 16.60 24.58
C ILE B 613 28.08 15.83 24.22
N LEU B 614 26.97 16.18 24.85
CA LEU B 614 25.63 15.60 24.52
C LEU B 614 24.79 16.67 23.82
N VAL B 615 24.14 16.30 22.69
CA VAL B 615 23.44 17.25 21.85
C VAL B 615 22.03 16.70 21.57
N ALA B 616 21.00 17.54 21.73
CA ALA B 616 19.56 17.15 21.45
C ALA B 616 18.95 18.26 20.59
N PRO B 617 19.15 18.17 19.24
CA PRO B 617 18.78 19.30 18.40
C PRO B 617 17.24 19.59 18.40
N VAL B 618 16.88 20.88 18.41
CA VAL B 618 15.47 21.29 18.28
C VAL B 618 15.01 21.02 16.88
N HIS B 619 13.97 20.18 16.74
CA HIS B 619 13.52 19.73 15.39
C HIS B 619 12.02 20.05 15.08
N GLU B 620 11.40 20.86 15.94
CA GLU B 620 10.04 21.36 15.76
C GLU B 620 10.03 22.87 15.61
N GLU B 621 9.04 23.34 14.85
CA GLU B 621 8.76 24.77 14.62
C GLU B 621 8.19 25.44 15.85
N GLY B 622 8.53 26.71 16.08
CA GLY B 622 7.93 27.55 17.13
C GLY B 622 8.25 27.21 18.57
N ARG B 623 9.35 26.52 18.84
CA ARG B 623 9.76 26.19 20.20
C ARG B 623 10.54 27.33 20.88
N SER B 624 10.34 27.52 22.19
CA SER B 624 11.22 28.37 22.96
C SER B 624 11.95 27.56 24.05
N ASP B 625 11.51 26.31 24.30
CA ASP B 625 12.19 25.39 25.20
C ASP B 625 12.30 23.94 24.55
N TRP B 626 12.90 22.97 25.25
CA TRP B 626 13.16 21.62 24.67
C TRP B 626 13.38 20.63 25.79
N THR B 627 12.76 19.45 25.71
CA THR B 627 12.89 18.39 26.69
C THR B 627 13.79 17.26 26.11
N LEU B 628 14.70 16.75 26.93
CA LEU B 628 15.63 15.67 26.53
C LEU B 628 16.05 14.85 27.72
N TYR B 629 16.84 13.81 27.49
CA TYR B 629 17.28 12.89 28.56
C TYR B 629 18.80 12.96 28.78
N LEU B 630 19.20 13.10 30.04
CA LEU B 630 20.62 13.00 30.44
C LEU B 630 20.87 11.72 31.19
N PRO B 631 21.88 10.94 30.76
CA PRO B 631 22.25 9.76 31.55
C PRO B 631 23.00 10.24 32.79
N GLU B 632 23.23 9.34 33.73
CA GLU B 632 23.83 9.71 35.03
C GLU B 632 25.31 10.08 34.92
N ASP B 633 25.59 11.36 35.09
CA ASP B 633 26.96 11.89 35.03
C ASP B 633 26.87 13.33 35.54
N ASN B 634 28.02 14.01 35.69
CA ASN B 634 28.04 15.46 35.98
C ASN B 634 28.09 16.30 34.69
N TRP B 635 26.96 16.94 34.35
CA TRP B 635 26.79 17.71 33.12
C TRP B 635 26.76 19.20 33.41
N VAL B 636 27.15 19.96 32.39
CA VAL B 636 27.12 21.41 32.41
C VAL B 636 26.47 21.95 31.16
N HIS B 637 25.42 22.77 31.33
CA HIS B 637 24.75 23.41 30.20
C HIS B 637 25.68 24.40 29.51
N ALA B 638 25.91 24.21 28.21
CA ALA B 638 26.89 25.01 27.45
C ALA B 638 26.72 26.51 27.55
N TRP B 639 25.49 27.00 27.58
CA TRP B 639 25.25 28.44 27.42
C TRP B 639 25.07 29.16 28.75
N THR B 640 24.61 28.46 29.79
CA THR B 640 24.38 29.07 31.10
C THR B 640 25.42 28.65 32.14
N GLY B 641 26.13 27.56 31.92
CA GLY B 641 27.03 27.05 32.92
C GLY B 641 26.36 26.32 34.05
N GLU B 642 25.05 26.10 34.01
CA GLU B 642 24.33 25.43 35.12
C GLU B 642 24.67 23.91 35.18
N ALA B 643 24.81 23.40 36.40
CA ALA B 643 25.10 21.98 36.62
C ALA B 643 23.82 21.13 36.58
N PHE B 644 23.91 19.94 35.99
CA PHE B 644 22.83 18.94 35.95
C PHE B 644 23.37 17.51 36.22
N ARG B 645 22.51 16.65 36.74
CA ARG B 645 22.76 15.22 36.90
C ARG B 645 21.76 14.44 36.00
N GLY B 646 21.72 13.11 36.12
CA GLY B 646 20.86 12.27 35.27
C GLY B 646 19.36 12.53 35.40
N GLY B 647 18.63 12.30 34.31
CA GLY B 647 17.18 12.47 34.32
C GLY B 647 16.67 13.18 33.08
N GLU B 648 15.35 13.11 32.93
CA GLU B 648 14.66 13.88 31.96
C GLU B 648 14.71 15.33 32.37
N VAL B 649 14.96 16.25 31.43
CA VAL B 649 14.99 17.65 31.79
C VAL B 649 14.49 18.53 30.66
N THR B 650 14.03 19.74 31.03
CA THR B 650 13.58 20.74 30.08
C THR B 650 14.39 22.04 30.25
N VAL B 651 14.87 22.62 29.14
CA VAL B 651 15.71 23.83 29.18
C VAL B 651 15.24 24.86 28.17
N ASN B 652 15.49 26.14 28.47
CA ASN B 652 15.28 27.22 27.49
C ASN B 652 16.13 26.95 26.24
N ALA B 653 15.60 27.23 25.06
CA ALA B 653 16.30 26.90 23.81
C ALA B 653 15.95 27.88 22.72
N PRO B 654 16.33 29.17 22.92
CA PRO B 654 16.17 30.11 21.88
C PRO B 654 17.20 29.84 20.76
N ILE B 655 16.93 30.38 19.58
CA ILE B 655 17.83 30.22 18.44
C ILE B 655 19.23 30.75 18.79
N GLY B 656 20.28 29.96 18.54
CA GLY B 656 21.67 30.32 18.90
C GLY B 656 22.14 29.75 20.23
N LYS B 657 21.21 29.22 21.02
CA LYS B 657 21.58 28.46 22.23
C LYS B 657 20.97 27.04 22.22
N PRO B 658 21.45 26.20 21.30
CA PRO B 658 20.86 24.82 21.19
C PRO B 658 21.03 23.99 22.48
N PRO B 659 20.19 22.96 22.71
CA PRO B 659 20.35 22.11 23.88
C PRO B 659 21.60 21.18 23.80
N VAL B 660 22.69 21.69 24.41
CA VAL B 660 24.00 21.12 24.39
C VAL B 660 24.58 21.12 25.82
N PHE B 661 25.10 19.98 26.25
CA PHE B 661 25.65 19.78 27.60
C PHE B 661 27.07 19.15 27.47
N TYR B 662 28.00 19.48 28.40
CA TYR B 662 29.33 18.84 28.43
C TYR B 662 29.66 18.21 29.80
N ARG B 663 30.56 17.22 29.79
CA ARG B 663 30.94 16.52 31.02
C ARG B 663 31.90 17.41 31.85
N ALA B 664 31.50 17.74 33.07
CA ALA B 664 32.35 18.53 34.00
C ALA B 664 33.78 17.98 34.14
N ASP B 665 33.91 16.65 34.18
CA ASP B 665 35.18 15.99 34.35
C ASP B 665 35.95 15.79 33.05
N SER B 666 35.45 16.28 31.92
CA SER B 666 36.25 16.19 30.68
C SER B 666 37.67 16.85 30.81
N GLU B 667 38.67 16.21 30.23
CA GLU B 667 39.98 16.86 30.06
C GLU B 667 39.89 18.14 29.19
N TRP B 668 38.77 18.30 28.48
CA TRP B 668 38.50 19.51 27.64
C TRP B 668 37.59 20.56 28.27
N ALA B 669 37.32 20.43 29.57
CA ALA B 669 36.32 21.29 30.23
C ALA B 669 36.52 22.78 30.04
N ALA B 670 37.77 23.22 30.03
CA ALA B 670 38.04 24.65 29.93
C ALA B 670 37.81 25.19 28.52
N LEU B 671 38.10 24.40 27.51
CA LEU B 671 37.71 24.78 26.12
C LEU B 671 36.16 24.97 26.08
N PHE B 672 35.42 23.99 26.59
CA PHE B 672 33.95 24.01 26.50
C PHE B 672 33.38 25.20 27.31
N ALA B 673 34.01 25.50 28.46
CA ALA B 673 33.62 26.68 29.25
C ALA B 673 33.77 28.01 28.51
N SER B 674 34.66 28.08 27.54
CA SER B 674 34.81 29.31 26.75
C SER B 674 33.64 29.59 25.80
N LEU B 675 32.79 28.59 25.54
CA LEU B 675 31.71 28.74 24.53
C LEU B 675 30.69 29.82 24.92
N LYS B 676 30.24 29.83 26.19
CA LYS B 676 29.29 30.85 26.66
C LYS B 676 29.76 32.33 26.61
N SER B 677 31.04 32.59 26.32
CA SER B 677 31.54 33.96 26.15
C SER B 677 31.57 34.46 24.69
N ILE B 678 31.15 33.64 23.72
CA ILE B 678 30.99 34.16 22.34
C ILE B 678 29.73 35.03 22.28
#